data_3BJO
# 
_entry.id   3BJO 
# 
_audit_conform.dict_name       mmcif_pdbx.dic 
_audit_conform.dict_version    5.397 
_audit_conform.dict_location   http://mmcif.pdb.org/dictionaries/ascii/mmcif_pdbx.dic 
# 
loop_
_database_2.database_id 
_database_2.database_code 
_database_2.pdbx_database_accession 
_database_2.pdbx_DOI 
PDB   3BJO         pdb_00003bjo 10.2210/pdb3bjo/pdb 
RCSB  RCSB045602   ?            ?                   
WWPDB D_1000045602 ?            ?                   
# 
loop_
_pdbx_audit_revision_history.ordinal 
_pdbx_audit_revision_history.data_content_type 
_pdbx_audit_revision_history.major_revision 
_pdbx_audit_revision_history.minor_revision 
_pdbx_audit_revision_history.revision_date 
1 'Structure model' 1 0 2007-12-18 
2 'Structure model' 1 1 2011-07-13 
3 'Structure model' 1 2 2024-10-30 
# 
_pdbx_audit_revision_details.ordinal             1 
_pdbx_audit_revision_details.revision_ordinal    1 
_pdbx_audit_revision_details.data_content_type   'Structure model' 
_pdbx_audit_revision_details.provider            repository 
_pdbx_audit_revision_details.type                'Initial release' 
_pdbx_audit_revision_details.description         ? 
_pdbx_audit_revision_details.details             ? 
# 
loop_
_pdbx_audit_revision_group.ordinal 
_pdbx_audit_revision_group.revision_ordinal 
_pdbx_audit_revision_group.data_content_type 
_pdbx_audit_revision_group.group 
1 2 'Structure model' Advisory                    
2 2 'Structure model' 'Version format compliance' 
3 3 'Structure model' 'Data collection'           
4 3 'Structure model' 'Database references'       
5 3 'Structure model' 'Derived calculations'      
6 3 'Structure model' 'Structure summary'         
# 
loop_
_pdbx_audit_revision_category.ordinal 
_pdbx_audit_revision_category.revision_ordinal 
_pdbx_audit_revision_category.data_content_type 
_pdbx_audit_revision_category.category 
1 3 'Structure model' chem_comp_atom            
2 3 'Structure model' chem_comp_bond            
3 3 'Structure model' database_2                
4 3 'Structure model' pdbx_entry_details        
5 3 'Structure model' pdbx_modification_feature 
6 3 'Structure model' struct_conn               
7 3 'Structure model' struct_ref_seq_dif        
8 3 'Structure model' struct_site               
# 
loop_
_pdbx_audit_revision_item.ordinal 
_pdbx_audit_revision_item.revision_ordinal 
_pdbx_audit_revision_item.data_content_type 
_pdbx_audit_revision_item.item 
1 3 'Structure model' '_database_2.pdbx_DOI'                
2 3 'Structure model' '_database_2.pdbx_database_accession' 
3 3 'Structure model' '_struct_conn.pdbx_leaving_atom_flag' 
4 3 'Structure model' '_struct_ref_seq_dif.details'         
5 3 'Structure model' '_struct_site.pdbx_auth_asym_id'      
6 3 'Structure model' '_struct_site.pdbx_auth_comp_id'      
7 3 'Structure model' '_struct_site.pdbx_auth_seq_id'       
# 
_pdbx_database_status.status_code                     REL 
_pdbx_database_status.entry_id                        3BJO 
_pdbx_database_status.recvd_initial_deposition_date   2007-12-04 
_pdbx_database_status.deposit_site                    RCSB 
_pdbx_database_status.process_site                    RCSB 
_pdbx_database_status.status_code_sf                  REL 
_pdbx_database_status.status_code_mr                  ? 
_pdbx_database_status.SG_entry                        Y 
_pdbx_database_status.pdb_format_compatible           Y 
_pdbx_database_status.status_code_cs                  ? 
_pdbx_database_status.status_code_nmr_data            ? 
_pdbx_database_status.methods_development_category    ? 
# 
_pdbx_database_related.db_name        TargetDB 
_pdbx_database_related.db_id          APC87992.1 
_pdbx_database_related.details        . 
_pdbx_database_related.content_type   unspecified 
# 
loop_
_audit_author.name 
_audit_author.pdbx_ordinal 
'Tan, K.'                                       1 
'Hatzos, C.'                                    2 
'Moy, S.'                                       3 
'Joachimiak, A.'                                4 
'Midwest Center for Structural Genomics (MCSG)' 5 
# 
_citation.id                        primary 
_citation.title                     
'The structure of the C-terminal domain of a possible ATP-binding protein from Methanocaldococcus jannaschii DSM 2661.' 
_citation.journal_abbrev            'To be Published' 
_citation.journal_volume            ? 
_citation.page_first                ? 
_citation.page_last                 ? 
_citation.year                      ? 
_citation.journal_id_ASTM           ? 
_citation.country                   ? 
_citation.journal_id_ISSN           ? 
_citation.journal_id_CSD            0353 
_citation.book_publisher            ? 
_citation.pdbx_database_id_PubMed   ? 
_citation.pdbx_database_id_DOI      ? 
# 
loop_
_citation_author.citation_id 
_citation_author.name 
_citation_author.ordinal 
_citation_author.identifier_ORCID 
primary 'Tan, K.'        1 ? 
primary 'Hatzos, C.'     2 ? 
primary 'Moy, S.'        3 ? 
primary 'Joachimiak, A.' 4 ? 
# 
loop_
_entity.id 
_entity.type 
_entity.src_method 
_entity.pdbx_description 
_entity.formula_weight 
_entity.pdbx_number_of_molecules 
_entity.pdbx_ec 
_entity.pdbx_mutation 
_entity.pdbx_fragment 
_entity.details 
1 polymer     man 'Uncharacterized ATP-binding protein MJ1010' 12172.328 1  ? ? 'C-terminal domain: Residues 278-377' ? 
2 non-polymer syn 'FORMIC ACID'                                46.025    1  ? ? ?                                     ? 
3 water       nat water                                        18.015    51 ? ? ?                                     ? 
# 
_entity_poly.entity_id                      1 
_entity_poly.type                           'polypeptide(L)' 
_entity_poly.nstd_linkage                   no 
_entity_poly.nstd_monomer                   yes 
_entity_poly.pdbx_seq_one_letter_code       
;SNALKDVLNILL(MSE)DEISKLKDFLSNLDYIKPKVNIEEEIIEIRKEDIINALKLFKGKYEIEVDKIPKAVYVYLVKK
NILFLYPQRGTLKPQSFLVWNAIKRVL
;
_entity_poly.pdbx_seq_one_letter_code_can   
;SNALKDVLNILLMDEISKLKDFLSNLDYIKPKVNIEEEIIEIRKEDIINALKLFKGKYEIEVDKIPKAVYVYLVKKNILF
LYPQRGTLKPQSFLVWNAIKRVL
;
_entity_poly.pdbx_strand_id                 A 
_entity_poly.pdbx_target_identifier         APC87992.1 
# 
loop_
_pdbx_entity_nonpoly.entity_id 
_pdbx_entity_nonpoly.name 
_pdbx_entity_nonpoly.comp_id 
2 'FORMIC ACID' FMT 
3 water         HOH 
# 
loop_
_entity_poly_seq.entity_id 
_entity_poly_seq.num 
_entity_poly_seq.mon_id 
_entity_poly_seq.hetero 
1 1   SER n 
1 2   ASN n 
1 3   ALA n 
1 4   LEU n 
1 5   LYS n 
1 6   ASP n 
1 7   VAL n 
1 8   LEU n 
1 9   ASN n 
1 10  ILE n 
1 11  LEU n 
1 12  LEU n 
1 13  MSE n 
1 14  ASP n 
1 15  GLU n 
1 16  ILE n 
1 17  SER n 
1 18  LYS n 
1 19  LEU n 
1 20  LYS n 
1 21  ASP n 
1 22  PHE n 
1 23  LEU n 
1 24  SER n 
1 25  ASN n 
1 26  LEU n 
1 27  ASP n 
1 28  TYR n 
1 29  ILE n 
1 30  LYS n 
1 31  PRO n 
1 32  LYS n 
1 33  VAL n 
1 34  ASN n 
1 35  ILE n 
1 36  GLU n 
1 37  GLU n 
1 38  GLU n 
1 39  ILE n 
1 40  ILE n 
1 41  GLU n 
1 42  ILE n 
1 43  ARG n 
1 44  LYS n 
1 45  GLU n 
1 46  ASP n 
1 47  ILE n 
1 48  ILE n 
1 49  ASN n 
1 50  ALA n 
1 51  LEU n 
1 52  LYS n 
1 53  LEU n 
1 54  PHE n 
1 55  LYS n 
1 56  GLY n 
1 57  LYS n 
1 58  TYR n 
1 59  GLU n 
1 60  ILE n 
1 61  GLU n 
1 62  VAL n 
1 63  ASP n 
1 64  LYS n 
1 65  ILE n 
1 66  PRO n 
1 67  LYS n 
1 68  ALA n 
1 69  VAL n 
1 70  TYR n 
1 71  VAL n 
1 72  TYR n 
1 73  LEU n 
1 74  VAL n 
1 75  LYS n 
1 76  LYS n 
1 77  ASN n 
1 78  ILE n 
1 79  LEU n 
1 80  PHE n 
1 81  LEU n 
1 82  TYR n 
1 83  PRO n 
1 84  GLN n 
1 85  ARG n 
1 86  GLY n 
1 87  THR n 
1 88  LEU n 
1 89  LYS n 
1 90  PRO n 
1 91  GLN n 
1 92  SER n 
1 93  PHE n 
1 94  LEU n 
1 95  VAL n 
1 96  TRP n 
1 97  ASN n 
1 98  ALA n 
1 99  ILE n 
1 100 LYS n 
1 101 ARG n 
1 102 VAL n 
1 103 LEU n 
# 
_entity_src_gen.entity_id                          1 
_entity_src_gen.pdbx_src_id                        1 
_entity_src_gen.pdbx_alt_source_flag               sample 
_entity_src_gen.pdbx_seq_type                      ? 
_entity_src_gen.pdbx_beg_seq_num                   ? 
_entity_src_gen.pdbx_end_seq_num                   ? 
_entity_src_gen.gene_src_common_name               ? 
_entity_src_gen.gene_src_genus                     Methanocaldococcus 
_entity_src_gen.pdbx_gene_src_gene                 MJ1010 
_entity_src_gen.gene_src_species                   'Methanocaldococcus jannaschii' 
_entity_src_gen.gene_src_strain                    'DSM 2661 / JAL-1 / JCM 10045 / NBRC 100440' 
_entity_src_gen.gene_src_tissue                    ? 
_entity_src_gen.gene_src_tissue_fraction           ? 
_entity_src_gen.gene_src_details                   ? 
_entity_src_gen.pdbx_gene_src_fragment             ? 
_entity_src_gen.pdbx_gene_src_scientific_name      'Methanocaldococcus jannaschii DSM 2661' 
_entity_src_gen.pdbx_gene_src_ncbi_taxonomy_id     243232 
_entity_src_gen.pdbx_gene_src_variant              ? 
_entity_src_gen.pdbx_gene_src_cell_line            ? 
_entity_src_gen.pdbx_gene_src_atcc                 43067 
_entity_src_gen.pdbx_gene_src_organ                ? 
_entity_src_gen.pdbx_gene_src_organelle            ? 
_entity_src_gen.pdbx_gene_src_cell                 ? 
_entity_src_gen.pdbx_gene_src_cellular_location    ? 
_entity_src_gen.host_org_common_name               ? 
_entity_src_gen.pdbx_host_org_scientific_name      'Escherichia coli BL21' 
_entity_src_gen.pdbx_host_org_ncbi_taxonomy_id     511693 
_entity_src_gen.host_org_genus                     Escherichia 
_entity_src_gen.pdbx_host_org_gene                 ? 
_entity_src_gen.pdbx_host_org_organ                ? 
_entity_src_gen.host_org_species                   'Escherichia coli' 
_entity_src_gen.pdbx_host_org_tissue               ? 
_entity_src_gen.pdbx_host_org_tissue_fraction      ? 
_entity_src_gen.pdbx_host_org_strain               BL21 
_entity_src_gen.pdbx_host_org_variant              ? 
_entity_src_gen.pdbx_host_org_cell_line            ? 
_entity_src_gen.pdbx_host_org_atcc                 ? 
_entity_src_gen.pdbx_host_org_culture_collection   ? 
_entity_src_gen.pdbx_host_org_cell                 ? 
_entity_src_gen.pdbx_host_org_organelle            ? 
_entity_src_gen.pdbx_host_org_cellular_location    ? 
_entity_src_gen.pdbx_host_org_vector_type          Plasmid 
_entity_src_gen.pdbx_host_org_vector               ? 
_entity_src_gen.host_org_details                   ? 
_entity_src_gen.expression_system_id               ? 
_entity_src_gen.plasmid_name                       pMCSG7 
_entity_src_gen.plasmid_details                    ? 
_entity_src_gen.pdbx_description                   ? 
# 
loop_
_chem_comp.id 
_chem_comp.type 
_chem_comp.mon_nstd_flag 
_chem_comp.name 
_chem_comp.pdbx_synonyms 
_chem_comp.formula 
_chem_comp.formula_weight 
ALA 'L-peptide linking' y ALANINE          ? 'C3 H7 N O2'     89.093  
ARG 'L-peptide linking' y ARGININE         ? 'C6 H15 N4 O2 1' 175.209 
ASN 'L-peptide linking' y ASPARAGINE       ? 'C4 H8 N2 O3'    132.118 
ASP 'L-peptide linking' y 'ASPARTIC ACID'  ? 'C4 H7 N O4'     133.103 
FMT non-polymer         . 'FORMIC ACID'    ? 'C H2 O2'        46.025  
GLN 'L-peptide linking' y GLUTAMINE        ? 'C5 H10 N2 O3'   146.144 
GLU 'L-peptide linking' y 'GLUTAMIC ACID'  ? 'C5 H9 N O4'     147.129 
GLY 'peptide linking'   y GLYCINE          ? 'C2 H5 N O2'     75.067  
HOH non-polymer         . WATER            ? 'H2 O'           18.015  
ILE 'L-peptide linking' y ISOLEUCINE       ? 'C6 H13 N O2'    131.173 
LEU 'L-peptide linking' y LEUCINE          ? 'C6 H13 N O2'    131.173 
LYS 'L-peptide linking' y LYSINE           ? 'C6 H15 N2 O2 1' 147.195 
MSE 'L-peptide linking' n SELENOMETHIONINE ? 'C5 H11 N O2 Se' 196.106 
PHE 'L-peptide linking' y PHENYLALANINE    ? 'C9 H11 N O2'    165.189 
PRO 'L-peptide linking' y PROLINE          ? 'C5 H9 N O2'     115.130 
SER 'L-peptide linking' y SERINE           ? 'C3 H7 N O3'     105.093 
THR 'L-peptide linking' y THREONINE        ? 'C4 H9 N O3'     119.119 
TRP 'L-peptide linking' y TRYPTOPHAN       ? 'C11 H12 N2 O2'  204.225 
TYR 'L-peptide linking' y TYROSINE         ? 'C9 H11 N O3'    181.189 
VAL 'L-peptide linking' y VALINE           ? 'C5 H11 N O2'    117.146 
# 
loop_
_pdbx_poly_seq_scheme.asym_id 
_pdbx_poly_seq_scheme.entity_id 
_pdbx_poly_seq_scheme.seq_id 
_pdbx_poly_seq_scheme.mon_id 
_pdbx_poly_seq_scheme.ndb_seq_num 
_pdbx_poly_seq_scheme.pdb_seq_num 
_pdbx_poly_seq_scheme.auth_seq_num 
_pdbx_poly_seq_scheme.pdb_mon_id 
_pdbx_poly_seq_scheme.auth_mon_id 
_pdbx_poly_seq_scheme.pdb_strand_id 
_pdbx_poly_seq_scheme.pdb_ins_code 
_pdbx_poly_seq_scheme.hetero 
A 1 1   SER 1   -2  -2  SER SER A . n 
A 1 2   ASN 2   -1  -1  ASN ASN A . n 
A 1 3   ALA 3   0   0   ALA ALA A . n 
A 1 4   LEU 4   1   1   LEU LEU A . n 
A 1 5   LYS 5   2   2   LYS LYS A . n 
A 1 6   ASP 6   3   3   ASP ASP A . n 
A 1 7   VAL 7   4   4   VAL VAL A . n 
A 1 8   LEU 8   5   5   LEU LEU A . n 
A 1 9   ASN 9   6   6   ASN ASN A . n 
A 1 10  ILE 10  7   7   ILE ILE A . n 
A 1 11  LEU 11  8   8   LEU LEU A . n 
A 1 12  LEU 12  9   9   LEU LEU A . n 
A 1 13  MSE 13  10  10  MSE MSE A . n 
A 1 14  ASP 14  11  11  ASP ASP A . n 
A 1 15  GLU 15  12  12  GLU GLU A . n 
A 1 16  ILE 16  13  13  ILE ILE A . n 
A 1 17  SER 17  14  14  SER SER A . n 
A 1 18  LYS 18  15  15  LYS LYS A . n 
A 1 19  LEU 19  16  16  LEU LEU A . n 
A 1 20  LYS 20  17  17  LYS LYS A . n 
A 1 21  ASP 21  18  18  ASP ASP A . n 
A 1 22  PHE 22  19  19  PHE PHE A . n 
A 1 23  LEU 23  20  20  LEU LEU A . n 
A 1 24  SER 24  21  21  SER SER A . n 
A 1 25  ASN 25  22  22  ASN ASN A . n 
A 1 26  LEU 26  23  23  LEU LEU A . n 
A 1 27  ASP 27  24  24  ASP ASP A . n 
A 1 28  TYR 28  25  25  TYR TYR A . n 
A 1 29  ILE 29  26  26  ILE ILE A . n 
A 1 30  LYS 30  27  27  LYS LYS A . n 
A 1 31  PRO 31  28  28  PRO PRO A . n 
A 1 32  LYS 32  29  29  LYS LYS A . n 
A 1 33  VAL 33  30  30  VAL VAL A . n 
A 1 34  ASN 34  31  31  ASN ASN A . n 
A 1 35  ILE 35  32  32  ILE ILE A . n 
A 1 36  GLU 36  33  33  GLU GLU A . n 
A 1 37  GLU 37  34  34  GLU GLU A . n 
A 1 38  GLU 38  35  35  GLU GLU A . n 
A 1 39  ILE 39  36  36  ILE ILE A . n 
A 1 40  ILE 40  37  37  ILE ILE A . n 
A 1 41  GLU 41  38  38  GLU GLU A . n 
A 1 42  ILE 42  39  39  ILE ILE A . n 
A 1 43  ARG 43  40  40  ARG ARG A . n 
A 1 44  LYS 44  41  41  LYS LYS A . n 
A 1 45  GLU 45  42  42  GLU GLU A . n 
A 1 46  ASP 46  43  43  ASP ASP A . n 
A 1 47  ILE 47  44  44  ILE ILE A . n 
A 1 48  ILE 48  45  45  ILE ILE A . n 
A 1 49  ASN 49  46  46  ASN ASN A . n 
A 1 50  ALA 50  47  47  ALA ALA A . n 
A 1 51  LEU 51  48  48  LEU LEU A . n 
A 1 52  LYS 52  49  49  LYS LYS A . n 
A 1 53  LEU 53  50  50  LEU LEU A . n 
A 1 54  PHE 54  51  51  PHE PHE A . n 
A 1 55  LYS 55  52  52  LYS LYS A . n 
A 1 56  GLY 56  53  53  GLY GLY A . n 
A 1 57  LYS 57  54  54  LYS LYS A . n 
A 1 58  TYR 58  55  55  TYR TYR A . n 
A 1 59  GLU 59  56  56  GLU GLU A . n 
A 1 60  ILE 60  57  57  ILE ILE A . n 
A 1 61  GLU 61  58  58  GLU GLU A . n 
A 1 62  VAL 62  59  59  VAL VAL A . n 
A 1 63  ASP 63  60  60  ASP ASP A . n 
A 1 64  LYS 64  61  61  LYS LYS A . n 
A 1 65  ILE 65  62  62  ILE ILE A . n 
A 1 66  PRO 66  63  63  PRO PRO A . n 
A 1 67  LYS 67  64  64  LYS LYS A . n 
A 1 68  ALA 68  65  65  ALA ALA A . n 
A 1 69  VAL 69  66  66  VAL VAL A . n 
A 1 70  TYR 70  67  67  TYR TYR A . n 
A 1 71  VAL 71  68  68  VAL VAL A . n 
A 1 72  TYR 72  69  69  TYR TYR A . n 
A 1 73  LEU 73  70  70  LEU LEU A . n 
A 1 74  VAL 74  71  71  VAL VAL A . n 
A 1 75  LYS 75  72  72  LYS LYS A . n 
A 1 76  LYS 76  73  73  LYS LYS A . n 
A 1 77  ASN 77  74  74  ASN ASN A . n 
A 1 78  ILE 78  75  75  ILE ILE A . n 
A 1 79  LEU 79  76  76  LEU LEU A . n 
A 1 80  PHE 80  77  77  PHE PHE A . n 
A 1 81  LEU 81  78  78  LEU LEU A . n 
A 1 82  TYR 82  79  79  TYR TYR A . n 
A 1 83  PRO 83  80  80  PRO PRO A . n 
A 1 84  GLN 84  81  81  GLN GLN A . n 
A 1 85  ARG 85  82  82  ARG ARG A . n 
A 1 86  GLY 86  83  83  GLY GLY A . n 
A 1 87  THR 87  84  84  THR THR A . n 
A 1 88  LEU 88  85  85  LEU LEU A . n 
A 1 89  LYS 89  86  86  LYS LYS A . n 
A 1 90  PRO 90  87  87  PRO PRO A . n 
A 1 91  GLN 91  88  88  GLN GLN A . n 
A 1 92  SER 92  89  89  SER SER A . n 
A 1 93  PHE 93  90  90  PHE PHE A . n 
A 1 94  LEU 94  91  91  LEU LEU A . n 
A 1 95  VAL 95  92  92  VAL VAL A . n 
A 1 96  TRP 96  93  93  TRP TRP A . n 
A 1 97  ASN 97  94  94  ASN ASN A . n 
A 1 98  ALA 98  95  95  ALA ALA A . n 
A 1 99  ILE 99  96  96  ILE ILE A . n 
A 1 100 LYS 100 97  97  LYS LYS A . n 
A 1 101 ARG 101 98  98  ARG ARG A . n 
A 1 102 VAL 102 99  99  VAL VAL A . n 
A 1 103 LEU 103 100 100 LEU LEU A . n 
# 
loop_
_pdbx_nonpoly_scheme.asym_id 
_pdbx_nonpoly_scheme.entity_id 
_pdbx_nonpoly_scheme.mon_id 
_pdbx_nonpoly_scheme.ndb_seq_num 
_pdbx_nonpoly_scheme.pdb_seq_num 
_pdbx_nonpoly_scheme.auth_seq_num 
_pdbx_nonpoly_scheme.pdb_mon_id 
_pdbx_nonpoly_scheme.auth_mon_id 
_pdbx_nonpoly_scheme.pdb_strand_id 
_pdbx_nonpoly_scheme.pdb_ins_code 
B 2 FMT 1  101 1  FMT FMT A . 
C 3 HOH 1  102 1  HOH HOH A . 
C 3 HOH 2  103 2  HOH HOH A . 
C 3 HOH 3  104 3  HOH HOH A . 
C 3 HOH 4  105 4  HOH HOH A . 
C 3 HOH 5  106 5  HOH HOH A . 
C 3 HOH 6  107 6  HOH HOH A . 
C 3 HOH 7  108 7  HOH HOH A . 
C 3 HOH 8  109 8  HOH HOH A . 
C 3 HOH 9  110 9  HOH HOH A . 
C 3 HOH 10 111 10 HOH HOH A . 
C 3 HOH 11 112 11 HOH HOH A . 
C 3 HOH 12 113 12 HOH HOH A . 
C 3 HOH 13 114 13 HOH HOH A . 
C 3 HOH 14 115 14 HOH HOH A . 
C 3 HOH 15 116 15 HOH HOH A . 
C 3 HOH 16 117 16 HOH HOH A . 
C 3 HOH 17 118 17 HOH HOH A . 
C 3 HOH 18 119 18 HOH HOH A . 
C 3 HOH 19 120 19 HOH HOH A . 
C 3 HOH 20 121 20 HOH HOH A . 
C 3 HOH 21 122 21 HOH HOH A . 
C 3 HOH 22 123 22 HOH HOH A . 
C 3 HOH 23 124 23 HOH HOH A . 
C 3 HOH 24 125 24 HOH HOH A . 
C 3 HOH 25 126 25 HOH HOH A . 
C 3 HOH 26 127 26 HOH HOH A . 
C 3 HOH 27 128 27 HOH HOH A . 
C 3 HOH 28 129 28 HOH HOH A . 
C 3 HOH 29 130 29 HOH HOH A . 
C 3 HOH 30 131 30 HOH HOH A . 
C 3 HOH 31 132 31 HOH HOH A . 
C 3 HOH 32 133 32 HOH HOH A . 
C 3 HOH 33 134 33 HOH HOH A . 
C 3 HOH 34 135 34 HOH HOH A . 
C 3 HOH 35 136 35 HOH HOH A . 
C 3 HOH 36 137 36 HOH HOH A . 
C 3 HOH 37 138 37 HOH HOH A . 
C 3 HOH 38 139 38 HOH HOH A . 
C 3 HOH 39 140 39 HOH HOH A . 
C 3 HOH 40 141 40 HOH HOH A . 
C 3 HOH 41 142 41 HOH HOH A . 
C 3 HOH 42 143 42 HOH HOH A . 
C 3 HOH 43 144 43 HOH HOH A . 
C 3 HOH 44 145 44 HOH HOH A . 
C 3 HOH 45 146 45 HOH HOH A . 
C 3 HOH 46 147 46 HOH HOH A . 
C 3 HOH 47 148 47 HOH HOH A . 
C 3 HOH 48 149 48 HOH HOH A . 
C 3 HOH 49 150 49 HOH HOH A . 
C 3 HOH 50 151 50 HOH HOH A . 
C 3 HOH 51 152 51 HOH HOH A . 
# 
loop_
_software.name 
_software.classification 
_software.version 
_software.citation_id 
_software.pdbx_ordinal 
REFMAC      refinement        5.2.0019 ? 1 
SBC-Collect 'data collection' .        ? 2 
HKL-3000    'data reduction'  .        ? 3 
HKL-3000    'data scaling'    .        ? 4 
SHELXS      phasing           .        ? 5 
MLPHARE     phasing           .        ? 6 
DM          phasing           .        ? 7 
RESOLVE     phasing           .        ? 8 
HKL-3000    phasing           .        ? 9 
# 
_cell.entry_id           3BJO 
_cell.length_a           62.472 
_cell.length_b           83.264 
_cell.length_c           125.641 
_cell.angle_alpha        90.00 
_cell.angle_beta         90.00 
_cell.angle_gamma        90.00 
_cell.Z_PDB              16 
_cell.pdbx_unique_axis   ? 
_cell.length_a_esd       ? 
_cell.length_b_esd       ? 
_cell.length_c_esd       ? 
_cell.angle_alpha_esd    ? 
_cell.angle_beta_esd     ? 
_cell.angle_gamma_esd    ? 
# 
_symmetry.entry_id                         3BJO 
_symmetry.space_group_name_H-M             'F 2 2 2' 
_symmetry.pdbx_full_space_group_name_H-M   ? 
_symmetry.cell_setting                     ? 
_symmetry.Int_Tables_number                22 
_symmetry.space_group_name_Hall            ? 
# 
_exptl.entry_id          3BJO 
_exptl.method            'X-RAY DIFFRACTION' 
_exptl.crystals_number   1 
# 
_exptl_crystal.id                    1 
_exptl_crystal.density_meas          ? 
_exptl_crystal.density_Matthews      3.36 
_exptl_crystal.density_percent_sol   63.35 
_exptl_crystal.description           ? 
_exptl_crystal.F_000                 ? 
_exptl_crystal.preparation           ? 
# 
_exptl_crystal_grow.crystal_id      1 
_exptl_crystal_grow.method          'VAPOR DIFFUSION, SITTING DROP' 
_exptl_crystal_grow.temp            289 
_exptl_crystal_grow.temp_details    ? 
_exptl_crystal_grow.pH              4.6 
_exptl_crystal_grow.pdbx_details    
'0.4M Magnesium formate, 0.1M Sodium acetate, pH 4.6, VAPOR DIFFUSION, SITTING DROP, temperature 289K' 
_exptl_crystal_grow.pdbx_pH_range   . 
# 
_diffrn.id                     1 
_diffrn.ambient_temp           100 
_diffrn.ambient_temp_details   ? 
_diffrn.crystal_id             1 
# 
_diffrn_detector.diffrn_id              1 
_diffrn_detector.detector               CCD 
_diffrn_detector.type                   'ADSC QUANTUM 315' 
_diffrn_detector.pdbx_collection_date   2007-12-02 
_diffrn_detector.details                Mirrors 
# 
_diffrn_radiation.diffrn_id                        1 
_diffrn_radiation.wavelength_id                    1 
_diffrn_radiation.pdbx_monochromatic_or_laue_m_l   M 
_diffrn_radiation.monochromator                    'Si 111 crystal' 
_diffrn_radiation.pdbx_diffrn_protocol             'SINGLE WAVELENGTH' 
_diffrn_radiation.pdbx_scattering_type             x-ray 
# 
_diffrn_radiation_wavelength.id           1 
_diffrn_radiation_wavelength.wavelength   0.97857 
_diffrn_radiation_wavelength.wt           1.0 
# 
_diffrn_source.diffrn_id                   1 
_diffrn_source.source                      SYNCHROTRON 
_diffrn_source.type                        'APS BEAMLINE 19-ID' 
_diffrn_source.pdbx_synchrotron_site       APS 
_diffrn_source.pdbx_synchrotron_beamline   19-ID 
_diffrn_source.pdbx_wavelength             ? 
_diffrn_source.pdbx_wavelength_list        0.97857 
# 
_reflns.entry_id                     3BJO 
_reflns.observed_criterion_sigma_F   0 
_reflns.observed_criterion_sigma_I   0 
_reflns.d_resolution_high            2.05 
_reflns.d_resolution_low             34.71 
_reflns.number_all                   10377 
_reflns.number_obs                   10377 
_reflns.percent_possible_obs         98.3 
_reflns.pdbx_Rmerge_I_obs            0.08 
_reflns.pdbx_Rsym_value              ? 
_reflns.pdbx_netI_over_sigmaI        37.6 
_reflns.B_iso_Wilson_estimate        ? 
_reflns.pdbx_redundancy              6.7 
_reflns.R_free_details               ? 
_reflns.limit_h_max                  ? 
_reflns.limit_h_min                  ? 
_reflns.limit_k_max                  ? 
_reflns.limit_k_min                  ? 
_reflns.limit_l_max                  ? 
_reflns.limit_l_min                  ? 
_reflns.observed_criterion_F_max     ? 
_reflns.observed_criterion_F_min     ? 
_reflns.pdbx_chi_squared             ? 
_reflns.pdbx_scaling_rejects         ? 
_reflns.pdbx_ordinal                 1 
_reflns.pdbx_diffrn_id               1 
# 
_reflns_shell.d_res_high             2.05 
_reflns_shell.d_res_low              2.10 
_reflns_shell.percent_possible_all   88.3 
_reflns_shell.Rmerge_I_obs           0.667 
_reflns_shell.pdbx_Rsym_value        ? 
_reflns_shell.meanI_over_sigI_obs    2.2 
_reflns_shell.pdbx_redundancy        4.5 
_reflns_shell.percent_possible_obs   ? 
_reflns_shell.number_unique_all      632 
_reflns_shell.number_measured_all    ? 
_reflns_shell.number_measured_obs    ? 
_reflns_shell.number_unique_obs      ? 
_reflns_shell.pdbx_chi_squared       ? 
_reflns_shell.pdbx_ordinal           1 
_reflns_shell.pdbx_diffrn_id         1 
# 
_refine.entry_id                                 3BJO 
_refine.ls_number_reflns_obs                     9885 
_refine.ls_number_reflns_all                     9885 
_refine.pdbx_ls_sigma_I                          0 
_refine.pdbx_ls_sigma_F                          0 
_refine.pdbx_data_cutoff_high_absF               ? 
_refine.pdbx_data_cutoff_low_absF                ? 
_refine.pdbx_data_cutoff_high_rms_absF           ? 
_refine.ls_d_res_low                             34.71 
_refine.ls_d_res_high                            2.05 
_refine.ls_percent_reflns_obs                    98.22 
_refine.ls_R_factor_obs                          0.20345 
_refine.ls_R_factor_all                          0.20345 
_refine.ls_R_factor_R_work                       0.20275 
_refine.ls_R_factor_R_free                       0.21686 
_refine.ls_R_factor_R_free_error                 ? 
_refine.ls_R_factor_R_free_error_details         ? 
_refine.ls_percent_reflns_R_free                 4.7 
_refine.ls_number_reflns_R_free                  487 
_refine.ls_number_parameters                     ? 
_refine.ls_number_restraints                     ? 
_refine.occupancy_min                            ? 
_refine.occupancy_max                            ? 
_refine.correlation_coeff_Fo_to_Fc               0.957 
_refine.correlation_coeff_Fo_to_Fc_free          0.955 
_refine.B_iso_mean                               47.561 
_refine.aniso_B[1][1]                            0.19 
_refine.aniso_B[2][2]                            -0.58 
_refine.aniso_B[3][3]                            0.40 
_refine.aniso_B[1][2]                            0.00 
_refine.aniso_B[1][3]                            0.00 
_refine.aniso_B[2][3]                            0.00 
_refine.solvent_model_details                    MASK 
_refine.solvent_model_param_ksol                 ? 
_refine.solvent_model_param_bsol                 ? 
_refine.pdbx_solvent_vdw_probe_radii             1.20 
_refine.pdbx_solvent_ion_probe_radii             0.80 
_refine.pdbx_solvent_shrinkage_radii             0.80 
_refine.pdbx_ls_cross_valid_method               THROUGHOUT 
_refine.details                                  'HYDROGENS HAVE BEEN ADDED IN THE RIDING POSITIONS' 
_refine.pdbx_starting_model                      ? 
_refine.pdbx_method_to_determine_struct          SAD 
_refine.pdbx_isotropic_thermal_model             ? 
_refine.pdbx_stereochemistry_target_values       'MAXIMUM LIKELIHOOD' 
_refine.pdbx_stereochem_target_val_spec_case     ? 
_refine.pdbx_R_Free_selection_details            RANDOM 
_refine.pdbx_overall_ESU_R                       0.163 
_refine.pdbx_overall_ESU_R_Free                  0.138 
_refine.overall_SU_ML                            0.110 
_refine.overall_SU_B                             7.962 
_refine.ls_redundancy_reflns_obs                 ? 
_refine.B_iso_min                                ? 
_refine.B_iso_max                                ? 
_refine.overall_SU_R_Cruickshank_DPI             ? 
_refine.overall_SU_R_free                        ? 
_refine.ls_wR_factor_R_free                      ? 
_refine.ls_wR_factor_R_work                      ? 
_refine.overall_FOM_free_R_set                   ? 
_refine.overall_FOM_work_R_set                   ? 
_refine.pdbx_refine_id                           'X-RAY DIFFRACTION' 
_refine.pdbx_TLS_residual_ADP_flag               'LIKELY RESIDUAL' 
_refine.pdbx_diffrn_id                           1 
_refine.pdbx_overall_phase_error                 ? 
_refine.pdbx_overall_SU_R_free_Cruickshank_DPI   ? 
_refine.pdbx_overall_SU_R_Blow_DPI               ? 
_refine.pdbx_overall_SU_R_free_Blow_DPI          ? 
# 
_refine_hist.pdbx_refine_id                   'X-RAY DIFFRACTION' 
_refine_hist.cycle_id                         LAST 
_refine_hist.pdbx_number_atoms_protein        856 
_refine_hist.pdbx_number_atoms_nucleic_acid   0 
_refine_hist.pdbx_number_atoms_ligand         3 
_refine_hist.number_atoms_solvent             51 
_refine_hist.number_atoms_total               910 
_refine_hist.d_res_high                       2.05 
_refine_hist.d_res_low                        34.71 
# 
loop_
_refine_ls_restr.type 
_refine_ls_restr.dev_ideal 
_refine_ls_restr.dev_ideal_target 
_refine_ls_restr.weight 
_refine_ls_restr.number 
_refine_ls_restr.pdbx_refine_id 
_refine_ls_restr.pdbx_restraint_function 
r_bond_refined_d             0.020  0.022  ? 879  'X-RAY DIFFRACTION' ? 
r_bond_other_d               ?      ?      ? ?    'X-RAY DIFFRACTION' ? 
r_angle_refined_deg          1.519  2.013  ? 1184 'X-RAY DIFFRACTION' ? 
r_angle_other_deg            ?      ?      ? ?    'X-RAY DIFFRACTION' ? 
r_dihedral_angle_1_deg       5.902  5.000  ? 104  'X-RAY DIFFRACTION' ? 
r_dihedral_angle_2_deg       39.862 25.676 ? 37   'X-RAY DIFFRACTION' ? 
r_dihedral_angle_3_deg       16.157 15.000 ? 186  'X-RAY DIFFRACTION' ? 
r_dihedral_angle_4_deg       25.717 15.000 ? 3    'X-RAY DIFFRACTION' ? 
r_chiral_restr               0.128  0.200  ? 139  'X-RAY DIFFRACTION' ? 
r_gen_planes_refined         0.007  0.020  ? 621  'X-RAY DIFFRACTION' ? 
r_gen_planes_other           ?      ?      ? ?    'X-RAY DIFFRACTION' ? 
r_nbd_refined                0.209  0.200  ? 400  'X-RAY DIFFRACTION' ? 
r_nbd_other                  ?      ?      ? ?    'X-RAY DIFFRACTION' ? 
r_nbtor_refined              0.314  0.200  ? 600  'X-RAY DIFFRACTION' ? 
r_nbtor_other                ?      ?      ? ?    'X-RAY DIFFRACTION' ? 
r_xyhbond_nbd_refined        0.145  0.200  ? 39   'X-RAY DIFFRACTION' ? 
r_xyhbond_nbd_other          ?      ?      ? ?    'X-RAY DIFFRACTION' ? 
r_metal_ion_refined          ?      ?      ? ?    'X-RAY DIFFRACTION' ? 
r_metal_ion_other            ?      ?      ? ?    'X-RAY DIFFRACTION' ? 
r_symmetry_vdw_refined       0.194  0.200  ? 21   'X-RAY DIFFRACTION' ? 
r_symmetry_vdw_other         ?      ?      ? ?    'X-RAY DIFFRACTION' ? 
r_symmetry_hbond_refined     0.120  0.200  ? 7    'X-RAY DIFFRACTION' ? 
r_symmetry_hbond_other       ?      ?      ? ?    'X-RAY DIFFRACTION' ? 
r_symmetry_metal_ion_refined ?      ?      ? ?    'X-RAY DIFFRACTION' ? 
r_symmetry_metal_ion_other   ?      ?      ? ?    'X-RAY DIFFRACTION' ? 
r_mcbond_it                  1.077  1.500  ? 546  'X-RAY DIFFRACTION' ? 
r_mcbond_other               ?      ?      ? ?    'X-RAY DIFFRACTION' ? 
r_mcangle_it                 1.790  2.000  ? 853  'X-RAY DIFFRACTION' ? 
r_scbond_it                  3.093  3.000  ? 390  'X-RAY DIFFRACTION' ? 
r_scangle_it                 4.747  4.500  ? 330  'X-RAY DIFFRACTION' ? 
r_rigid_bond_restr           ?      ?      ? ?    'X-RAY DIFFRACTION' ? 
r_sphericity_free            ?      ?      ? ?    'X-RAY DIFFRACTION' ? 
r_sphericity_bonded          ?      ?      ? ?    'X-RAY DIFFRACTION' ? 
# 
_refine_ls_shell.pdbx_total_number_of_bins_used   20 
_refine_ls_shell.d_res_high                       2.05 
_refine_ls_shell.d_res_low                        2.10 
_refine_ls_shell.number_reflns_R_work             644 
_refine_ls_shell.R_factor_R_work                  0.237 
_refine_ls_shell.percent_reflns_obs               86.92 
_refine_ls_shell.R_factor_R_free                  0.238 
_refine_ls_shell.R_factor_R_free_error            ? 
_refine_ls_shell.percent_reflns_R_free            ? 
_refine_ls_shell.number_reflns_R_free             27 
_refine_ls_shell.number_reflns_all                ? 
_refine_ls_shell.R_factor_all                     ? 
_refine_ls_shell.number_reflns_obs                671 
_refine_ls_shell.redundancy_reflns_obs            ? 
_refine_ls_shell.pdbx_refine_id                   'X-RAY DIFFRACTION' 
# 
_struct.entry_id                  3BJO 
_struct.title                     
'Crystal structure of the C-terminal domain of a possible ATP-binding protein from Methanocaldococcus jannaschii DSM 2661' 
_struct.pdbx_model_details        ? 
_struct.pdbx_CASP_flag            ? 
_struct.pdbx_model_type_details   ? 
# 
_struct_keywords.entry_id        3BJO 
_struct_keywords.pdbx_keywords   'NUCLEOTIDE BINDING PROTEIN' 
_struct_keywords.text            
;APC87992.1, Methanocaldococcus jannaschii DSM 2661, structural genomics, PSI-2, Protein Structure Initiative, Midwest Center for Structural Genomics, MCSG, ATP-binding, Nucleotide-binding, NUCLEOTIDE BINDING PROTEIN
;
# 
loop_
_struct_asym.id 
_struct_asym.pdbx_blank_PDB_chainid_flag 
_struct_asym.pdbx_modified 
_struct_asym.entity_id 
_struct_asym.details 
A N N 1 ? 
B N N 2 ? 
C N N 3 ? 
# 
_struct_ref.id                         1 
_struct_ref.db_name                    UNP 
_struct_ref.db_code                    Y1010_METJA 
_struct_ref.pdbx_db_accession          Q58416 
_struct_ref.entity_id                  1 
_struct_ref.pdbx_seq_one_letter_code   
;LKDVLNILLMDEISKLKDFLSNLDYIKPKVNIEEEIIEIRKEDIINALKLFKGKYEIEVDKIPKAVYVYLVKKNILFLYP
QRGTLKPQSFLVWNAIKRVL
;
_struct_ref.pdbx_align_begin           278 
_struct_ref.pdbx_db_isoform            ? 
# 
_struct_ref_seq.align_id                      1 
_struct_ref_seq.ref_id                        1 
_struct_ref_seq.pdbx_PDB_id_code              3BJO 
_struct_ref_seq.pdbx_strand_id                A 
_struct_ref_seq.seq_align_beg                 4 
_struct_ref_seq.pdbx_seq_align_beg_ins_code   ? 
_struct_ref_seq.seq_align_end                 103 
_struct_ref_seq.pdbx_seq_align_end_ins_code   ? 
_struct_ref_seq.pdbx_db_accession             Q58416 
_struct_ref_seq.db_align_beg                  278 
_struct_ref_seq.pdbx_db_align_beg_ins_code    ? 
_struct_ref_seq.db_align_end                  377 
_struct_ref_seq.pdbx_db_align_end_ins_code    ? 
_struct_ref_seq.pdbx_auth_seq_align_beg       1 
_struct_ref_seq.pdbx_auth_seq_align_end       100 
# 
loop_
_struct_ref_seq_dif.align_id 
_struct_ref_seq_dif.pdbx_pdb_id_code 
_struct_ref_seq_dif.mon_id 
_struct_ref_seq_dif.pdbx_pdb_strand_id 
_struct_ref_seq_dif.seq_num 
_struct_ref_seq_dif.pdbx_pdb_ins_code 
_struct_ref_seq_dif.pdbx_seq_db_name 
_struct_ref_seq_dif.pdbx_seq_db_accession_code 
_struct_ref_seq_dif.db_mon_id 
_struct_ref_seq_dif.pdbx_seq_db_seq_num 
_struct_ref_seq_dif.details 
_struct_ref_seq_dif.pdbx_auth_seq_num 
_struct_ref_seq_dif.pdbx_ordinal 
1 3BJO SER A 1 ? UNP Q58416 ? ? 'expression tag' -2 1 
1 3BJO ASN A 2 ? UNP Q58416 ? ? 'expression tag' -1 2 
1 3BJO ALA A 3 ? UNP Q58416 ? ? 'expression tag' 0  3 
# 
_pdbx_struct_assembly.id                   1 
_pdbx_struct_assembly.details              software_defined_assembly 
_pdbx_struct_assembly.method_details       PISA 
_pdbx_struct_assembly.oligomeric_details   monomeric 
_pdbx_struct_assembly.oligomeric_count     1 
# 
_pdbx_struct_assembly_gen.assembly_id       1 
_pdbx_struct_assembly_gen.oper_expression   1 
_pdbx_struct_assembly_gen.asym_id_list      A,B,C 
# 
_pdbx_struct_oper_list.id                   1 
_pdbx_struct_oper_list.type                 'identity operation' 
_pdbx_struct_oper_list.name                 1_555 
_pdbx_struct_oper_list.symmetry_operation   x,y,z 
_pdbx_struct_oper_list.matrix[1][1]         1.0000000000 
_pdbx_struct_oper_list.matrix[1][2]         0.0000000000 
_pdbx_struct_oper_list.matrix[1][3]         0.0000000000 
_pdbx_struct_oper_list.vector[1]            0.0000000000 
_pdbx_struct_oper_list.matrix[2][1]         0.0000000000 
_pdbx_struct_oper_list.matrix[2][2]         1.0000000000 
_pdbx_struct_oper_list.matrix[2][3]         0.0000000000 
_pdbx_struct_oper_list.vector[2]            0.0000000000 
_pdbx_struct_oper_list.matrix[3][1]         0.0000000000 
_pdbx_struct_oper_list.matrix[3][2]         0.0000000000 
_pdbx_struct_oper_list.matrix[3][3]         1.0000000000 
_pdbx_struct_oper_list.vector[3]            0.0000000000 
# 
_struct_biol.id        1 
_struct_biol.details   'Authors state that the biological unit of this polypeptide is experimentally unknown.' 
# 
loop_
_struct_conf.conf_type_id 
_struct_conf.id 
_struct_conf.pdbx_PDB_helix_id 
_struct_conf.beg_label_comp_id 
_struct_conf.beg_label_asym_id 
_struct_conf.beg_label_seq_id 
_struct_conf.pdbx_beg_PDB_ins_code 
_struct_conf.end_label_comp_id 
_struct_conf.end_label_asym_id 
_struct_conf.end_label_seq_id 
_struct_conf.pdbx_end_PDB_ins_code 
_struct_conf.beg_auth_comp_id 
_struct_conf.beg_auth_asym_id 
_struct_conf.beg_auth_seq_id 
_struct_conf.end_auth_comp_id 
_struct_conf.end_auth_asym_id 
_struct_conf.end_auth_seq_id 
_struct_conf.pdbx_PDB_helix_class 
_struct_conf.details 
_struct_conf.pdbx_PDB_helix_length 
HELX_P HELX_P1 1 ASN A 2  ? ASN A 25  ? ASN A -1 ASN A 22  1 ? 24 
HELX_P HELX_P2 2 ARG A 43 ? LEU A 53  ? ARG A 40 LEU A 50  1 ? 11 
HELX_P HELX_P3 3 PHE A 54 ? GLY A 56  ? PHE A 51 GLY A 53  5 ? 3  
HELX_P HELX_P4 4 ASP A 63 ? ILE A 65  ? ASP A 60 ILE A 62  5 ? 3  
HELX_P HELX_P5 5 PRO A 66 ? LYS A 76  ? PRO A 63 LYS A 73  1 ? 11 
HELX_P HELX_P6 6 SER A 92 ? LEU A 103 ? SER A 89 LEU A 100 1 ? 12 
# 
_struct_conf_type.id          HELX_P 
_struct_conf_type.criteria    ? 
_struct_conf_type.reference   ? 
# 
loop_
_struct_conn.id 
_struct_conn.conn_type_id 
_struct_conn.pdbx_leaving_atom_flag 
_struct_conn.pdbx_PDB_id 
_struct_conn.ptnr1_label_asym_id 
_struct_conn.ptnr1_label_comp_id 
_struct_conn.ptnr1_label_seq_id 
_struct_conn.ptnr1_label_atom_id 
_struct_conn.pdbx_ptnr1_label_alt_id 
_struct_conn.pdbx_ptnr1_PDB_ins_code 
_struct_conn.pdbx_ptnr1_standard_comp_id 
_struct_conn.ptnr1_symmetry 
_struct_conn.ptnr2_label_asym_id 
_struct_conn.ptnr2_label_comp_id 
_struct_conn.ptnr2_label_seq_id 
_struct_conn.ptnr2_label_atom_id 
_struct_conn.pdbx_ptnr2_label_alt_id 
_struct_conn.pdbx_ptnr2_PDB_ins_code 
_struct_conn.ptnr1_auth_asym_id 
_struct_conn.ptnr1_auth_comp_id 
_struct_conn.ptnr1_auth_seq_id 
_struct_conn.ptnr2_auth_asym_id 
_struct_conn.ptnr2_auth_comp_id 
_struct_conn.ptnr2_auth_seq_id 
_struct_conn.ptnr2_symmetry 
_struct_conn.pdbx_ptnr3_label_atom_id 
_struct_conn.pdbx_ptnr3_label_seq_id 
_struct_conn.pdbx_ptnr3_label_comp_id 
_struct_conn.pdbx_ptnr3_label_asym_id 
_struct_conn.pdbx_ptnr3_label_alt_id 
_struct_conn.pdbx_ptnr3_PDB_ins_code 
_struct_conn.details 
_struct_conn.pdbx_dist_value 
_struct_conn.pdbx_value_order 
_struct_conn.pdbx_role 
covale1 covale both ? A LEU 12 C ? ? ? 1_555 A MSE 13 N ? ? A LEU 9  A MSE 10 1_555 ? ? ? ? ? ? ? 1.329 ? ? 
covale2 covale both ? A MSE 13 C ? ? ? 1_555 A ASP 14 N ? ? A MSE 10 A ASP 11 1_555 ? ? ? ? ? ? ? 1.325 ? ? 
# 
_struct_conn_type.id          covale 
_struct_conn_type.criteria    ? 
_struct_conn_type.reference   ? 
# 
_pdbx_modification_feature.ordinal                            1 
_pdbx_modification_feature.label_comp_id                      MSE 
_pdbx_modification_feature.label_asym_id                      A 
_pdbx_modification_feature.label_seq_id                       13 
_pdbx_modification_feature.label_alt_id                       ? 
_pdbx_modification_feature.modified_residue_label_comp_id     . 
_pdbx_modification_feature.modified_residue_label_asym_id     . 
_pdbx_modification_feature.modified_residue_label_seq_id      . 
_pdbx_modification_feature.modified_residue_label_alt_id      . 
_pdbx_modification_feature.auth_comp_id                       MSE 
_pdbx_modification_feature.auth_asym_id                       A 
_pdbx_modification_feature.auth_seq_id                        10 
_pdbx_modification_feature.PDB_ins_code                       ? 
_pdbx_modification_feature.symmetry                           1_555 
_pdbx_modification_feature.modified_residue_auth_comp_id      . 
_pdbx_modification_feature.modified_residue_auth_asym_id      . 
_pdbx_modification_feature.modified_residue_auth_seq_id       . 
_pdbx_modification_feature.modified_residue_PDB_ins_code      . 
_pdbx_modification_feature.modified_residue_symmetry          . 
_pdbx_modification_feature.comp_id_linking_atom               . 
_pdbx_modification_feature.modified_residue_id_linking_atom   . 
_pdbx_modification_feature.modified_residue_id                MET 
_pdbx_modification_feature.ref_pcm_id                         1 
_pdbx_modification_feature.ref_comp_id                        MSE 
_pdbx_modification_feature.type                               Selenomethionine 
_pdbx_modification_feature.category                           'Named protein modification' 
# 
loop_
_struct_sheet.id 
_struct_sheet.type 
_struct_sheet.number_strands 
_struct_sheet.details 
A ? 2 ? 
B ? 3 ? 
# 
loop_
_struct_sheet_order.sheet_id 
_struct_sheet_order.range_id_1 
_struct_sheet_order.range_id_2 
_struct_sheet_order.offset 
_struct_sheet_order.sense 
A 1 2 ? anti-parallel 
B 1 2 ? anti-parallel 
B 2 3 ? anti-parallel 
# 
loop_
_struct_sheet_range.sheet_id 
_struct_sheet_range.id 
_struct_sheet_range.beg_label_comp_id 
_struct_sheet_range.beg_label_asym_id 
_struct_sheet_range.beg_label_seq_id 
_struct_sheet_range.pdbx_beg_PDB_ins_code 
_struct_sheet_range.end_label_comp_id 
_struct_sheet_range.end_label_asym_id 
_struct_sheet_range.end_label_seq_id 
_struct_sheet_range.pdbx_end_PDB_ins_code 
_struct_sheet_range.beg_auth_comp_id 
_struct_sheet_range.beg_auth_asym_id 
_struct_sheet_range.beg_auth_seq_id 
_struct_sheet_range.end_auth_comp_id 
_struct_sheet_range.end_auth_asym_id 
_struct_sheet_range.end_auth_seq_id 
A 1 LYS A 32 ? ILE A 35 ? LYS A 29 ILE A 32 
A 2 GLU A 38 ? GLU A 41 ? GLU A 35 GLU A 38 
B 1 ILE A 60 ? GLU A 61 ? ILE A 57 GLU A 58 
B 2 THR A 87 ? PRO A 90 ? THR A 84 PRO A 87 
B 3 LEU A 79 ? TYR A 82 ? LEU A 76 TYR A 79 
# 
loop_
_pdbx_struct_sheet_hbond.sheet_id 
_pdbx_struct_sheet_hbond.range_id_1 
_pdbx_struct_sheet_hbond.range_id_2 
_pdbx_struct_sheet_hbond.range_1_label_atom_id 
_pdbx_struct_sheet_hbond.range_1_label_comp_id 
_pdbx_struct_sheet_hbond.range_1_label_asym_id 
_pdbx_struct_sheet_hbond.range_1_label_seq_id 
_pdbx_struct_sheet_hbond.range_1_PDB_ins_code 
_pdbx_struct_sheet_hbond.range_1_auth_atom_id 
_pdbx_struct_sheet_hbond.range_1_auth_comp_id 
_pdbx_struct_sheet_hbond.range_1_auth_asym_id 
_pdbx_struct_sheet_hbond.range_1_auth_seq_id 
_pdbx_struct_sheet_hbond.range_2_label_atom_id 
_pdbx_struct_sheet_hbond.range_2_label_comp_id 
_pdbx_struct_sheet_hbond.range_2_label_asym_id 
_pdbx_struct_sheet_hbond.range_2_label_seq_id 
_pdbx_struct_sheet_hbond.range_2_PDB_ins_code 
_pdbx_struct_sheet_hbond.range_2_auth_atom_id 
_pdbx_struct_sheet_hbond.range_2_auth_comp_id 
_pdbx_struct_sheet_hbond.range_2_auth_asym_id 
_pdbx_struct_sheet_hbond.range_2_auth_seq_id 
A 1 2 N VAL A 33 ? N VAL A 30 O ILE A 40 ? O ILE A 37 
B 1 2 N ILE A 60 ? N ILE A 57 O LEU A 88 ? O LEU A 85 
B 2 3 O LYS A 89 ? O LYS A 86 N PHE A 80 ? N PHE A 77 
# 
_struct_site.id                   AC1 
_struct_site.pdbx_evidence_code   Software 
_struct_site.pdbx_auth_asym_id    A 
_struct_site.pdbx_auth_comp_id    FMT 
_struct_site.pdbx_auth_seq_id     101 
_struct_site.pdbx_auth_ins_code   ? 
_struct_site.pdbx_num_residues    5 
_struct_site.details              'BINDING SITE FOR RESIDUE FMT A 101' 
# 
loop_
_struct_site_gen.id 
_struct_site_gen.site_id 
_struct_site_gen.pdbx_num_res 
_struct_site_gen.label_comp_id 
_struct_site_gen.label_asym_id 
_struct_site_gen.label_seq_id 
_struct_site_gen.pdbx_auth_ins_code 
_struct_site_gen.auth_comp_id 
_struct_site_gen.auth_asym_id 
_struct_site_gen.auth_seq_id 
_struct_site_gen.label_atom_id 
_struct_site_gen.label_alt_id 
_struct_site_gen.symmetry 
_struct_site_gen.details 
1 AC1 5 LYS A 57 ? LYS A 54 . ? 1_555 ? 
2 AC1 5 GLU A 59 ? GLU A 56 . ? 1_555 ? 
3 AC1 5 ILE A 60 ? ILE A 57 . ? 1_555 ? 
4 AC1 5 GLU A 61 ? GLU A 58 . ? 1_555 ? 
5 AC1 5 LYS A 64 ? LYS A 61 . ? 1_555 ? 
# 
_pdbx_entry_details.entry_id                   3BJO 
_pdbx_entry_details.compound_details           ? 
_pdbx_entry_details.source_details             ? 
_pdbx_entry_details.nonpolymer_details         ? 
_pdbx_entry_details.sequence_details           ? 
_pdbx_entry_details.has_ligand_of_interest     ? 
_pdbx_entry_details.has_protein_modification   Y 
# 
_pdbx_validate_torsion.id              1 
_pdbx_validate_torsion.PDB_model_num   1 
_pdbx_validate_torsion.auth_comp_id    GLU 
_pdbx_validate_torsion.auth_asym_id    A 
_pdbx_validate_torsion.auth_seq_id     33 
_pdbx_validate_torsion.PDB_ins_code    ? 
_pdbx_validate_torsion.label_alt_id    ? 
_pdbx_validate_torsion.phi             52.91 
_pdbx_validate_torsion.psi             -115.69 
# 
_pdbx_SG_project.id                    1 
_pdbx_SG_project.project_name          'PSI, Protein Structure Initiative' 
_pdbx_SG_project.full_name_of_center   'Midwest Center for Structural Genomics' 
_pdbx_SG_project.initial_of_center     MCSG 
# 
_pdbx_struct_mod_residue.id               1 
_pdbx_struct_mod_residue.label_asym_id    A 
_pdbx_struct_mod_residue.label_comp_id    MSE 
_pdbx_struct_mod_residue.label_seq_id     13 
_pdbx_struct_mod_residue.auth_asym_id     A 
_pdbx_struct_mod_residue.auth_comp_id     MSE 
_pdbx_struct_mod_residue.auth_seq_id      10 
_pdbx_struct_mod_residue.PDB_ins_code     ? 
_pdbx_struct_mod_residue.parent_comp_id   MET 
_pdbx_struct_mod_residue.details          SELENOMETHIONINE 
# 
_pdbx_refine_tls.id               1 
_pdbx_refine_tls.details          ? 
_pdbx_refine_tls.method           refined 
_pdbx_refine_tls.origin_x         0.0982 
_pdbx_refine_tls.origin_y         -0.1914 
_pdbx_refine_tls.origin_z         -0.1416 
_pdbx_refine_tls.T[1][1]          -0.1586 
_pdbx_refine_tls.T[2][2]          -0.1861 
_pdbx_refine_tls.T[3][3]          -0.0920 
_pdbx_refine_tls.T[1][2]          -0.0589 
_pdbx_refine_tls.T[1][3]          0.0552 
_pdbx_refine_tls.T[2][3]          -0.0466 
_pdbx_refine_tls.L[1][1]          4.5299 
_pdbx_refine_tls.L[2][2]          1.5020 
_pdbx_refine_tls.L[3][3]          1.5349 
_pdbx_refine_tls.L[1][2]          -1.0033 
_pdbx_refine_tls.L[1][3]          -0.5556 
_pdbx_refine_tls.L[2][3]          -0.0408 
_pdbx_refine_tls.S[1][1]          -0.0162 
_pdbx_refine_tls.S[1][2]          0.0992 
_pdbx_refine_tls.S[1][3]          -0.3746 
_pdbx_refine_tls.S[2][1]          0.0698 
_pdbx_refine_tls.S[2][2]          -0.0070 
_pdbx_refine_tls.S[2][3]          0.0289 
_pdbx_refine_tls.S[3][1]          0.0636 
_pdbx_refine_tls.S[3][2]          -0.1185 
_pdbx_refine_tls.S[3][3]          0.0233 
_pdbx_refine_tls.pdbx_refine_id   'X-RAY DIFFRACTION' 
# 
_pdbx_refine_tls_group.id                  1 
_pdbx_refine_tls_group.refine_tls_id       1 
_pdbx_refine_tls_group.beg_auth_asym_id    A 
_pdbx_refine_tls_group.beg_auth_seq_id     -2 
_pdbx_refine_tls_group.beg_label_asym_id   A 
_pdbx_refine_tls_group.beg_label_seq_id    1 
_pdbx_refine_tls_group.end_auth_asym_id    A 
_pdbx_refine_tls_group.end_auth_seq_id     100 
_pdbx_refine_tls_group.end_label_asym_id   A 
_pdbx_refine_tls_group.end_label_seq_id    103 
_pdbx_refine_tls_group.selection           ? 
_pdbx_refine_tls_group.pdbx_refine_id      'X-RAY DIFFRACTION' 
_pdbx_refine_tls_group.selection_details   ? 
# 
loop_
_chem_comp_atom.comp_id 
_chem_comp_atom.atom_id 
_chem_comp_atom.type_symbol 
_chem_comp_atom.pdbx_aromatic_flag 
_chem_comp_atom.pdbx_stereo_config 
_chem_comp_atom.pdbx_ordinal 
ALA N    N  N N 1   
ALA CA   C  N S 2   
ALA C    C  N N 3   
ALA O    O  N N 4   
ALA CB   C  N N 5   
ALA OXT  O  N N 6   
ALA H    H  N N 7   
ALA H2   H  N N 8   
ALA HA   H  N N 9   
ALA HB1  H  N N 10  
ALA HB2  H  N N 11  
ALA HB3  H  N N 12  
ALA HXT  H  N N 13  
ARG N    N  N N 14  
ARG CA   C  N S 15  
ARG C    C  N N 16  
ARG O    O  N N 17  
ARG CB   C  N N 18  
ARG CG   C  N N 19  
ARG CD   C  N N 20  
ARG NE   N  N N 21  
ARG CZ   C  N N 22  
ARG NH1  N  N N 23  
ARG NH2  N  N N 24  
ARG OXT  O  N N 25  
ARG H    H  N N 26  
ARG H2   H  N N 27  
ARG HA   H  N N 28  
ARG HB2  H  N N 29  
ARG HB3  H  N N 30  
ARG HG2  H  N N 31  
ARG HG3  H  N N 32  
ARG HD2  H  N N 33  
ARG HD3  H  N N 34  
ARG HE   H  N N 35  
ARG HH11 H  N N 36  
ARG HH12 H  N N 37  
ARG HH21 H  N N 38  
ARG HH22 H  N N 39  
ARG HXT  H  N N 40  
ASN N    N  N N 41  
ASN CA   C  N S 42  
ASN C    C  N N 43  
ASN O    O  N N 44  
ASN CB   C  N N 45  
ASN CG   C  N N 46  
ASN OD1  O  N N 47  
ASN ND2  N  N N 48  
ASN OXT  O  N N 49  
ASN H    H  N N 50  
ASN H2   H  N N 51  
ASN HA   H  N N 52  
ASN HB2  H  N N 53  
ASN HB3  H  N N 54  
ASN HD21 H  N N 55  
ASN HD22 H  N N 56  
ASN HXT  H  N N 57  
ASP N    N  N N 58  
ASP CA   C  N S 59  
ASP C    C  N N 60  
ASP O    O  N N 61  
ASP CB   C  N N 62  
ASP CG   C  N N 63  
ASP OD1  O  N N 64  
ASP OD2  O  N N 65  
ASP OXT  O  N N 66  
ASP H    H  N N 67  
ASP H2   H  N N 68  
ASP HA   H  N N 69  
ASP HB2  H  N N 70  
ASP HB3  H  N N 71  
ASP HD2  H  N N 72  
ASP HXT  H  N N 73  
FMT C    C  N N 74  
FMT O1   O  N N 75  
FMT O2   O  N N 76  
FMT H    H  N N 77  
FMT HO2  H  N N 78  
GLN N    N  N N 79  
GLN CA   C  N S 80  
GLN C    C  N N 81  
GLN O    O  N N 82  
GLN CB   C  N N 83  
GLN CG   C  N N 84  
GLN CD   C  N N 85  
GLN OE1  O  N N 86  
GLN NE2  N  N N 87  
GLN OXT  O  N N 88  
GLN H    H  N N 89  
GLN H2   H  N N 90  
GLN HA   H  N N 91  
GLN HB2  H  N N 92  
GLN HB3  H  N N 93  
GLN HG2  H  N N 94  
GLN HG3  H  N N 95  
GLN HE21 H  N N 96  
GLN HE22 H  N N 97  
GLN HXT  H  N N 98  
GLU N    N  N N 99  
GLU CA   C  N S 100 
GLU C    C  N N 101 
GLU O    O  N N 102 
GLU CB   C  N N 103 
GLU CG   C  N N 104 
GLU CD   C  N N 105 
GLU OE1  O  N N 106 
GLU OE2  O  N N 107 
GLU OXT  O  N N 108 
GLU H    H  N N 109 
GLU H2   H  N N 110 
GLU HA   H  N N 111 
GLU HB2  H  N N 112 
GLU HB3  H  N N 113 
GLU HG2  H  N N 114 
GLU HG3  H  N N 115 
GLU HE2  H  N N 116 
GLU HXT  H  N N 117 
GLY N    N  N N 118 
GLY CA   C  N N 119 
GLY C    C  N N 120 
GLY O    O  N N 121 
GLY OXT  O  N N 122 
GLY H    H  N N 123 
GLY H2   H  N N 124 
GLY HA2  H  N N 125 
GLY HA3  H  N N 126 
GLY HXT  H  N N 127 
HOH O    O  N N 128 
HOH H1   H  N N 129 
HOH H2   H  N N 130 
ILE N    N  N N 131 
ILE CA   C  N S 132 
ILE C    C  N N 133 
ILE O    O  N N 134 
ILE CB   C  N S 135 
ILE CG1  C  N N 136 
ILE CG2  C  N N 137 
ILE CD1  C  N N 138 
ILE OXT  O  N N 139 
ILE H    H  N N 140 
ILE H2   H  N N 141 
ILE HA   H  N N 142 
ILE HB   H  N N 143 
ILE HG12 H  N N 144 
ILE HG13 H  N N 145 
ILE HG21 H  N N 146 
ILE HG22 H  N N 147 
ILE HG23 H  N N 148 
ILE HD11 H  N N 149 
ILE HD12 H  N N 150 
ILE HD13 H  N N 151 
ILE HXT  H  N N 152 
LEU N    N  N N 153 
LEU CA   C  N S 154 
LEU C    C  N N 155 
LEU O    O  N N 156 
LEU CB   C  N N 157 
LEU CG   C  N N 158 
LEU CD1  C  N N 159 
LEU CD2  C  N N 160 
LEU OXT  O  N N 161 
LEU H    H  N N 162 
LEU H2   H  N N 163 
LEU HA   H  N N 164 
LEU HB2  H  N N 165 
LEU HB3  H  N N 166 
LEU HG   H  N N 167 
LEU HD11 H  N N 168 
LEU HD12 H  N N 169 
LEU HD13 H  N N 170 
LEU HD21 H  N N 171 
LEU HD22 H  N N 172 
LEU HD23 H  N N 173 
LEU HXT  H  N N 174 
LYS N    N  N N 175 
LYS CA   C  N S 176 
LYS C    C  N N 177 
LYS O    O  N N 178 
LYS CB   C  N N 179 
LYS CG   C  N N 180 
LYS CD   C  N N 181 
LYS CE   C  N N 182 
LYS NZ   N  N N 183 
LYS OXT  O  N N 184 
LYS H    H  N N 185 
LYS H2   H  N N 186 
LYS HA   H  N N 187 
LYS HB2  H  N N 188 
LYS HB3  H  N N 189 
LYS HG2  H  N N 190 
LYS HG3  H  N N 191 
LYS HD2  H  N N 192 
LYS HD3  H  N N 193 
LYS HE2  H  N N 194 
LYS HE3  H  N N 195 
LYS HZ1  H  N N 196 
LYS HZ2  H  N N 197 
LYS HZ3  H  N N 198 
LYS HXT  H  N N 199 
MSE N    N  N N 200 
MSE CA   C  N S 201 
MSE C    C  N N 202 
MSE O    O  N N 203 
MSE OXT  O  N N 204 
MSE CB   C  N N 205 
MSE CG   C  N N 206 
MSE SE   SE N N 207 
MSE CE   C  N N 208 
MSE H    H  N N 209 
MSE H2   H  N N 210 
MSE HA   H  N N 211 
MSE HXT  H  N N 212 
MSE HB2  H  N N 213 
MSE HB3  H  N N 214 
MSE HG2  H  N N 215 
MSE HG3  H  N N 216 
MSE HE1  H  N N 217 
MSE HE2  H  N N 218 
MSE HE3  H  N N 219 
PHE N    N  N N 220 
PHE CA   C  N S 221 
PHE C    C  N N 222 
PHE O    O  N N 223 
PHE CB   C  N N 224 
PHE CG   C  Y N 225 
PHE CD1  C  Y N 226 
PHE CD2  C  Y N 227 
PHE CE1  C  Y N 228 
PHE CE2  C  Y N 229 
PHE CZ   C  Y N 230 
PHE OXT  O  N N 231 
PHE H    H  N N 232 
PHE H2   H  N N 233 
PHE HA   H  N N 234 
PHE HB2  H  N N 235 
PHE HB3  H  N N 236 
PHE HD1  H  N N 237 
PHE HD2  H  N N 238 
PHE HE1  H  N N 239 
PHE HE2  H  N N 240 
PHE HZ   H  N N 241 
PHE HXT  H  N N 242 
PRO N    N  N N 243 
PRO CA   C  N S 244 
PRO C    C  N N 245 
PRO O    O  N N 246 
PRO CB   C  N N 247 
PRO CG   C  N N 248 
PRO CD   C  N N 249 
PRO OXT  O  N N 250 
PRO H    H  N N 251 
PRO HA   H  N N 252 
PRO HB2  H  N N 253 
PRO HB3  H  N N 254 
PRO HG2  H  N N 255 
PRO HG3  H  N N 256 
PRO HD2  H  N N 257 
PRO HD3  H  N N 258 
PRO HXT  H  N N 259 
SER N    N  N N 260 
SER CA   C  N S 261 
SER C    C  N N 262 
SER O    O  N N 263 
SER CB   C  N N 264 
SER OG   O  N N 265 
SER OXT  O  N N 266 
SER H    H  N N 267 
SER H2   H  N N 268 
SER HA   H  N N 269 
SER HB2  H  N N 270 
SER HB3  H  N N 271 
SER HG   H  N N 272 
SER HXT  H  N N 273 
THR N    N  N N 274 
THR CA   C  N S 275 
THR C    C  N N 276 
THR O    O  N N 277 
THR CB   C  N R 278 
THR OG1  O  N N 279 
THR CG2  C  N N 280 
THR OXT  O  N N 281 
THR H    H  N N 282 
THR H2   H  N N 283 
THR HA   H  N N 284 
THR HB   H  N N 285 
THR HG1  H  N N 286 
THR HG21 H  N N 287 
THR HG22 H  N N 288 
THR HG23 H  N N 289 
THR HXT  H  N N 290 
TRP N    N  N N 291 
TRP CA   C  N S 292 
TRP C    C  N N 293 
TRP O    O  N N 294 
TRP CB   C  N N 295 
TRP CG   C  Y N 296 
TRP CD1  C  Y N 297 
TRP CD2  C  Y N 298 
TRP NE1  N  Y N 299 
TRP CE2  C  Y N 300 
TRP CE3  C  Y N 301 
TRP CZ2  C  Y N 302 
TRP CZ3  C  Y N 303 
TRP CH2  C  Y N 304 
TRP OXT  O  N N 305 
TRP H    H  N N 306 
TRP H2   H  N N 307 
TRP HA   H  N N 308 
TRP HB2  H  N N 309 
TRP HB3  H  N N 310 
TRP HD1  H  N N 311 
TRP HE1  H  N N 312 
TRP HE3  H  N N 313 
TRP HZ2  H  N N 314 
TRP HZ3  H  N N 315 
TRP HH2  H  N N 316 
TRP HXT  H  N N 317 
TYR N    N  N N 318 
TYR CA   C  N S 319 
TYR C    C  N N 320 
TYR O    O  N N 321 
TYR CB   C  N N 322 
TYR CG   C  Y N 323 
TYR CD1  C  Y N 324 
TYR CD2  C  Y N 325 
TYR CE1  C  Y N 326 
TYR CE2  C  Y N 327 
TYR CZ   C  Y N 328 
TYR OH   O  N N 329 
TYR OXT  O  N N 330 
TYR H    H  N N 331 
TYR H2   H  N N 332 
TYR HA   H  N N 333 
TYR HB2  H  N N 334 
TYR HB3  H  N N 335 
TYR HD1  H  N N 336 
TYR HD2  H  N N 337 
TYR HE1  H  N N 338 
TYR HE2  H  N N 339 
TYR HH   H  N N 340 
TYR HXT  H  N N 341 
VAL N    N  N N 342 
VAL CA   C  N S 343 
VAL C    C  N N 344 
VAL O    O  N N 345 
VAL CB   C  N N 346 
VAL CG1  C  N N 347 
VAL CG2  C  N N 348 
VAL OXT  O  N N 349 
VAL H    H  N N 350 
VAL H2   H  N N 351 
VAL HA   H  N N 352 
VAL HB   H  N N 353 
VAL HG11 H  N N 354 
VAL HG12 H  N N 355 
VAL HG13 H  N N 356 
VAL HG21 H  N N 357 
VAL HG22 H  N N 358 
VAL HG23 H  N N 359 
VAL HXT  H  N N 360 
# 
loop_
_chem_comp_bond.comp_id 
_chem_comp_bond.atom_id_1 
_chem_comp_bond.atom_id_2 
_chem_comp_bond.value_order 
_chem_comp_bond.pdbx_aromatic_flag 
_chem_comp_bond.pdbx_stereo_config 
_chem_comp_bond.pdbx_ordinal 
ALA N   CA   sing N N 1   
ALA N   H    sing N N 2   
ALA N   H2   sing N N 3   
ALA CA  C    sing N N 4   
ALA CA  CB   sing N N 5   
ALA CA  HA   sing N N 6   
ALA C   O    doub N N 7   
ALA C   OXT  sing N N 8   
ALA CB  HB1  sing N N 9   
ALA CB  HB2  sing N N 10  
ALA CB  HB3  sing N N 11  
ALA OXT HXT  sing N N 12  
ARG N   CA   sing N N 13  
ARG N   H    sing N N 14  
ARG N   H2   sing N N 15  
ARG CA  C    sing N N 16  
ARG CA  CB   sing N N 17  
ARG CA  HA   sing N N 18  
ARG C   O    doub N N 19  
ARG C   OXT  sing N N 20  
ARG CB  CG   sing N N 21  
ARG CB  HB2  sing N N 22  
ARG CB  HB3  sing N N 23  
ARG CG  CD   sing N N 24  
ARG CG  HG2  sing N N 25  
ARG CG  HG3  sing N N 26  
ARG CD  NE   sing N N 27  
ARG CD  HD2  sing N N 28  
ARG CD  HD3  sing N N 29  
ARG NE  CZ   sing N N 30  
ARG NE  HE   sing N N 31  
ARG CZ  NH1  sing N N 32  
ARG CZ  NH2  doub N N 33  
ARG NH1 HH11 sing N N 34  
ARG NH1 HH12 sing N N 35  
ARG NH2 HH21 sing N N 36  
ARG NH2 HH22 sing N N 37  
ARG OXT HXT  sing N N 38  
ASN N   CA   sing N N 39  
ASN N   H    sing N N 40  
ASN N   H2   sing N N 41  
ASN CA  C    sing N N 42  
ASN CA  CB   sing N N 43  
ASN CA  HA   sing N N 44  
ASN C   O    doub N N 45  
ASN C   OXT  sing N N 46  
ASN CB  CG   sing N N 47  
ASN CB  HB2  sing N N 48  
ASN CB  HB3  sing N N 49  
ASN CG  OD1  doub N N 50  
ASN CG  ND2  sing N N 51  
ASN ND2 HD21 sing N N 52  
ASN ND2 HD22 sing N N 53  
ASN OXT HXT  sing N N 54  
ASP N   CA   sing N N 55  
ASP N   H    sing N N 56  
ASP N   H2   sing N N 57  
ASP CA  C    sing N N 58  
ASP CA  CB   sing N N 59  
ASP CA  HA   sing N N 60  
ASP C   O    doub N N 61  
ASP C   OXT  sing N N 62  
ASP CB  CG   sing N N 63  
ASP CB  HB2  sing N N 64  
ASP CB  HB3  sing N N 65  
ASP CG  OD1  doub N N 66  
ASP CG  OD2  sing N N 67  
ASP OD2 HD2  sing N N 68  
ASP OXT HXT  sing N N 69  
FMT C   O1   doub N N 70  
FMT C   O2   sing N N 71  
FMT C   H    sing N N 72  
FMT O2  HO2  sing N N 73  
GLN N   CA   sing N N 74  
GLN N   H    sing N N 75  
GLN N   H2   sing N N 76  
GLN CA  C    sing N N 77  
GLN CA  CB   sing N N 78  
GLN CA  HA   sing N N 79  
GLN C   O    doub N N 80  
GLN C   OXT  sing N N 81  
GLN CB  CG   sing N N 82  
GLN CB  HB2  sing N N 83  
GLN CB  HB3  sing N N 84  
GLN CG  CD   sing N N 85  
GLN CG  HG2  sing N N 86  
GLN CG  HG3  sing N N 87  
GLN CD  OE1  doub N N 88  
GLN CD  NE2  sing N N 89  
GLN NE2 HE21 sing N N 90  
GLN NE2 HE22 sing N N 91  
GLN OXT HXT  sing N N 92  
GLU N   CA   sing N N 93  
GLU N   H    sing N N 94  
GLU N   H2   sing N N 95  
GLU CA  C    sing N N 96  
GLU CA  CB   sing N N 97  
GLU CA  HA   sing N N 98  
GLU C   O    doub N N 99  
GLU C   OXT  sing N N 100 
GLU CB  CG   sing N N 101 
GLU CB  HB2  sing N N 102 
GLU CB  HB3  sing N N 103 
GLU CG  CD   sing N N 104 
GLU CG  HG2  sing N N 105 
GLU CG  HG3  sing N N 106 
GLU CD  OE1  doub N N 107 
GLU CD  OE2  sing N N 108 
GLU OE2 HE2  sing N N 109 
GLU OXT HXT  sing N N 110 
GLY N   CA   sing N N 111 
GLY N   H    sing N N 112 
GLY N   H2   sing N N 113 
GLY CA  C    sing N N 114 
GLY CA  HA2  sing N N 115 
GLY CA  HA3  sing N N 116 
GLY C   O    doub N N 117 
GLY C   OXT  sing N N 118 
GLY OXT HXT  sing N N 119 
HOH O   H1   sing N N 120 
HOH O   H2   sing N N 121 
ILE N   CA   sing N N 122 
ILE N   H    sing N N 123 
ILE N   H2   sing N N 124 
ILE CA  C    sing N N 125 
ILE CA  CB   sing N N 126 
ILE CA  HA   sing N N 127 
ILE C   O    doub N N 128 
ILE C   OXT  sing N N 129 
ILE CB  CG1  sing N N 130 
ILE CB  CG2  sing N N 131 
ILE CB  HB   sing N N 132 
ILE CG1 CD1  sing N N 133 
ILE CG1 HG12 sing N N 134 
ILE CG1 HG13 sing N N 135 
ILE CG2 HG21 sing N N 136 
ILE CG2 HG22 sing N N 137 
ILE CG2 HG23 sing N N 138 
ILE CD1 HD11 sing N N 139 
ILE CD1 HD12 sing N N 140 
ILE CD1 HD13 sing N N 141 
ILE OXT HXT  sing N N 142 
LEU N   CA   sing N N 143 
LEU N   H    sing N N 144 
LEU N   H2   sing N N 145 
LEU CA  C    sing N N 146 
LEU CA  CB   sing N N 147 
LEU CA  HA   sing N N 148 
LEU C   O    doub N N 149 
LEU C   OXT  sing N N 150 
LEU CB  CG   sing N N 151 
LEU CB  HB2  sing N N 152 
LEU CB  HB3  sing N N 153 
LEU CG  CD1  sing N N 154 
LEU CG  CD2  sing N N 155 
LEU CG  HG   sing N N 156 
LEU CD1 HD11 sing N N 157 
LEU CD1 HD12 sing N N 158 
LEU CD1 HD13 sing N N 159 
LEU CD2 HD21 sing N N 160 
LEU CD2 HD22 sing N N 161 
LEU CD2 HD23 sing N N 162 
LEU OXT HXT  sing N N 163 
LYS N   CA   sing N N 164 
LYS N   H    sing N N 165 
LYS N   H2   sing N N 166 
LYS CA  C    sing N N 167 
LYS CA  CB   sing N N 168 
LYS CA  HA   sing N N 169 
LYS C   O    doub N N 170 
LYS C   OXT  sing N N 171 
LYS CB  CG   sing N N 172 
LYS CB  HB2  sing N N 173 
LYS CB  HB3  sing N N 174 
LYS CG  CD   sing N N 175 
LYS CG  HG2  sing N N 176 
LYS CG  HG3  sing N N 177 
LYS CD  CE   sing N N 178 
LYS CD  HD2  sing N N 179 
LYS CD  HD3  sing N N 180 
LYS CE  NZ   sing N N 181 
LYS CE  HE2  sing N N 182 
LYS CE  HE3  sing N N 183 
LYS NZ  HZ1  sing N N 184 
LYS NZ  HZ2  sing N N 185 
LYS NZ  HZ3  sing N N 186 
LYS OXT HXT  sing N N 187 
MSE N   CA   sing N N 188 
MSE N   H    sing N N 189 
MSE N   H2   sing N N 190 
MSE CA  C    sing N N 191 
MSE CA  CB   sing N N 192 
MSE CA  HA   sing N N 193 
MSE C   O    doub N N 194 
MSE C   OXT  sing N N 195 
MSE OXT HXT  sing N N 196 
MSE CB  CG   sing N N 197 
MSE CB  HB2  sing N N 198 
MSE CB  HB3  sing N N 199 
MSE CG  SE   sing N N 200 
MSE CG  HG2  sing N N 201 
MSE CG  HG3  sing N N 202 
MSE SE  CE   sing N N 203 
MSE CE  HE1  sing N N 204 
MSE CE  HE2  sing N N 205 
MSE CE  HE3  sing N N 206 
PHE N   CA   sing N N 207 
PHE N   H    sing N N 208 
PHE N   H2   sing N N 209 
PHE CA  C    sing N N 210 
PHE CA  CB   sing N N 211 
PHE CA  HA   sing N N 212 
PHE C   O    doub N N 213 
PHE C   OXT  sing N N 214 
PHE CB  CG   sing N N 215 
PHE CB  HB2  sing N N 216 
PHE CB  HB3  sing N N 217 
PHE CG  CD1  doub Y N 218 
PHE CG  CD2  sing Y N 219 
PHE CD1 CE1  sing Y N 220 
PHE CD1 HD1  sing N N 221 
PHE CD2 CE2  doub Y N 222 
PHE CD2 HD2  sing N N 223 
PHE CE1 CZ   doub Y N 224 
PHE CE1 HE1  sing N N 225 
PHE CE2 CZ   sing Y N 226 
PHE CE2 HE2  sing N N 227 
PHE CZ  HZ   sing N N 228 
PHE OXT HXT  sing N N 229 
PRO N   CA   sing N N 230 
PRO N   CD   sing N N 231 
PRO N   H    sing N N 232 
PRO CA  C    sing N N 233 
PRO CA  CB   sing N N 234 
PRO CA  HA   sing N N 235 
PRO C   O    doub N N 236 
PRO C   OXT  sing N N 237 
PRO CB  CG   sing N N 238 
PRO CB  HB2  sing N N 239 
PRO CB  HB3  sing N N 240 
PRO CG  CD   sing N N 241 
PRO CG  HG2  sing N N 242 
PRO CG  HG3  sing N N 243 
PRO CD  HD2  sing N N 244 
PRO CD  HD3  sing N N 245 
PRO OXT HXT  sing N N 246 
SER N   CA   sing N N 247 
SER N   H    sing N N 248 
SER N   H2   sing N N 249 
SER CA  C    sing N N 250 
SER CA  CB   sing N N 251 
SER CA  HA   sing N N 252 
SER C   O    doub N N 253 
SER C   OXT  sing N N 254 
SER CB  OG   sing N N 255 
SER CB  HB2  sing N N 256 
SER CB  HB3  sing N N 257 
SER OG  HG   sing N N 258 
SER OXT HXT  sing N N 259 
THR N   CA   sing N N 260 
THR N   H    sing N N 261 
THR N   H2   sing N N 262 
THR CA  C    sing N N 263 
THR CA  CB   sing N N 264 
THR CA  HA   sing N N 265 
THR C   O    doub N N 266 
THR C   OXT  sing N N 267 
THR CB  OG1  sing N N 268 
THR CB  CG2  sing N N 269 
THR CB  HB   sing N N 270 
THR OG1 HG1  sing N N 271 
THR CG2 HG21 sing N N 272 
THR CG2 HG22 sing N N 273 
THR CG2 HG23 sing N N 274 
THR OXT HXT  sing N N 275 
TRP N   CA   sing N N 276 
TRP N   H    sing N N 277 
TRP N   H2   sing N N 278 
TRP CA  C    sing N N 279 
TRP CA  CB   sing N N 280 
TRP CA  HA   sing N N 281 
TRP C   O    doub N N 282 
TRP C   OXT  sing N N 283 
TRP CB  CG   sing N N 284 
TRP CB  HB2  sing N N 285 
TRP CB  HB3  sing N N 286 
TRP CG  CD1  doub Y N 287 
TRP CG  CD2  sing Y N 288 
TRP CD1 NE1  sing Y N 289 
TRP CD1 HD1  sing N N 290 
TRP CD2 CE2  doub Y N 291 
TRP CD2 CE3  sing Y N 292 
TRP NE1 CE2  sing Y N 293 
TRP NE1 HE1  sing N N 294 
TRP CE2 CZ2  sing Y N 295 
TRP CE3 CZ3  doub Y N 296 
TRP CE3 HE3  sing N N 297 
TRP CZ2 CH2  doub Y N 298 
TRP CZ2 HZ2  sing N N 299 
TRP CZ3 CH2  sing Y N 300 
TRP CZ3 HZ3  sing N N 301 
TRP CH2 HH2  sing N N 302 
TRP OXT HXT  sing N N 303 
TYR N   CA   sing N N 304 
TYR N   H    sing N N 305 
TYR N   H2   sing N N 306 
TYR CA  C    sing N N 307 
TYR CA  CB   sing N N 308 
TYR CA  HA   sing N N 309 
TYR C   O    doub N N 310 
TYR C   OXT  sing N N 311 
TYR CB  CG   sing N N 312 
TYR CB  HB2  sing N N 313 
TYR CB  HB3  sing N N 314 
TYR CG  CD1  doub Y N 315 
TYR CG  CD2  sing Y N 316 
TYR CD1 CE1  sing Y N 317 
TYR CD1 HD1  sing N N 318 
TYR CD2 CE2  doub Y N 319 
TYR CD2 HD2  sing N N 320 
TYR CE1 CZ   doub Y N 321 
TYR CE1 HE1  sing N N 322 
TYR CE2 CZ   sing Y N 323 
TYR CE2 HE2  sing N N 324 
TYR CZ  OH   sing N N 325 
TYR OH  HH   sing N N 326 
TYR OXT HXT  sing N N 327 
VAL N   CA   sing N N 328 
VAL N   H    sing N N 329 
VAL N   H2   sing N N 330 
VAL CA  C    sing N N 331 
VAL CA  CB   sing N N 332 
VAL CA  HA   sing N N 333 
VAL C   O    doub N N 334 
VAL C   OXT  sing N N 335 
VAL CB  CG1  sing N N 336 
VAL CB  CG2  sing N N 337 
VAL CB  HB   sing N N 338 
VAL CG1 HG11 sing N N 339 
VAL CG1 HG12 sing N N 340 
VAL CG1 HG13 sing N N 341 
VAL CG2 HG21 sing N N 342 
VAL CG2 HG22 sing N N 343 
VAL CG2 HG23 sing N N 344 
VAL OXT HXT  sing N N 345 
# 
_atom_sites.entry_id                    3BJO 
_atom_sites.fract_transf_matrix[1][1]   0.00095985 
_atom_sites.fract_transf_matrix[1][2]   0.01586316 
_atom_sites.fract_transf_matrix[1][3]   0.00191383 
_atom_sites.fract_transf_matrix[2][1]   -0.00838424 
_atom_sites.fract_transf_matrix[2][2]   0.00152825 
_atom_sites.fract_transf_matrix[2][3]   -0.00846222 
_atom_sites.fract_transf_matrix[3][1]   -0.00567859 
_atom_sites.fract_transf_matrix[3][2]   -0.00032804 
_atom_sites.fract_transf_matrix[3][3]   0.00556702 
_atom_sites.fract_transf_vector[1]      0.028215 
_atom_sites.fract_transf_vector[2]      -0.166949 
_atom_sites.fract_transf_vector[3]      -0.148457 
# 
loop_
_atom_type.symbol 
C  
N  
O  
SE 
# 
loop_
_atom_site.group_PDB 
_atom_site.id 
_atom_site.type_symbol 
_atom_site.label_atom_id 
_atom_site.label_alt_id 
_atom_site.label_comp_id 
_atom_site.label_asym_id 
_atom_site.label_entity_id 
_atom_site.label_seq_id 
_atom_site.pdbx_PDB_ins_code 
_atom_site.Cartn_x 
_atom_site.Cartn_y 
_atom_site.Cartn_z 
_atom_site.occupancy 
_atom_site.B_iso_or_equiv 
_atom_site.pdbx_formal_charge 
_atom_site.auth_seq_id 
_atom_site.auth_comp_id 
_atom_site.auth_asym_id 
_atom_site.auth_atom_id 
_atom_site.pdbx_PDB_model_num 
ATOM   1   N  N   . SER A 1 1   ? -32.435 6.106   -6.371  1.00 54.70 ? -2  SER A N   1 
ATOM   2   C  CA  . SER A 1 1   ? -31.868 6.580   -5.062  1.00 54.36 ? -2  SER A CA  1 
ATOM   3   C  C   . SER A 1 1   ? -30.330 6.677   -5.099  1.00 53.87 ? -2  SER A C   1 
ATOM   4   O  O   . SER A 1 1   ? -29.649 5.908   -5.809  1.00 55.09 ? -2  SER A O   1 
ATOM   5   C  CB  . SER A 1 1   ? -32.386 5.702   -3.883  1.00 54.89 ? -2  SER A CB  1 
ATOM   6   O  OG  . SER A 1 1   ? -31.485 5.663   -2.776  1.00 53.22 ? -2  SER A OG  1 
ATOM   7   N  N   . ASN A 1 2   ? -29.779 7.628   -4.337  1.00 51.97 ? -1  ASN A N   1 
ATOM   8   C  CA  . ASN A 1 2   ? -28.339 7.789   -4.234  1.00 49.18 ? -1  ASN A CA  1 
ATOM   9   C  C   . ASN A 1 2   ? -27.689 6.797   -3.226  1.00 45.87 ? -1  ASN A C   1 
ATOM   10  O  O   . ASN A 1 2   ? -26.502 6.893   -2.961  1.00 44.07 ? -1  ASN A O   1 
ATOM   11  C  CB  . ASN A 1 2   ? -28.061 9.218   -3.745  1.00 51.13 ? -1  ASN A CB  1 
ATOM   12  C  CG  . ASN A 1 2   ? -27.458 10.113  -4.814  1.00 55.21 ? -1  ASN A CG  1 
ATOM   13  O  OD1 . ASN A 1 2   ? -26.218 10.273  -4.889  1.00 59.86 ? -1  ASN A OD1 1 
ATOM   14  N  ND2 . ASN A 1 2   ? -28.324 10.730  -5.635  1.00 56.70 ? -1  ASN A ND2 1 
ATOM   15  N  N   . ALA A 1 3   ? -28.475 5.877   -2.648  1.00 42.61 ? 0   ALA A N   1 
ATOM   16  C  CA  . ALA A 1 3   ? -28.049 5.173   -1.424  1.00 40.42 ? 0   ALA A CA  1 
ATOM   17  C  C   . ALA A 1 3   ? -26.775 4.345   -1.590  1.00 39.46 ? 0   ALA A C   1 
ATOM   18  O  O   . ALA A 1 3   ? -25.844 4.556   -0.839  1.00 39.48 ? 0   ALA A O   1 
ATOM   19  C  CB  . ALA A 1 3   ? -29.214 4.360   -0.742  1.00 39.92 ? 0   ALA A CB  1 
ATOM   20  N  N   . LEU A 1 4   ? -26.720 3.476   -2.604  1.00 38.89 ? 1   LEU A N   1 
ATOM   21  C  CA  . LEU A 1 4   ? -25.557 2.607   -2.895  1.00 39.28 ? 1   LEU A CA  1 
ATOM   22  C  C   . LEU A 1 4   ? -24.365 3.421   -3.270  1.00 38.32 ? 1   LEU A C   1 
ATOM   23  O  O   . LEU A 1 4   ? -23.212 3.076   -2.943  1.00 39.03 ? 1   LEU A O   1 
ATOM   24  C  CB  . LEU A 1 4   ? -25.857 1.659   -4.066  1.00 40.02 ? 1   LEU A CB  1 
ATOM   25  C  CG  . LEU A 1 4   ? -26.944 0.604   -3.783  1.00 43.27 ? 1   LEU A CG  1 
ATOM   26  C  CD1 . LEU A 1 4   ? -27.630 0.050   -5.058  1.00 45.25 ? 1   LEU A CD1 1 
ATOM   27  C  CD2 . LEU A 1 4   ? -26.373 -0.527  -2.926  1.00 45.86 ? 1   LEU A CD2 1 
ATOM   28  N  N   . LYS A 1 5   ? -24.614 4.502   -3.985  1.00 37.32 ? 2   LYS A N   1 
ATOM   29  C  CA  . LYS A 1 5   ? -23.529 5.408   -4.310  1.00 38.64 ? 2   LYS A CA  1 
ATOM   30  C  C   . LYS A 1 5   ? -22.943 5.977   -3.023  1.00 36.02 ? 2   LYS A C   1 
ATOM   31  O  O   . LYS A 1 5   ? -21.752 6.004   -2.832  1.00 34.92 ? 2   LYS A O   1 
ATOM   32  C  CB  . LYS A 1 5   ? -24.010 6.536   -5.258  1.00 39.75 ? 2   LYS A CB  1 
ATOM   33  C  CG  . LYS A 1 5   ? -22.912 7.519   -5.617  1.00 46.63 ? 2   LYS A CG  1 
ATOM   34  C  CD  . LYS A 1 5   ? -22.153 7.155   -6.910  1.00 54.99 ? 2   LYS A CD  1 
ATOM   35  C  CE  . LYS A 1 5   ? -22.681 7.892   -8.185  1.00 55.61 ? 2   LYS A CE  1 
ATOM   36  N  NZ  . LYS A 1 5   ? -21.627 7.806   -9.324  1.00 58.21 ? 2   LYS A NZ  1 
ATOM   37  N  N   . ASP A 1 6   ? -23.800 6.428   -2.130  1.00 35.02 ? 3   ASP A N   1 
ATOM   38  C  CA  . ASP A 1 6   ? -23.331 7.029   -0.869  1.00 34.88 ? 3   ASP A CA  1 
ATOM   39  C  C   . ASP A 1 6   ? -22.622 6.006   0.010   1.00 33.28 ? 3   ASP A C   1 
ATOM   40  O  O   . ASP A 1 6   ? -21.713 6.347   0.699   1.00 34.68 ? 3   ASP A O   1 
ATOM   41  C  CB  . ASP A 1 6   ? -24.539 7.608   -0.102  1.00 34.11 ? 3   ASP A CB  1 
ATOM   42  C  CG  . ASP A 1 6   ? -25.042 8.906   -0.729  1.00 37.64 ? 3   ASP A CG  1 
ATOM   43  O  OD1 . ASP A 1 6   ? -24.292 9.543   -1.503  1.00 41.73 ? 3   ASP A OD1 1 
ATOM   44  O  OD2 . ASP A 1 6   ? -26.170 9.286   -0.485  1.00 38.15 ? 3   ASP A OD2 1 
ATOM   45  N  N   . VAL A 1 7   ? -23.069 4.756   -0.006  1.00 33.08 ? 4   VAL A N   1 
ATOM   46  C  CA  . VAL A 1 7   ? -22.452 3.717   0.832   1.00 32.30 ? 4   VAL A CA  1 
ATOM   47  C  C   . VAL A 1 7   ? -21.028 3.508   0.317   1.00 34.04 ? 4   VAL A C   1 
ATOM   48  O  O   . VAL A 1 7   ? -20.093 3.534   1.086   1.00 35.70 ? 4   VAL A O   1 
ATOM   49  C  CB  . VAL A 1 7   ? -23.248 2.408   0.739   1.00 31.61 ? 4   VAL A CB  1 
ATOM   50  C  CG1 . VAL A 1 7   ? -22.408 1.176   1.089   1.00 29.93 ? 4   VAL A CG1 1 
ATOM   51  C  CG2 . VAL A 1 7   ? -24.541 2.456   1.601   1.00 28.21 ? 4   VAL A CG2 1 
ATOM   52  N  N   . LEU A 1 8   ? -20.863 3.309   -0.981  1.00 34.17 ? 5   LEU A N   1 
ATOM   53  C  CA  . LEU A 1 8   ? -19.503 3.205   -1.574  1.00 35.87 ? 5   LEU A CA  1 
ATOM   54  C  C   . LEU A 1 8   ? -18.605 4.412   -1.236  1.00 36.62 ? 5   LEU A C   1 
ATOM   55  O  O   . LEU A 1 8   ? -17.390 4.301   -1.027  1.00 36.49 ? 5   LEU A O   1 
ATOM   56  C  CB  . LEU A 1 8   ? -19.640 3.052   -3.117  1.00 34.34 ? 5   LEU A CB  1 
ATOM   57  C  CG  . LEU A 1 8   ? -18.282 2.999   -3.881  1.00 37.77 ? 5   LEU A CG  1 
ATOM   58  C  CD1 . LEU A 1 8   ? -17.421 1.838   -3.381  1.00 40.95 ? 5   LEU A CD1 1 
ATOM   59  C  CD2 . LEU A 1 8   ? -18.588 2.861   -5.385  1.00 37.61 ? 5   LEU A CD2 1 
ATOM   60  N  N   . ASN A 1 9   ? -19.192 5.608   -1.262  1.00 39.34 ? 6   ASN A N   1 
ATOM   61  C  CA  . ASN A 1 9   ? -18.460 6.839   -0.937  1.00 41.71 ? 6   ASN A CA  1 
ATOM   62  C  C   . ASN A 1 9   ? -17.948 6.791   0.531   1.00 41.47 ? 6   ASN A C   1 
ATOM   63  O  O   . ASN A 1 9   ? -16.796 7.143   0.820   1.00 42.28 ? 6   ASN A O   1 
ATOM   64  C  CB  . ASN A 1 9   ? -19.423 7.997   -1.083  1.00 43.37 ? 6   ASN A CB  1 
ATOM   65  C  CG  . ASN A 1 9   ? -18.832 9.120   -1.816  1.00 52.60 ? 6   ASN A CG  1 
ATOM   66  O  OD1 . ASN A 1 9   ? -17.819 9.711   -1.375  1.00 61.36 ? 6   ASN A OD1 1 
ATOM   67  N  ND2 . ASN A 1 9   ? -19.422 9.431   -2.996  1.00 57.28 ? 6   ASN A ND2 1 
ATOM   68  N  N   . ILE A 1 10  ? -18.797 6.308   1.439   1.00 41.04 ? 7   ILE A N   1 
ATOM   69  C  CA  . ILE A 1 10  ? -18.348 6.007   2.803   1.00 41.05 ? 7   ILE A CA  1 
ATOM   70  C  C   . ILE A 1 10  ? -17.098 5.142   2.808   1.00 41.43 ? 7   ILE A C   1 
ATOM   71  O  O   . ILE A 1 10  ? -16.108 5.454   3.470   1.00 41.29 ? 7   ILE A O   1 
ATOM   72  C  CB  . ILE A 1 10  ? -19.437 5.315   3.634   1.00 40.94 ? 7   ILE A CB  1 
ATOM   73  C  CG1 . ILE A 1 10  ? -20.622 6.265   3.902   1.00 43.02 ? 7   ILE A CG1 1 
ATOM   74  C  CG2 . ILE A 1 10  ? -18.889 4.839   5.019   1.00 41.13 ? 7   ILE A CG2 1 
ATOM   75  C  CD1 . ILE A 1 10  ? -20.184 7.656   4.310   1.00 47.37 ? 7   ILE A CD1 1 
ATOM   76  N  N   . LEU A 1 11  ? -17.141 4.053   2.046   1.00 41.49 ? 8   LEU A N   1 
ATOM   77  C  CA  . LEU A 1 11  ? -16.088 3.049   2.073   1.00 40.78 ? 8   LEU A CA  1 
ATOM   78  C  C   . LEU A 1 11  ? -14.806 3.672   1.516   1.00 41.79 ? 8   LEU A C   1 
ATOM   79  O  O   . LEU A 1 11  ? -13.718 3.422   2.021   1.00 43.11 ? 8   LEU A O   1 
ATOM   80  C  CB  . LEU A 1 11  ? -16.516 1.799   1.290   1.00 39.75 ? 8   LEU A CB  1 
ATOM   81  C  CG  . LEU A 1 11  ? -17.728 1.008   1.865   1.00 42.05 ? 8   LEU A CG  1 
ATOM   82  C  CD1 . LEU A 1 11  ? -18.157 -0.181  0.987   1.00 42.89 ? 8   LEU A CD1 1 
ATOM   83  C  CD2 . LEU A 1 11  ? -17.484 0.606   3.337   1.00 37.90 ? 8   LEU A CD2 1 
ATOM   84  N  N   . LEU A 1 12  ? -14.955 4.468   0.466   1.00 42.53 ? 9   LEU A N   1 
ATOM   85  C  CA  . LEU A 1 12  ? -13.846 5.133   -0.218  1.00 42.02 ? 9   LEU A CA  1 
ATOM   86  C  C   . LEU A 1 12  ? -13.111 6.134   0.683   1.00 44.05 ? 9   LEU A C   1 
ATOM   87  O  O   . LEU A 1 12  ? -11.862 6.100   0.772   1.00 43.68 ? 9   LEU A O   1 
ATOM   88  C  CB  . LEU A 1 12  ? -14.349 5.804   -1.521  1.00 41.76 ? 9   LEU A CB  1 
ATOM   89  C  CG  . LEU A 1 12  ? -14.688 4.891   -2.745  1.00 38.28 ? 9   LEU A CG  1 
ATOM   90  C  CD1 . LEU A 1 12  ? -15.502 5.608   -3.756  1.00 39.32 ? 9   LEU A CD1 1 
ATOM   91  C  CD2 . LEU A 1 12  ? -13.408 4.360   -3.391  1.00 38.47 ? 9   LEU A CD2 1 
HETATM 92  N  N   . MSE A 1 13  ? -13.875 7.014   1.323   1.00 44.54 ? 10  MSE A N   1 
HETATM 93  C  CA  . MSE A 1 13  ? -13.372 8.017   2.273   1.00 46.74 ? 10  MSE A CA  1 
HETATM 94  C  C   . MSE A 1 13  ? -12.722 7.381   3.494   1.00 47.38 ? 10  MSE A C   1 
HETATM 95  O  O   . MSE A 1 13  ? -11.650 7.809   3.942   1.00 47.96 ? 10  MSE A O   1 
HETATM 96  C  CB  . MSE A 1 13  ? -14.494 8.963   2.735   1.00 47.37 ? 10  MSE A CB  1 
HETATM 97  C  CG  . MSE A 1 13  ? -15.091 9.874   1.665   1.00 51.55 ? 10  MSE A CG  1 
HETATM 98  SE SE  . MSE A 1 13  ? -13.749 10.784  0.461   0.70 63.20 ? 10  MSE A SE  1 
HETATM 99  C  CE  . MSE A 1 13  ? -12.732 11.807  1.802   1.00 60.08 ? 10  MSE A CE  1 
ATOM   100 N  N   . ASP A 1 14  ? -13.377 6.379   4.062   1.00 47.36 ? 11  ASP A N   1 
ATOM   101 C  CA  . ASP A 1 14  ? -12.803 5.634   5.163   1.00 47.19 ? 11  ASP A CA  1 
ATOM   102 C  C   . ASP A 1 14  ? -11.409 5.106   4.824   1.00 47.65 ? 11  ASP A C   1 
ATOM   103 O  O   . ASP A 1 14  ? -10.532 5.151   5.666   1.00 46.79 ? 11  ASP A O   1 
ATOM   104 C  CB  . ASP A 1 14  ? -13.725 4.453   5.521   1.00 47.86 ? 11  ASP A CB  1 
ATOM   105 C  CG  . ASP A 1 14  ? -13.202 3.614   6.676   1.00 48.92 ? 11  ASP A CG  1 
ATOM   106 O  OD1 . ASP A 1 14  ? -13.159 4.144   7.824   1.00 47.72 ? 11  ASP A OD1 1 
ATOM   107 O  OD2 . ASP A 1 14  ? -12.893 2.403   6.429   1.00 48.60 ? 11  ASP A OD2 1 
ATOM   108 N  N   . GLU A 1 15  ? -11.216 4.574   3.611   1.00 46.92 ? 12  GLU A N   1 
ATOM   109 C  CA  . GLU A 1 15  ? -9.973  3.929   3.282   1.00 46.48 ? 12  GLU A CA  1 
ATOM   110 C  C   . GLU A 1 15  ? -8.934  5.004   3.067   1.00 46.81 ? 12  GLU A C   1 
ATOM   111 O  O   . GLU A 1 15  ? -7.792  4.780   3.338   1.00 47.08 ? 12  GLU A O   1 
ATOM   112 C  CB  . GLU A 1 15  ? -10.068 3.051   2.030   1.00 46.23 ? 12  GLU A CB  1 
ATOM   113 C  CG  . GLU A 1 15  ? -8.658  2.504   1.515   1.00 46.62 ? 12  GLU A CG  1 
ATOM   114 C  CD  . GLU A 1 15  ? -7.816  1.822   2.614   1.00 48.61 ? 12  GLU A CD  1 
ATOM   115 O  OE1 . GLU A 1 15  ? -8.411  1.225   3.545   1.00 44.95 ? 12  GLU A OE1 1 
ATOM   116 O  OE2 . GLU A 1 15  ? -6.569  1.922   2.581   1.00 50.67 ? 12  GLU A OE2 1 
ATOM   117 N  N   . ILE A 1 16  ? -9.347  6.175   2.586   1.00 46.81 ? 13  ILE A N   1 
ATOM   118 C  CA  . ILE A 1 16  ? -8.471  7.330   2.519   1.00 46.70 ? 13  ILE A CA  1 
ATOM   119 C  C   . ILE A 1 16  ? -7.947  7.743   3.904   1.00 46.88 ? 13  ILE A C   1 
ATOM   120 O  O   . ILE A 1 16  ? -6.743  7.998   4.052   1.00 47.01 ? 13  ILE A O   1 
ATOM   121 C  CB  . ILE A 1 16  ? -9.118  8.547   1.748   1.00 46.92 ? 13  ILE A CB  1 
ATOM   122 C  CG1 . ILE A 1 16  ? -9.127  8.260   0.232   1.00 45.02 ? 13  ILE A CG1 1 
ATOM   123 C  CG2 . ILE A 1 16  ? -8.333  9.878   2.019   1.00 46.64 ? 13  ILE A CG2 1 
ATOM   124 C  CD1 . ILE A 1 16  ? -9.922  9.230   -0.608  1.00 45.94 ? 13  ILE A CD1 1 
ATOM   125 N  N   . SER A 1 17  ? -8.820  7.812   4.907   1.00 46.96 ? 14  SER A N   1 
ATOM   126 C  CA  . SER A 1 17  ? -8.390  8.127   6.258   1.00 47.84 ? 14  SER A CA  1 
ATOM   127 C  C   . SER A 1 17  ? -7.437  7.060   6.745   1.00 47.15 ? 14  SER A C   1 
ATOM   128 O  O   . SER A 1 17  ? -6.441  7.362   7.388   1.00 47.91 ? 14  SER A O   1 
ATOM   129 C  CB  . SER A 1 17  ? -9.572  8.183   7.249   1.00 48.14 ? 14  SER A CB  1 
ATOM   130 O  OG  . SER A 1 17  ? -10.575 9.021   6.721   1.00 54.32 ? 14  SER A OG  1 
ATOM   131 N  N   . LYS A 1 18  ? -7.744  5.810   6.449   1.00 46.79 ? 15  LYS A N   1 
ATOM   132 C  CA  . LYS A 1 18  ? -6.903  4.713   6.890   1.00 47.29 ? 15  LYS A CA  1 
ATOM   133 C  C   . LYS A 1 18  ? -5.505  4.777   6.270   1.00 45.63 ? 15  LYS A C   1 
ATOM   134 O  O   . LYS A 1 18  ? -4.496  4.559   6.937   1.00 45.07 ? 15  LYS A O   1 
ATOM   135 C  CB  . LYS A 1 18  ? -7.574  3.364   6.570   1.00 47.46 ? 15  LYS A CB  1 
ATOM   136 C  CG  . LYS A 1 18  ? -8.553  2.934   7.659   1.00 49.41 ? 15  LYS A CG  1 
ATOM   137 C  CD  . LYS A 1 18  ? -9.384  1.688   7.275   1.00 50.52 ? 15  LYS A CD  1 
ATOM   138 C  CE  . LYS A 1 18  ? -10.447 1.491   8.370   1.00 56.93 ? 15  LYS A CE  1 
ATOM   139 N  NZ  . LYS A 1 18  ? -11.686 0.703   7.982   1.00 61.58 ? 15  LYS A NZ  1 
ATOM   140 N  N   . LEU A 1 19  ? -5.438  5.031   4.977   1.00 45.08 ? 16  LEU A N   1 
ATOM   141 C  CA  . LEU A 1 19  ? -4.153  5.072   4.324   1.00 44.82 ? 16  LEU A CA  1 
ATOM   142 C  C   . LEU A 1 19  ? -3.337  6.285   4.873   1.00 44.28 ? 16  LEU A C   1 
ATOM   143 O  O   . LEU A 1 19  ? -2.160  6.186   5.124   1.00 44.24 ? 16  LEU A O   1 
ATOM   144 C  CB  . LEU A 1 19  ? -4.348  5.204   2.812   1.00 43.81 ? 16  LEU A CB  1 
ATOM   145 C  CG  . LEU A 1 19  ? -2.989  5.226   2.128   1.00 45.57 ? 16  LEU A CG  1 
ATOM   146 C  CD1 . LEU A 1 19  ? -2.269  3.861   2.316   1.00 42.53 ? 16  LEU A CD1 1 
ATOM   147 C  CD2 . LEU A 1 19  ? -3.173  5.631   0.618   1.00 45.12 ? 16  LEU A CD2 1 
ATOM   148 N  N   . LYS A 1 20  ? -3.987  7.419   5.061   1.00 45.19 ? 17  LYS A N   1 
ATOM   149 C  CA  . LYS A 1 20  ? -3.351  8.629   5.622   1.00 45.58 ? 17  LYS A CA  1 
ATOM   150 C  C   . LYS A 1 20  ? -2.756  8.383   7.009   1.00 46.08 ? 17  LYS A C   1 
ATOM   151 O  O   . LYS A 1 20  ? -1.660  8.879   7.319   1.00 44.25 ? 17  LYS A O   1 
ATOM   152 C  CB  . LYS A 1 20  ? -4.368  9.782   5.740   1.00 45.01 ? 17  LYS A CB  1 
ATOM   153 C  CG  . LYS A 1 20  ? -4.541  10.552  4.455   1.00 46.25 ? 17  LYS A CG  1 
ATOM   154 C  CD  . LYS A 1 20  ? -5.480  11.739  4.698   1.00 48.93 ? 17  LYS A CD  1 
ATOM   155 C  CE  . LYS A 1 20  ? -5.459  12.789  3.587   1.00 49.89 ? 17  LYS A CE  1 
ATOM   156 N  NZ  . LYS A 1 20  ? -6.542  13.795  3.883   1.00 51.57 ? 17  LYS A NZ  1 
ATOM   157 N  N   . ASP A 1 21  ? -3.515  7.653   7.838   1.00 45.34 ? 18  ASP A N   1 
ATOM   158 C  CA  . ASP A 1 21  ? -3.047  7.247   9.148   1.00 47.54 ? 18  ASP A CA  1 
ATOM   159 C  C   . ASP A 1 21  ? -1.837  6.302   9.025   1.00 46.70 ? 18  ASP A C   1 
ATOM   160 O  O   . ASP A 1 21  ? -0.850  6.476   9.727   1.00 45.55 ? 18  ASP A O   1 
ATOM   161 C  CB  . ASP A 1 21  ? -4.159  6.536   9.927   1.00 48.12 ? 18  ASP A CB  1 
ATOM   162 C  CG  . ASP A 1 21  ? -5.190  7.515   10.549  1.00 54.57 ? 18  ASP A CG  1 
ATOM   163 O  OD1 . ASP A 1 21  ? -5.178  8.745   10.266  1.00 59.24 ? 18  ASP A OD1 1 
ATOM   164 O  OD2 . ASP A 1 21  ? -6.042  7.039   11.345  1.00 60.78 ? 18  ASP A OD2 1 
ATOM   165 N  N   . PHE A 1 22  ? -1.944  5.292   8.159   1.00 45.59 ? 19  PHE A N   1 
ATOM   166 C  CA  . PHE A 1 22  ? -0.827  4.373   7.881   1.00 45.47 ? 19  PHE A CA  1 
ATOM   167 C  C   . PHE A 1 22  ? 0.442   5.159   7.557   1.00 45.57 ? 19  PHE A C   1 
ATOM   168 O  O   . PHE A 1 22  ? 1.544   4.862   8.066   1.00 45.25 ? 19  PHE A O   1 
ATOM   169 C  CB  . PHE A 1 22  ? -1.172  3.432   6.686   1.00 45.57 ? 19  PHE A CB  1 
ATOM   170 C  CG  . PHE A 1 22  ? 0.030   2.671   6.125   1.00 45.85 ? 19  PHE A CG  1 
ATOM   171 C  CD1 . PHE A 1 22  ? 0.573   1.577   6.808   1.00 46.31 ? 19  PHE A CD1 1 
ATOM   172 C  CD2 . PHE A 1 22  ? 0.621   3.071   4.955   1.00 46.73 ? 19  PHE A CD2 1 
ATOM   173 C  CE1 . PHE A 1 22  ? 1.641   0.890   6.303   1.00 47.13 ? 19  PHE A CE1 1 
ATOM   174 C  CE2 . PHE A 1 22  ? 1.747   2.403   4.433   1.00 48.90 ? 19  PHE A CE2 1 
ATOM   175 C  CZ  . PHE A 1 22  ? 2.237   1.293   5.109   1.00 49.07 ? 19  PHE A CZ  1 
ATOM   176 N  N   . LEU A 1 23  ? 0.294   6.127   6.660   1.00 44.40 ? 20  LEU A N   1 
ATOM   177 C  CA  . LEU A 1 23  ? 1.453   6.817   6.109   1.00 43.37 ? 20  LEU A CA  1 
ATOM   178 C  C   . LEU A 1 23  ? 1.992   7.807   7.156   1.00 43.30 ? 20  LEU A C   1 
ATOM   179 O  O   . LEU A 1 23  ? 3.199   7.934   7.321   1.00 42.50 ? 20  LEU A O   1 
ATOM   180 C  CB  . LEU A 1 23  ? 1.040   7.566   4.841   1.00 43.27 ? 20  LEU A CB  1 
ATOM   181 C  CG  . LEU A 1 23  ? 0.742   6.730   3.597   1.00 44.42 ? 20  LEU A CG  1 
ATOM   182 C  CD1 . LEU A 1 23  ? 0.340   7.667   2.462   1.00 41.92 ? 20  LEU A CD1 1 
ATOM   183 C  CD2 . LEU A 1 23  ? 2.008   5.947   3.247   1.00 44.88 ? 20  LEU A CD2 1 
ATOM   184 N  N   . SER A 1 24  ? 1.095   8.465   7.890   1.00 41.29 ? 21  SER A N   1 
ATOM   185 C  CA  . SER A 1 24  ? 1.531   9.414   8.934   1.00 42.23 ? 21  SER A CA  1 
ATOM   186 C  C   . SER A 1 24  ? 2.289   8.716   10.063  1.00 42.04 ? 21  SER A C   1 
ATOM   187 O  O   . SER A 1 24  ? 3.188   9.292   10.669  1.00 41.09 ? 21  SER A O   1 
ATOM   188 C  CB  . SER A 1 24  ? 0.353   10.180  9.510   1.00 41.74 ? 21  SER A CB  1 
ATOM   189 O  OG  . SER A 1 24  ? -0.180  11.034  8.522   1.00 44.73 ? 21  SER A OG  1 
ATOM   190 N  N   . ASN A 1 25  ? 1.953   7.467   10.316  1.00 41.80 ? 22  ASN A N   1 
ATOM   191 C  CA  . ASN A 1 25  ? 2.608   6.677   11.381  1.00 42.56 ? 22  ASN A CA  1 
ATOM   192 C  C   . ASN A 1 25  ? 4.065   6.462   11.027  1.00 41.80 ? 22  ASN A C   1 
ATOM   193 O  O   . ASN A 1 25  ? 4.871   6.097   11.868  1.00 40.28 ? 22  ASN A O   1 
ATOM   194 C  CB  . ASN A 1 25  ? 1.947   5.299   11.446  1.00 43.17 ? 22  ASN A CB  1 
ATOM   195 C  CG  . ASN A 1 25  ? 2.520   4.416   12.553  1.00 47.67 ? 22  ASN A CG  1 
ATOM   196 O  OD1 . ASN A 1 25  ? 2.475   4.767   13.755  1.00 50.19 ? 22  ASN A OD1 1 
ATOM   197 N  ND2 . ASN A 1 25  ? 3.056   3.259   12.158  1.00 49.21 ? 22  ASN A ND2 1 
ATOM   198 N  N   . LEU A 1 26  ? 4.389   6.632   9.750   1.00 41.10 ? 23  LEU A N   1 
ATOM   199 C  CA  . LEU A 1 26  ? 5.804   6.439   9.306   1.00 41.49 ? 23  LEU A CA  1 
ATOM   200 C  C   . LEU A 1 26  ? 6.670   7.658   9.499   1.00 41.68 ? 23  LEU A C   1 
ATOM   201 O  O   . LEU A 1 26  ? 7.889   7.595   9.237   1.00 42.59 ? 23  LEU A O   1 
ATOM   202 C  CB  . LEU A 1 26  ? 5.872   5.998   7.848   1.00 40.56 ? 23  LEU A CB  1 
ATOM   203 C  CG  . LEU A 1 26  ? 5.041   4.767   7.492   1.00 42.93 ? 23  LEU A CG  1 
ATOM   204 C  CD1 . LEU A 1 26  ? 5.120   4.631   5.923   1.00 44.80 ? 23  LEU A CD1 1 
ATOM   205 C  CD2 . LEU A 1 26  ? 5.614   3.543   8.220   1.00 42.51 ? 23  LEU A CD2 1 
ATOM   206 N  N   . ASP A 1 27  ? 6.092   8.777   9.929   1.00 40.85 ? 24  ASP A N   1 
ATOM   207 C  CA  . ASP A 1 27  ? 6.890   10.007  10.072  1.00 41.41 ? 24  ASP A CA  1 
ATOM   208 C  C   . ASP A 1 27  ? 8.054   9.873   11.017  1.00 41.28 ? 24  ASP A C   1 
ATOM   209 O  O   . ASP A 1 27  ? 9.104   10.429  10.759  1.00 42.05 ? 24  ASP A O   1 
ATOM   210 C  CB  . ASP A 1 27  ? 6.030   11.205  10.535  1.00 41.15 ? 24  ASP A CB  1 
ATOM   211 C  CG  . ASP A 1 27  ? 4.977   11.627  9.500   1.00 42.27 ? 24  ASP A CG  1 
ATOM   212 O  OD1 . ASP A 1 27  ? 5.040   11.195  8.325   1.00 44.42 ? 24  ASP A OD1 1 
ATOM   213 O  OD2 . ASP A 1 27  ? 4.058   12.366  9.882   1.00 39.74 ? 24  ASP A OD2 1 
ATOM   214 N  N   . TYR A 1 28  ? 7.855   9.210   12.159  1.00 42.48 ? 25  TYR A N   1 
ATOM   215 C  CA  . TYR A 1 28  ? 8.899   9.108   13.198  1.00 42.78 ? 25  TYR A CA  1 
ATOM   216 C  C   . TYR A 1 28  ? 9.308   7.659   13.456  1.00 45.24 ? 25  TYR A C   1 
ATOM   217 O  O   . TYR A 1 28  ? 9.871   7.358   14.478  1.00 44.79 ? 25  TYR A O   1 
ATOM   218 C  CB  . TYR A 1 28  ? 8.453   9.825   14.504  1.00 41.48 ? 25  TYR A CB  1 
ATOM   219 C  CG  . TYR A 1 28  ? 7.961   11.200  14.163  1.00 37.97 ? 25  TYR A CG  1 
ATOM   220 C  CD1 . TYR A 1 28  ? 8.830   12.162  13.647  1.00 35.91 ? 25  TYR A CD1 1 
ATOM   221 C  CD2 . TYR A 1 28  ? 6.617   11.506  14.252  1.00 35.45 ? 25  TYR A CD2 1 
ATOM   222 C  CE1 . TYR A 1 28  ? 8.345   13.439  13.257  1.00 34.57 ? 25  TYR A CE1 1 
ATOM   223 C  CE2 . TYR A 1 28  ? 6.130   12.764  13.890  1.00 34.28 ? 25  TYR A CE2 1 
ATOM   224 C  CZ  . TYR A 1 28  ? 6.973   13.706  13.357  1.00 36.03 ? 25  TYR A CZ  1 
ATOM   225 O  OH  . TYR A 1 28  ? 6.435   14.927  12.963  1.00 36.64 ? 25  TYR A OH  1 
ATOM   226 N  N   . ILE A 1 29  ? 8.999   6.778   12.515  1.00 46.80 ? 26  ILE A N   1 
ATOM   227 C  CA  . ILE A 1 29  ? 9.245   5.339   12.653  1.00 49.12 ? 26  ILE A CA  1 
ATOM   228 C  C   . ILE A 1 29  ? 9.874   4.815   11.363  1.00 50.11 ? 26  ILE A C   1 
ATOM   229 O  O   . ILE A 1 29  ? 9.380   5.125   10.241  1.00 51.15 ? 26  ILE A O   1 
ATOM   230 C  CB  . ILE A 1 29  ? 7.898   4.568   13.029  1.00 49.80 ? 26  ILE A CB  1 
ATOM   231 C  CG1 . ILE A 1 29  ? 7.522   4.863   14.494  1.00 49.03 ? 26  ILE A CG1 1 
ATOM   232 C  CG2 . ILE A 1 29  ? 7.979   3.040   12.719  1.00 51.81 ? 26  ILE A CG2 1 
ATOM   233 C  CD1 . ILE A 1 29  ? 6.052   4.499   14.910  1.00 49.82 ? 26  ILE A CD1 1 
ATOM   234 N  N   . LYS A 1 30  ? 10.976  4.061   11.494  1.00 49.61 ? 27  LYS A N   1 
ATOM   235 C  CA  . LYS A 1 30  ? 11.500  3.285   10.369  1.00 49.55 ? 27  LYS A CA  1 
ATOM   236 C  C   . LYS A 1 30  ? 11.180  1.816   10.628  1.00 49.79 ? 27  LYS A C   1 
ATOM   237 O  O   . LYS A 1 30  ? 11.865  1.168   11.444  1.00 49.10 ? 27  LYS A O   1 
ATOM   238 C  CB  . LYS A 1 30  ? 13.005  3.453   10.242  1.00 49.96 ? 27  LYS A CB  1 
ATOM   239 C  CG  . LYS A 1 30  ? 13.488  4.846   9.964   1.00 52.69 ? 27  LYS A CG  1 
ATOM   240 C  CD  . LYS A 1 30  ? 15.027  4.844   10.052  1.00 58.17 ? 27  LYS A CD  1 
ATOM   241 C  CE  . LYS A 1 30  ? 15.659  6.135   9.507   1.00 63.62 ? 27  LYS A CE  1 
ATOM   242 N  NZ  . LYS A 1 30  ? 15.120  7.403   10.125  1.00 64.68 ? 27  LYS A NZ  1 
ATOM   243 N  N   . PRO A 1 31  ? 10.135  1.269   9.945   1.00 49.37 ? 28  PRO A N   1 
ATOM   244 C  CA  . PRO A 1 31  ? 9.747   -0.108  10.284  1.00 49.16 ? 28  PRO A CA  1 
ATOM   245 C  C   . PRO A 1 31  ? 10.919  -1.066  10.144  1.00 49.14 ? 28  PRO A C   1 
ATOM   246 O  O   . PRO A 1 31  ? 11.759  -0.924  9.237   1.00 47.88 ? 28  PRO A O   1 
ATOM   247 C  CB  . PRO A 1 31  ? 8.673   -0.449  9.239   1.00 48.96 ? 28  PRO A CB  1 
ATOM   248 C  CG  . PRO A 1 31  ? 8.086   0.934   8.840   1.00 48.18 ? 28  PRO A CG  1 
ATOM   249 C  CD  . PRO A 1 31  ? 9.271   1.858   8.894   1.00 49.05 ? 28  PRO A CD  1 
ATOM   250 N  N   . LYS A 1 32  ? 10.953  -2.034  11.044  1.00 49.13 ? 29  LYS A N   1 
ATOM   251 C  CA  . LYS A 1 32  ? 11.880  -3.160  10.941  1.00 50.03 ? 29  LYS A CA  1 
ATOM   252 C  C   . LYS A 1 32  ? 11.071  -4.355  10.459  1.00 49.38 ? 29  LYS A C   1 
ATOM   253 O  O   . LYS A 1 32  ? 10.118  -4.787  11.102  1.00 50.23 ? 29  LYS A O   1 
ATOM   254 C  CB  . LYS A 1 32  ? 12.577  -3.396  12.285  1.00 50.92 ? 29  LYS A CB  1 
ATOM   255 C  CG  . LYS A 1 32  ? 13.786  -2.426  12.524  1.00 50.95 ? 29  LYS A CG  1 
ATOM   256 C  CD  . LYS A 1 32  ? 14.062  -2.197  14.031  1.00 53.58 ? 29  LYS A CD  1 
ATOM   257 C  CE  . LYS A 1 32  ? 14.797  -0.819  14.277  1.00 57.92 ? 29  LYS A CE  1 
ATOM   258 N  NZ  . LYS A 1 32  ? 14.190  0.416   13.528  1.00 60.78 ? 29  LYS A NZ  1 
ATOM   259 N  N   . VAL A 1 33  ? 11.406  -4.827  9.268   1.00 48.85 ? 30  VAL A N   1 
ATOM   260 C  CA  . VAL A 1 33  ? 10.707  -5.917  8.576   1.00 47.31 ? 30  VAL A CA  1 
ATOM   261 C  C   . VAL A 1 33  ? 11.442  -7.253  8.763   1.00 46.98 ? 30  VAL A C   1 
ATOM   262 O  O   . VAL A 1 33  ? 12.635  -7.373  8.472   1.00 44.70 ? 30  VAL A O   1 
ATOM   263 C  CB  . VAL A 1 33  ? 10.642  -5.609  7.033   1.00 48.14 ? 30  VAL A CB  1 
ATOM   264 C  CG1 . VAL A 1 33  ? 9.642   -6.524  6.342   1.00 46.88 ? 30  VAL A CG1 1 
ATOM   265 C  CG2 . VAL A 1 33  ? 10.278  -4.129  6.779   1.00 48.78 ? 30  VAL A CG2 1 
ATOM   266 N  N   . ASN A 1 34  ? 10.709  -8.252  9.231   1.00 48.43 ? 31  ASN A N   1 
ATOM   267 C  CA  . ASN A 1 34  ? 11.220  -9.616  9.431   1.00 49.73 ? 31  ASN A CA  1 
ATOM   268 C  C   . ASN A 1 34  ? 10.998  -10.472 8.183   1.00 49.30 ? 31  ASN A C   1 
ATOM   269 O  O   . ASN A 1 34  ? 9.858   -10.632 7.731   1.00 48.87 ? 31  ASN A O   1 
ATOM   270 C  CB  . ASN A 1 34  ? 10.495  -10.281 10.621  1.00 50.57 ? 31  ASN A CB  1 
ATOM   271 C  CG  . ASN A 1 34  ? 10.887  -9.675  11.971  1.00 53.76 ? 31  ASN A CG  1 
ATOM   272 O  OD1 . ASN A 1 34  ? 11.724  -8.770  12.051  1.00 57.52 ? 31  ASN A OD1 1 
ATOM   273 N  ND2 . ASN A 1 34  ? 10.304  -10.195 13.038  1.00 57.14 ? 31  ASN A ND2 1 
ATOM   274 N  N   . ILE A 1 35  ? 12.082  -10.983 7.609   1.00 48.21 ? 32  ILE A N   1 
ATOM   275 C  CA  . ILE A 1 35  ? 11.985  -11.916 6.486   1.00 47.32 ? 32  ILE A CA  1 
ATOM   276 C  C   . ILE A 1 35  ? 12.864  -13.115 6.836   1.00 47.28 ? 32  ILE A C   1 
ATOM   277 O  O   . ILE A 1 35  ? 14.102  -13.102 6.628   1.00 44.52 ? 32  ILE A O   1 
ATOM   278 C  CB  . ILE A 1 35  ? 12.388  -11.265 5.118   1.00 47.53 ? 32  ILE A CB  1 
ATOM   279 C  CG1 . ILE A 1 35  ? 11.471  -10.078 4.794   1.00 45.81 ? 32  ILE A CG1 1 
ATOM   280 C  CG2 . ILE A 1 35  ? 12.338  -12.318 3.989   1.00 48.07 ? 32  ILE A CG2 1 
ATOM   281 C  CD1 . ILE A 1 35  ? 12.018  -9.185  3.749   1.00 43.25 ? 32  ILE A CD1 1 
ATOM   282 N  N   . GLU A 1 36  ? 12.210  -14.140 7.403   1.00 47.72 ? 33  GLU A N   1 
ATOM   283 C  CA  . GLU A 1 36  ? 12.896  -15.271 7.989   1.00 49.41 ? 33  GLU A CA  1 
ATOM   284 C  C   . GLU A 1 36  ? 13.909  -14.728 8.979   1.00 49.12 ? 33  GLU A C   1 
ATOM   285 O  O   . GLU A 1 36  ? 13.563  -14.063 9.939   1.00 49.46 ? 33  GLU A O   1 
ATOM   286 C  CB  . GLU A 1 36  ? 13.611  -16.122 6.924   1.00 50.16 ? 33  GLU A CB  1 
ATOM   287 C  CG  . GLU A 1 36  ? 12.742  -17.154 6.205   1.00 56.00 ? 33  GLU A CG  1 
ATOM   288 C  CD  . GLU A 1 36  ? 11.856  -16.518 5.134   1.00 62.05 ? 33  GLU A CD  1 
ATOM   289 O  OE1 . GLU A 1 36  ? 12.422  -15.994 4.122   1.00 62.85 ? 33  GLU A OE1 1 
ATOM   290 O  OE2 . GLU A 1 36  ? 10.602  -16.570 5.314   1.00 63.20 ? 33  GLU A OE2 1 
ATOM   291 N  N   . GLU A 1 37  ? 15.174  -14.958 8.690   1.00 48.87 ? 34  GLU A N   1 
ATOM   292 C  CA  . GLU A 1 37  ? 16.210  -14.620 9.617   1.00 49.62 ? 34  GLU A CA  1 
ATOM   293 C  C   . GLU A 1 37  ? 16.631  -13.154 9.498   1.00 48.96 ? 34  GLU A C   1 
ATOM   294 O  O   . GLU A 1 37  ? 17.277  -12.630 10.407  1.00 49.98 ? 34  GLU A O   1 
ATOM   295 C  CB  . GLU A 1 37  ? 17.359  -15.613 9.451   1.00 50.01 ? 34  GLU A CB  1 
ATOM   296 C  CG  . GLU A 1 37  ? 16.957  -17.006 10.028  1.00 54.34 ? 34  GLU A CG  1 
ATOM   297 C  CD  . GLU A 1 37  ? 17.543  -18.225 9.275   1.00 60.52 ? 34  GLU A CD  1 
ATOM   298 O  OE1 . GLU A 1 37  ? 18.754  -18.207 8.871   1.00 60.18 ? 34  GLU A OE1 1 
ATOM   299 O  OE2 . GLU A 1 37  ? 16.771  -19.216 9.116   1.00 60.93 ? 34  GLU A OE2 1 
ATOM   300 N  N   . GLU A 1 38  ? 16.217  -12.495 8.406   1.00 47.51 ? 35  GLU A N   1 
ATOM   301 C  CA  . GLU A 1 38  ? 16.570  -11.100 8.113   1.00 46.03 ? 35  GLU A CA  1 
ATOM   302 C  C   . GLU A 1 38  ? 15.716  -10.133 8.890   1.00 44.66 ? 35  GLU A C   1 
ATOM   303 O  O   . GLU A 1 38  ? 14.506  -10.303 9.005   1.00 43.50 ? 35  GLU A O   1 
ATOM   304 C  CB  . GLU A 1 38  ? 16.369  -10.766 6.645   1.00 45.21 ? 35  GLU A CB  1 
ATOM   305 C  CG  . GLU A 1 38  ? 17.295  -11.474 5.669   1.00 47.80 ? 35  GLU A CG  1 
ATOM   306 C  CD  . GLU A 1 38  ? 16.944  -11.151 4.220   1.00 47.21 ? 35  GLU A CD  1 
ATOM   307 O  OE1 . GLU A 1 38  ? 15.776  -10.795 3.931   1.00 46.38 ? 35  GLU A OE1 1 
ATOM   308 O  OE2 . GLU A 1 38  ? 17.818  -11.306 3.353   1.00 47.72 ? 35  GLU A OE2 1 
ATOM   309 N  N   . ILE A 1 39  ? 16.362  -9.088  9.382   1.00 43.67 ? 36  ILE A N   1 
ATOM   310 C  CA  . ILE A 1 39  ? 15.662  -7.939  9.928   1.00 43.85 ? 36  ILE A CA  1 
ATOM   311 C  C   . ILE A 1 39  ? 16.106  -6.684  9.176   1.00 42.90 ? 36  ILE A C   1 
ATOM   312 O  O   . ILE A 1 39  ? 17.265  -6.304  9.234   1.00 42.71 ? 36  ILE A O   1 
ATOM   313 C  CB  . ILE A 1 39  ? 15.926  -7.793  11.419  1.00 43.78 ? 36  ILE A CB  1 
ATOM   314 C  CG1 . ILE A 1 39  ? 15.389  -9.032  12.163  1.00 44.15 ? 36  ILE A CG1 1 
ATOM   315 C  CG2 . ILE A 1 39  ? 15.284  -6.516  11.921  1.00 44.93 ? 36  ILE A CG2 1 
ATOM   316 C  CD1 . ILE A 1 39  ? 16.029  -9.278  13.531  1.00 44.80 ? 36  ILE A CD1 1 
ATOM   317 N  N   . ILE A 1 40  ? 15.179  -6.056  8.472   1.00 42.96 ? 37  ILE A N   1 
ATOM   318 C  CA  . ILE A 1 40  ? 15.535  -4.988  7.540   1.00 43.15 ? 37  ILE A CA  1 
ATOM   319 C  C   . ILE A 1 40  ? 14.742  -3.713  7.816   1.00 43.40 ? 37  ILE A C   1 
ATOM   320 O  O   . ILE A 1 40  ? 13.489  -3.704  7.877   1.00 42.70 ? 37  ILE A O   1 
ATOM   321 C  CB  . ILE A 1 40  ? 15.362  -5.425  6.053   1.00 42.31 ? 37  ILE A CB  1 
ATOM   322 C  CG1 . ILE A 1 40  ? 16.346  -6.558  5.692   1.00 45.15 ? 37  ILE A CG1 1 
ATOM   323 C  CG2 . ILE A 1 40  ? 15.590  -4.207  5.125   1.00 43.11 ? 37  ILE A CG2 1 
ATOM   324 C  CD1 . ILE A 1 40  ? 15.972  -7.348  4.420   1.00 43.41 ? 37  ILE A CD1 1 
ATOM   325 N  N   . GLU A 1 41  ? 15.491  -2.633  7.977   1.00 44.30 ? 38  GLU A N   1 
ATOM   326 C  CA  . GLU A 1 41  ? 14.900  -1.349  8.250   1.00 45.38 ? 38  GLU A CA  1 
ATOM   327 C  C   . GLU A 1 41  ? 14.592  -0.679  6.939   1.00 45.76 ? 38  GLU A C   1 
ATOM   328 O  O   . GLU A 1 41  ? 15.437  -0.657  6.022   1.00 45.45 ? 38  GLU A O   1 
ATOM   329 C  CB  . GLU A 1 41  ? 15.895  -0.487  9.033   1.00 46.14 ? 38  GLU A CB  1 
ATOM   330 C  CG  . GLU A 1 41  ? 15.330  0.810   9.563   1.00 48.34 ? 38  GLU A CG  1 
ATOM   331 C  CD  . GLU A 1 41  ? 16.362  1.555   10.380  1.00 51.74 ? 38  GLU A CD  1 
ATOM   332 O  OE1 . GLU A 1 41  ? 16.262  1.530   11.631  1.00 53.74 ? 38  GLU A OE1 1 
ATOM   333 O  OE2 . GLU A 1 41  ? 17.289  2.122   9.757   1.00 51.90 ? 38  GLU A OE2 1 
ATOM   334 N  N   . ILE A 1 42  ? 13.378  -0.144  6.848   1.00 45.26 ? 39  ILE A N   1 
ATOM   335 C  CA  . ILE A 1 42  ? 12.978  0.654   5.700   1.00 45.41 ? 39  ILE A CA  1 
ATOM   336 C  C   . ILE A 1 42  ? 12.448  1.989   6.185   1.00 45.86 ? 39  ILE A C   1 
ATOM   337 O  O   . ILE A 1 42  ? 12.188  2.159   7.376   1.00 43.49 ? 39  ILE A O   1 
ATOM   338 C  CB  . ILE A 1 42  ? 11.859  -0.061  4.832   1.00 45.86 ? 39  ILE A CB  1 
ATOM   339 C  CG1 . ILE A 1 42  ? 10.606  -0.347  5.664   1.00 45.41 ? 39  ILE A CG1 1 
ATOM   340 C  CG2 . ILE A 1 42  ? 12.408  -1.365  4.202   1.00 45.96 ? 39  ILE A CG2 1 
ATOM   341 C  CD1 . ILE A 1 42  ? 9.511   -1.019  4.908   1.00 43.11 ? 39  ILE A CD1 1 
ATOM   342 N  N   . ARG A 1 43  ? 12.240  2.886   5.218   1.00 46.50 ? 40  ARG A N   1 
ATOM   343 C  CA  . ARG A 1 43  ? 11.956  4.303   5.429   1.00 48.47 ? 40  ARG A CA  1 
ATOM   344 C  C   . ARG A 1 43  ? 10.670  4.680   4.734   1.00 45.51 ? 40  ARG A C   1 
ATOM   345 O  O   . ARG A 1 43  ? 10.333  4.125   3.683   1.00 45.31 ? 40  ARG A O   1 
ATOM   346 C  CB  . ARG A 1 43  ? 13.061  5.164   4.772   1.00 47.53 ? 40  ARG A CB  1 
ATOM   347 C  CG  . ARG A 1 43  ? 14.441  4.951   5.258   1.00 52.89 ? 40  ARG A CG  1 
ATOM   348 C  CD  . ARG A 1 43  ? 15.370  6.062   4.658   1.00 54.45 ? 40  ARG A CD  1 
ATOM   349 N  NE  . ARG A 1 43  ? 15.573  5.803   3.215   1.00 67.30 ? 40  ARG A NE  1 
ATOM   350 C  CZ  . ARG A 1 43  ? 15.578  6.723   2.239   1.00 70.77 ? 40  ARG A CZ  1 
ATOM   351 N  NH1 . ARG A 1 43  ? 15.363  8.019   2.484   1.00 71.04 ? 40  ARG A NH1 1 
ATOM   352 N  NH2 . ARG A 1 43  ? 15.777  6.331   0.991   1.00 72.20 ? 40  ARG A NH2 1 
ATOM   353 N  N   . LYS A 1 44  ? 9.977   5.660   5.305   1.00 45.27 ? 41  LYS A N   1 
ATOM   354 C  CA  . LYS A 1 44  ? 8.780   6.255   4.693   1.00 44.64 ? 41  LYS A CA  1 
ATOM   355 C  C   . LYS A 1 44  ? 8.993   6.527   3.217   1.00 45.32 ? 41  LYS A C   1 
ATOM   356 O  O   . LYS A 1 44  ? 8.133   6.203   2.394   1.00 44.04 ? 41  LYS A O   1 
ATOM   357 C  CB  . LYS A 1 44  ? 8.421   7.573   5.347   1.00 44.16 ? 41  LYS A CB  1 
ATOM   358 C  CG  . LYS A 1 44  ? 6.979   7.997   4.974   1.00 42.25 ? 41  LYS A CG  1 
ATOM   359 C  CD  . LYS A 1 44  ? 6.572   9.298   5.615   1.00 41.85 ? 41  LYS A CD  1 
ATOM   360 C  CE  . LYS A 1 44  ? 5.134   9.658   5.219   1.00 42.66 ? 41  LYS A CE  1 
ATOM   361 N  NZ  . LYS A 1 44  ? 4.693   10.958  5.842   1.00 37.93 ? 41  LYS A NZ  1 
ATOM   362 N  N   . GLU A 1 45  ? 10.135  7.122   2.881   1.00 46.20 ? 42  GLU A N   1 
ATOM   363 C  CA  A GLU A 1 45  ? 10.408  7.508   1.498   0.50 47.00 ? 42  GLU A CA  1 
ATOM   364 C  CA  B GLU A 1 45  ? 10.369  7.510   1.502   0.50 47.72 ? 42  GLU A CA  1 
ATOM   365 C  C   . GLU A 1 45  ? 10.298  6.301   0.572   1.00 47.41 ? 42  GLU A C   1 
ATOM   366 O  O   . GLU A 1 45  ? 9.781   6.414   -0.492  1.00 48.48 ? 42  GLU A O   1 
ATOM   367 C  CB  A GLU A 1 45  ? 11.794  8.176   1.349   0.50 46.79 ? 42  GLU A CB  1 
ATOM   368 C  CB  B GLU A 1 45  ? 11.691  8.283   1.325   0.50 47.40 ? 42  GLU A CB  1 
ATOM   369 C  CG  A GLU A 1 45  ? 12.074  9.305   2.335   0.50 47.22 ? 42  GLU A CG  1 
ATOM   370 C  CG  B GLU A 1 45  ? 11.596  9.326   0.230   0.50 48.74 ? 42  GLU A CG  1 
ATOM   371 C  CD  A GLU A 1 45  ? 12.369  8.795   3.753   0.50 46.05 ? 42  GLU A CD  1 
ATOM   372 C  CD  B GLU A 1 45  ? 12.934  9.921   -0.209  0.50 50.12 ? 42  GLU A CD  1 
ATOM   373 O  OE1 A GLU A 1 45  ? 13.493  8.357   4.021   0.50 49.29 ? 42  GLU A OE1 1 
ATOM   374 O  OE1 B GLU A 1 45  ? 13.963  9.743   0.500   0.50 52.96 ? 42  GLU A OE1 1 
ATOM   375 O  OE2 A GLU A 1 45  ? 11.484  8.844   4.606   0.50 42.31 ? 42  GLU A OE2 1 
ATOM   376 O  OE2 B GLU A 1 45  ? 12.940  10.582  -1.279  0.50 51.65 ? 42  GLU A OE2 1 
ATOM   377 N  N   . ASP A 1 46  ? 10.816  5.150   0.997   1.00 47.51 ? 43  ASP A N   1 
ATOM   378 C  CA  . ASP A 1 46  ? 10.847  3.941   0.164   1.00 48.19 ? 43  ASP A CA  1 
ATOM   379 C  C   . ASP A 1 46  ? 9.411   3.423   -0.055  1.00 47.51 ? 43  ASP A C   1 
ATOM   380 O  O   . ASP A 1 46  ? 9.031   2.919   -1.143  1.00 45.93 ? 43  ASP A O   1 
ATOM   381 C  CB  . ASP A 1 46  ? 11.657  2.806   0.863   1.00 48.89 ? 43  ASP A CB  1 
ATOM   382 C  CG  . ASP A 1 46  ? 13.110  3.215   1.255   1.00 54.24 ? 43  ASP A CG  1 
ATOM   383 O  OD1 . ASP A 1 46  ? 13.689  4.097   0.548   1.00 54.43 ? 43  ASP A OD1 1 
ATOM   384 O  OD2 . ASP A 1 46  ? 13.636  2.661   2.297   1.00 55.58 ? 43  ASP A OD2 1 
ATOM   385 N  N   . ILE A 1 47  ? 8.632   3.518   1.013   1.00 46.40 ? 44  ILE A N   1 
ATOM   386 C  CA  . ILE A 1 47  ? 7.259   3.065   1.004   1.00 46.44 ? 44  ILE A CA  1 
ATOM   387 C  C   . ILE A 1 47  ? 6.402   3.921   0.026   1.00 47.39 ? 44  ILE A C   1 
ATOM   388 O  O   . ILE A 1 47  ? 5.626   3.376   -0.779  1.00 46.99 ? 44  ILE A O   1 
ATOM   389 C  CB  . ILE A 1 47  ? 6.712   3.096   2.463   1.00 46.72 ? 44  ILE A CB  1 
ATOM   390 C  CG1 . ILE A 1 47  ? 7.313   1.915   3.248   1.00 47.29 ? 44  ILE A CG1 1 
ATOM   391 C  CG2 . ILE A 1 47  ? 5.149   2.996   2.466   1.00 45.71 ? 44  ILE A CG2 1 
ATOM   392 C  CD1 . ILE A 1 47  ? 7.413   2.082   4.780   1.00 46.45 ? 44  ILE A CD1 1 
ATOM   393 N  N   . ILE A 1 48  ? 6.544   5.245   0.126   1.00 47.91 ? 45  ILE A N   1 
ATOM   394 C  CA  . ILE A 1 48  ? 5.879   6.227   -0.756  1.00 48.50 ? 45  ILE A CA  1 
ATOM   395 C  C   . ILE A 1 48  ? 6.273   5.969   -2.192  1.00 47.68 ? 45  ILE A C   1 
ATOM   396 O  O   . ILE A 1 48  ? 5.436   5.900   -3.073  1.00 47.35 ? 45  ILE A O   1 
ATOM   397 C  CB  . ILE A 1 48  ? 6.257   7.666   -0.347  1.00 49.24 ? 45  ILE A CB  1 
ATOM   398 C  CG1 . ILE A 1 48  ? 5.822   7.984   1.112   1.00 51.33 ? 45  ILE A CG1 1 
ATOM   399 C  CG2 . ILE A 1 48  ? 5.830   8.721   -1.406  1.00 50.68 ? 45  ILE A CG2 1 
ATOM   400 C  CD1 . ILE A 1 48  ? 4.431   8.589   1.298   1.00 49.52 ? 45  ILE A CD1 1 
ATOM   401 N  N   . ASN A 1 49  ? 7.559   5.823   -2.444  1.00 47.72 ? 46  ASN A N   1 
ATOM   402 C  CA  . ASN A 1 49  ? 8.007   5.495   -3.801  1.00 48.31 ? 46  ASN A CA  1 
ATOM   403 C  C   . ASN A 1 49  ? 7.352   4.246   -4.405  1.00 47.20 ? 46  ASN A C   1 
ATOM   404 O  O   . ASN A 1 49  ? 6.943   4.287   -5.547  1.00 45.28 ? 46  ASN A O   1 
ATOM   405 C  CB  . ASN A 1 49  ? 9.554   5.467   -3.885  1.00 49.34 ? 46  ASN A CB  1 
ATOM   406 C  CG  . ASN A 1 49  ? 10.145  6.877   -3.792  1.00 52.55 ? 46  ASN A CG  1 
ATOM   407 O  OD1 . ASN A 1 49  ? 9.405   7.864   -3.817  1.00 57.81 ? 46  ASN A OD1 1 
ATOM   408 N  ND2 . ASN A 1 49  ? 11.456  6.977   -3.691  1.00 53.25 ? 46  ASN A ND2 1 
ATOM   409 N  N   . ALA A 1 50  ? 7.201   3.166   -3.620  1.00 45.25 ? 47  ALA A N   1 
ATOM   410 C  CA  . ALA A 1 50  ? 6.623   1.951   -4.144  1.00 44.53 ? 47  ALA A CA  1 
ATOM   411 C  C   . ALA A 1 50  ? 5.136   2.177   -4.433  1.00 44.81 ? 47  ALA A C   1 
ATOM   412 O  O   . ALA A 1 50  ? 4.597   1.743   -5.466  1.00 45.53 ? 47  ALA A O   1 
ATOM   413 C  CB  . ALA A 1 50  ? 6.770   0.810   -3.100  1.00 45.45 ? 47  ALA A CB  1 
ATOM   414 N  N   . LEU A 1 51  ? 4.458   2.814   -3.494  1.00 42.03 ? 48  LEU A N   1 
ATOM   415 C  CA  . LEU A 1 51  ? 3.000   3.010   -3.634  1.00 43.97 ? 48  LEU A CA  1 
ATOM   416 C  C   . LEU A 1 51  ? 2.675   3.954   -4.792  1.00 44.14 ? 48  LEU A C   1 
ATOM   417 O  O   . LEU A 1 51  ? 1.643   3.831   -5.447  1.00 44.23 ? 48  LEU A O   1 
ATOM   418 C  CB  . LEU A 1 51  ? 2.439   3.557   -2.331  1.00 41.69 ? 48  LEU A CB  1 
ATOM   419 C  CG  . LEU A 1 51  ? 2.306   2.509   -1.221  1.00 43.14 ? 48  LEU A CG  1 
ATOM   420 C  CD1 . LEU A 1 51  ? 1.800   3.173   0.113   1.00 44.61 ? 48  LEU A CD1 1 
ATOM   421 C  CD2 . LEU A 1 51  ? 1.364   1.377   -1.600  1.00 43.27 ? 48  LEU A CD2 1 
ATOM   422 N  N   . LYS A 1 52  ? 3.564   4.913   -5.038  1.00 44.06 ? 49  LYS A N   1 
ATOM   423 C  CA  . LYS A 1 52  ? 3.308   5.874   -6.086  1.00 45.47 ? 49  LYS A CA  1 
ATOM   424 C  C   . LYS A 1 52  ? 3.236   5.155   -7.428  1.00 44.58 ? 49  LYS A C   1 
ATOM   425 O  O   . LYS A 1 52  ? 2.590   5.627   -8.378  1.00 44.01 ? 49  LYS A O   1 
ATOM   426 C  CB  . LYS A 1 52  ? 4.362   6.989   -6.093  1.00 44.86 ? 49  LYS A CB  1 
ATOM   427 C  CG  . LYS A 1 52  ? 3.918   8.199   -5.255  1.00 45.50 ? 49  LYS A CG  1 
ATOM   428 C  CD  . LYS A 1 52  ? 5.047   9.134   -4.787  1.00 48.16 ? 49  LYS A CD  1 
ATOM   429 C  CE  . LYS A 1 52  ? 5.839   9.752   -5.867  1.00 56.74 ? 49  LYS A CE  1 
ATOM   430 N  NZ  . LYS A 1 52  ? 6.517   11.049  -5.425  1.00 62.92 ? 49  LYS A NZ  1 
ATOM   431 N  N   . LEU A 1 53  ? 3.856   3.982   -7.490  1.00 44.95 ? 50  LEU A N   1 
ATOM   432 C  CA  . LEU A 1 53  ? 3.889   3.214   -8.751  1.00 45.31 ? 50  LEU A CA  1 
ATOM   433 C  C   . LEU A 1 53  ? 2.462   2.795   -9.146  1.00 45.41 ? 50  LEU A C   1 
ATOM   434 O  O   . LEU A 1 53  ? 2.142   2.626   -10.322 1.00 43.28 ? 50  LEU A O   1 
ATOM   435 C  CB  . LEU A 1 53  ? 4.792   1.980   -8.625  1.00 44.21 ? 50  LEU A CB  1 
ATOM   436 C  CG  . LEU A 1 53  ? 6.315   2.187   -8.616  1.00 44.52 ? 50  LEU A CG  1 
ATOM   437 C  CD1 . LEU A 1 53  ? 7.064   0.837   -8.362  1.00 42.03 ? 50  LEU A CD1 1 
ATOM   438 C  CD2 . LEU A 1 53  ? 6.833   2.829   -9.927  1.00 44.41 ? 50  LEU A CD2 1 
ATOM   439 N  N   . PHE A 1 54  ? 1.610   2.656   -8.145  1.00 46.02 ? 51  PHE A N   1 
ATOM   440 C  CA  . PHE A 1 54  ? 0.252   2.196   -8.374  1.00 48.24 ? 51  PHE A CA  1 
ATOM   441 C  C   . PHE A 1 54  ? -0.668  3.347   -8.799  1.00 50.24 ? 51  PHE A C   1 
ATOM   442 O  O   . PHE A 1 54  ? -1.862  3.136   -9.031  1.00 50.65 ? 51  PHE A O   1 
ATOM   443 C  CB  . PHE A 1 54  ? -0.278  1.563   -7.080  1.00 48.38 ? 51  PHE A CB  1 
ATOM   444 C  CG  . PHE A 1 54  ? 0.374   0.226   -6.753  1.00 50.32 ? 51  PHE A CG  1 
ATOM   445 C  CD1 . PHE A 1 54  ? -0.185  -0.973  -7.222  1.00 46.34 ? 51  PHE A CD1 1 
ATOM   446 C  CD2 . PHE A 1 54  ? 1.569   0.171   -6.037  1.00 47.72 ? 51  PHE A CD2 1 
ATOM   447 C  CE1 . PHE A 1 54  ? 0.446   -2.232  -6.957  1.00 46.93 ? 51  PHE A CE1 1 
ATOM   448 C  CE2 . PHE A 1 54  ? 2.190   -1.084  -5.746  1.00 48.10 ? 51  PHE A CE2 1 
ATOM   449 C  CZ  . PHE A 1 54  ? 1.617   -2.278  -6.206  1.00 47.30 ? 51  PHE A CZ  1 
ATOM   450 N  N   . LYS A 1 55  ? -0.133  4.564   -8.920  1.00 51.84 ? 52  LYS A N   1 
ATOM   451 C  CA  . LYS A 1 55  ? -0.981  5.698   -9.330  1.00 53.72 ? 52  LYS A CA  1 
ATOM   452 C  C   . LYS A 1 55  ? -1.454  5.542   -10.766 1.00 55.01 ? 52  LYS A C   1 
ATOM   453 O  O   . LYS A 1 55  ? -2.590  5.862   -11.075 1.00 57.43 ? 52  LYS A O   1 
ATOM   454 C  CB  . LYS A 1 55  ? -0.293  7.051   -9.116  1.00 53.87 ? 52  LYS A CB  1 
ATOM   455 C  CG  . LYS A 1 55  ? -0.369  7.532   -7.638  1.00 54.62 ? 52  LYS A CG  1 
ATOM   456 C  CD  . LYS A 1 55  ? 0.555   8.702   -7.404  1.00 57.89 ? 52  LYS A CD  1 
ATOM   457 C  CE  . LYS A 1 55  ? -0.038  9.957   -8.008  1.00 61.91 ? 52  LYS A CE  1 
ATOM   458 N  NZ  . LYS A 1 55  ? 0.967   11.022  -8.123  1.00 65.10 ? 52  LYS A NZ  1 
ATOM   459 N  N   . GLY A 1 56  ? -0.617  5.007   -11.633 1.00 55.22 ? 53  GLY A N   1 
ATOM   460 C  CA  . GLY A 1 56  ? -1.038  4.828   -12.991 1.00 56.62 ? 53  GLY A CA  1 
ATOM   461 C  C   . GLY A 1 56  ? -1.262  3.399   -13.463 1.00 56.71 ? 53  GLY A C   1 
ATOM   462 O  O   . GLY A 1 56  ? -1.468  3.186   -14.659 1.00 57.45 ? 53  GLY A O   1 
ATOM   463 N  N   . LYS A 1 57  ? -1.218  2.421   -12.556 1.00 55.16 ? 54  LYS A N   1 
ATOM   464 C  CA  . LYS A 1 57  ? -1.329  1.028   -12.963 1.00 53.78 ? 54  LYS A CA  1 
ATOM   465 C  C   . LYS A 1 57  ? -1.730  0.156   -11.805 1.00 52.57 ? 54  LYS A C   1 
ATOM   466 O  O   . LYS A 1 57  ? -1.134  0.259   -10.733 1.00 51.48 ? 54  LYS A O   1 
ATOM   467 C  CB  . LYS A 1 57  ? -0.006  0.537   -13.527 1.00 54.68 ? 54  LYS A CB  1 
ATOM   468 C  CG  . LYS A 1 57  ? -0.183  -0.570  -14.534 1.00 56.66 ? 54  LYS A CG  1 
ATOM   469 C  CD  . LYS A 1 57  ? 1.178   -1.180  -14.852 1.00 60.66 ? 54  LYS A CD  1 
ATOM   470 C  CE  . LYS A 1 57  ? 1.082   -2.198  -15.985 1.00 61.79 ? 54  LYS A CE  1 
ATOM   471 N  NZ  . LYS A 1 57  ? -0.092  -3.110  -15.878 1.00 61.61 ? 54  LYS A NZ  1 
ATOM   472 N  N   . TYR A 1 58  ? -2.739  -0.700  -12.005 1.00 51.04 ? 55  TYR A N   1 
ATOM   473 C  CA  . TYR A 1 58  ? -3.309  -1.455  -10.890 1.00 49.79 ? 55  TYR A CA  1 
ATOM   474 C  C   . TYR A 1 58  ? -2.355  -2.542  -10.437 1.00 48.83 ? 55  TYR A C   1 
ATOM   475 O  O   . TYR A 1 58  ? -2.260  -2.828  -9.259  1.00 48.26 ? 55  TYR A O   1 
ATOM   476 C  CB  . TYR A 1 58  ? -4.684  -2.059  -11.254 1.00 51.32 ? 55  TYR A CB  1 
ATOM   477 C  CG  . TYR A 1 58  ? -5.449  -2.701  -10.110 1.00 49.47 ? 55  TYR A CG  1 
ATOM   478 C  CD1 . TYR A 1 58  ? -6.011  -1.936  -9.117  1.00 52.49 ? 55  TYR A CD1 1 
ATOM   479 C  CD2 . TYR A 1 58  ? -5.669  -4.081  -10.076 1.00 54.82 ? 55  TYR A CD2 1 
ATOM   480 C  CE1 . TYR A 1 58  ? -6.764  -2.520  -8.049  1.00 52.85 ? 55  TYR A CE1 1 
ATOM   481 C  CE2 . TYR A 1 58  ? -6.423  -4.689  -9.029  1.00 52.88 ? 55  TYR A CE2 1 
ATOM   482 C  CZ  . TYR A 1 58  ? -6.955  -3.891  -8.016  1.00 55.02 ? 55  TYR A CZ  1 
ATOM   483 O  OH  . TYR A 1 58  ? -7.685  -4.460  -6.969  1.00 55.59 ? 55  TYR A OH  1 
ATOM   484 N  N   . GLU A 1 59  ? -1.611  -3.107  -11.377 1.00 48.41 ? 56  GLU A N   1 
ATOM   485 C  CA  . GLU A 1 59  ? -0.792  -4.276  -11.107 1.00 49.50 ? 56  GLU A CA  1 
ATOM   486 C  C   . GLU A 1 59  ? 0.676   -3.981  -11.363 1.00 47.33 ? 56  GLU A C   1 
ATOM   487 O  O   . GLU A 1 59  ? 1.057   -3.614  -12.480 1.00 47.30 ? 56  GLU A O   1 
ATOM   488 C  CB  . GLU A 1 59  ? -1.253  -5.459  -11.971 1.00 49.54 ? 56  GLU A CB  1 
ATOM   489 C  CG  . GLU A 1 59  ? -0.517  -6.766  -11.665 1.00 52.29 ? 56  GLU A CG  1 
ATOM   490 C  CD  . GLU A 1 59  ? -1.010  -7.962  -12.509 1.00 54.18 ? 56  GLU A CD  1 
ATOM   491 O  OE1 . GLU A 1 59  ? -1.597  -7.753  -13.609 1.00 59.38 ? 56  GLU A OE1 1 
ATOM   492 O  OE2 . GLU A 1 59  ? -0.781  -9.120  -12.074 1.00 58.33 ? 56  GLU A OE2 1 
ATOM   493 N  N   . ILE A 1 60  ? 1.493   -4.157  -10.326 1.00 46.00 ? 57  ILE A N   1 
ATOM   494 C  CA  . ILE A 1 60  ? 2.915   -3.752  -10.372 1.00 44.81 ? 57  ILE A CA  1 
ATOM   495 C  C   . ILE A 1 60  ? 3.908   -4.912  -10.196 1.00 44.28 ? 57  ILE A C   1 
ATOM   496 O  O   . ILE A 1 60  ? 3.763   -5.731  -9.308  1.00 44.43 ? 57  ILE A O   1 
ATOM   497 C  CB  . ILE A 1 60  ? 3.218   -2.631  -9.350  1.00 44.99 ? 57  ILE A CB  1 
ATOM   498 C  CG1 . ILE A 1 60  ? 2.449   -1.329  -9.706  1.00 45.82 ? 57  ILE A CG1 1 
ATOM   499 C  CG2 . ILE A 1 60  ? 4.772   -2.320  -9.244  1.00 44.51 ? 57  ILE A CG2 1 
ATOM   500 C  CD1 . ILE A 1 60  ? 2.816   -0.697  -11.087 1.00 45.13 ? 57  ILE A CD1 1 
ATOM   501 N  N   . GLU A 1 61  ? 4.929   -4.949  -11.031 1.00 42.95 ? 58  GLU A N   1 
ATOM   502 C  CA  . GLU A 1 61  ? 5.988   -5.977  -10.915 1.00 42.55 ? 58  GLU A CA  1 
ATOM   503 C  C   . GLU A 1 61  ? 6.815   -5.885  -9.635  1.00 41.85 ? 58  GLU A C   1 
ATOM   504 O  O   . GLU A 1 61  ? 7.316   -4.794  -9.282  1.00 42.13 ? 58  GLU A O   1 
ATOM   505 C  CB  . GLU A 1 61  ? 6.889   -5.896  -12.127 1.00 41.76 ? 58  GLU A CB  1 
ATOM   506 C  CG  . GLU A 1 61  ? 6.196   -6.441  -13.399 1.00 43.21 ? 58  GLU A CG  1 
ATOM   507 C  CD  . GLU A 1 61  ? 6.900   -6.048  -14.656 1.00 47.05 ? 58  GLU A CD  1 
ATOM   508 O  OE1 . GLU A 1 61  ? 7.905   -5.334  -14.583 1.00 51.14 ? 58  GLU A OE1 1 
ATOM   509 O  OE2 . GLU A 1 61  ? 6.452   -6.452  -15.738 1.00 53.11 ? 58  GLU A OE2 1 
ATOM   510 N  N   . VAL A 1 62  ? 6.973   -7.018  -8.936  1.00 40.87 ? 59  VAL A N   1 
ATOM   511 C  CA  . VAL A 1 62  ? 7.722   -7.000  -7.675  1.00 40.33 ? 59  VAL A CA  1 
ATOM   512 C  C   . VAL A 1 62  ? 9.187   -6.547  -7.883  1.00 39.79 ? 59  VAL A C   1 
ATOM   513 O  O   . VAL A 1 62  ? 9.826   -6.074  -6.954  1.00 39.16 ? 59  VAL A O   1 
ATOM   514 C  CB  . VAL A 1 62  ? 7.732   -8.355  -6.951  1.00 39.94 ? 59  VAL A CB  1 
ATOM   515 C  CG1 . VAL A 1 62  ? 6.346   -8.765  -6.552  1.00 38.20 ? 59  VAL A CG1 1 
ATOM   516 C  CG2 . VAL A 1 62  ? 8.407   -9.465  -7.792  1.00 40.91 ? 59  VAL A CG2 1 
ATOM   517 N  N   . ASP A 1 63  ? 9.683   -6.712  -9.105  1.00 38.72 ? 60  ASP A N   1 
ATOM   518 C  CA  . ASP A 1 63  ? 11.055  -6.414  -9.423  1.00 39.72 ? 60  ASP A CA  1 
ATOM   519 C  C   . ASP A 1 63  ? 11.319  -4.901  -9.400  1.00 40.87 ? 60  ASP A C   1 
ATOM   520 O  O   . ASP A 1 63  ? 12.481  -4.470  -9.440  1.00 40.75 ? 60  ASP A O   1 
ATOM   521 C  CB  . ASP A 1 63  ? 11.395  -7.001  -10.803 1.00 39.83 ? 60  ASP A CB  1 
ATOM   522 C  CG  . ASP A 1 63  ? 11.612  -8.512  -10.771 1.00 38.06 ? 60  ASP A CG  1 
ATOM   523 O  OD1 . ASP A 1 63  ? 11.721  -9.104  -9.686  1.00 39.64 ? 60  ASP A OD1 1 
ATOM   524 O  OD2 . ASP A 1 63  ? 11.699  -9.109  -11.843 1.00 39.40 ? 60  ASP A OD2 1 
ATOM   525 N  N   . LYS A 1 64  ? 10.239  -4.101  -9.317  1.00 40.58 ? 61  LYS A N   1 
ATOM   526 C  CA  . LYS A 1 64  ? 10.370  -2.637  -9.188  1.00 41.92 ? 61  LYS A CA  1 
ATOM   527 C  C   . LYS A 1 64  ? 10.547  -2.111  -7.745  1.00 40.98 ? 61  LYS A C   1 
ATOM   528 O  O   . LYS A 1 64  ? 10.834  -0.948  -7.542  1.00 42.67 ? 61  LYS A O   1 
ATOM   529 C  CB  . LYS A 1 64  ? 9.156   -1.942  -9.842  1.00 41.99 ? 61  LYS A CB  1 
ATOM   530 C  CG  . LYS A 1 64  ? 9.123   -2.170  -11.354 1.00 42.04 ? 61  LYS A CG  1 
ATOM   531 C  CD  . LYS A 1 64  ? 7.933   -1.475  -11.942 1.00 47.07 ? 61  LYS A CD  1 
ATOM   532 C  CE  . LYS A 1 64  ? 8.022   -1.444  -13.445 1.00 50.82 ? 61  LYS A CE  1 
ATOM   533 N  NZ  . LYS A 1 64  ? 6.655   -1.302  -14.042 1.00 54.71 ? 61  LYS A NZ  1 
ATOM   534 N  N   . ILE A 1 65  ? 10.385  -2.980  -6.767  1.00 41.77 ? 62  ILE A N   1 
ATOM   535 C  CA  . ILE A 1 65  ? 10.250  -2.622  -5.346  1.00 41.68 ? 62  ILE A CA  1 
ATOM   536 C  C   . ILE A 1 65  ? 11.074  -3.582  -4.469  1.00 42.24 ? 62  ILE A C   1 
ATOM   537 O  O   . ILE A 1 65  ? 11.042  -4.792  -4.712  1.00 44.52 ? 62  ILE A O   1 
ATOM   538 C  CB  . ILE A 1 65  ? 8.748   -2.737  -4.892  1.00 41.62 ? 62  ILE A CB  1 
ATOM   539 C  CG1 . ILE A 1 65  ? 7.882   -1.738  -5.669  1.00 41.37 ? 62  ILE A CG1 1 
ATOM   540 C  CG2 . ILE A 1 65  ? 8.616   -2.418  -3.360  1.00 37.94 ? 62  ILE A CG2 1 
ATOM   541 C  CD1 . ILE A 1 65  ? 6.344   -2.084  -5.611  1.00 42.49 ? 62  ILE A CD1 1 
ATOM   542 N  N   . PRO A 1 66  ? 11.845  -3.049  -3.497  1.00 42.38 ? 63  PRO A N   1 
ATOM   543 C  CA  . PRO A 1 66  ? 12.589  -3.953  -2.651  1.00 42.47 ? 63  PRO A CA  1 
ATOM   544 C  C   . PRO A 1 66  ? 11.638  -4.855  -1.883  1.00 42.11 ? 63  PRO A C   1 
ATOM   545 O  O   . PRO A 1 66  ? 10.611  -4.389  -1.353  1.00 41.30 ? 63  PRO A O   1 
ATOM   546 C  CB  . PRO A 1 66  ? 13.275  -3.032  -1.639  1.00 42.51 ? 63  PRO A CB  1 
ATOM   547 C  CG  . PRO A 1 66  ? 13.320  -1.671  -2.336  1.00 44.79 ? 63  PRO A CG  1 
ATOM   548 C  CD  . PRO A 1 66  ? 12.052  -1.636  -3.127  1.00 41.21 ? 63  PRO A CD  1 
ATOM   549 N  N   . LYS A 1 67  ? 12.048  -6.109  -1.793  1.00 41.48 ? 64  LYS A N   1 
ATOM   550 C  CA  . LYS A 1 67  ? 11.312  -7.123  -1.121  1.00 42.88 ? 64  LYS A CA  1 
ATOM   551 C  C   . LYS A 1 67  ? 10.928  -6.667  0.283   1.00 43.22 ? 64  LYS A C   1 
ATOM   552 O  O   . LYS A 1 67  ? 9.781   -6.804  0.646   1.00 45.13 ? 64  LYS A O   1 
ATOM   553 C  CB  . LYS A 1 67  ? 12.035  -8.487  -1.140  1.00 41.44 ? 64  LYS A CB  1 
ATOM   554 C  CG  . LYS A 1 67  ? 11.193  -9.607  -0.438  1.00 41.09 ? 64  LYS A CG  1 
ATOM   555 C  CD  . LYS A 1 67  ? 11.785  -11.000 -0.649  1.00 43.09 ? 64  LYS A CD  1 
ATOM   556 C  CE  . LYS A 1 67  ? 10.852  -12.067 -0.054  1.00 45.06 ? 64  LYS A CE  1 
ATOM   557 N  NZ  . LYS A 1 67  ? 11.449  -13.407 -0.114  1.00 46.62 ? 64  LYS A NZ  1 
ATOM   558 N  N   . ALA A 1 68  ? 11.855  -6.073  1.034   1.00 42.81 ? 65  ALA A N   1 
ATOM   559 C  CA  . ALA A 1 68  ? 11.538  -5.642  2.401   1.00 43.09 ? 65  ALA A CA  1 
ATOM   560 C  C   . ALA A 1 68  ? 10.370  -4.689  2.380   1.00 42.63 ? 65  ALA A C   1 
ATOM   561 O  O   . ALA A 1 68  ? 9.509   -4.762  3.239   1.00 41.06 ? 65  ALA A O   1 
ATOM   562 C  CB  . ALA A 1 68  ? 12.720  -4.955  3.038   1.00 43.75 ? 65  ALA A CB  1 
ATOM   563 N  N   . VAL A 1 69  ? 10.366  -3.792  1.382   1.00 42.75 ? 66  VAL A N   1 
ATOM   564 C  CA  . VAL A 1 69  ? 9.285   -2.788  1.245   1.00 42.46 ? 66  VAL A CA  1 
ATOM   565 C  C   . VAL A 1 69  ? 7.950   -3.450  0.899   1.00 42.66 ? 66  VAL A C   1 
ATOM   566 O  O   . VAL A 1 69  ? 6.942   -3.214  1.565   1.00 42.04 ? 66  VAL A O   1 
ATOM   567 C  CB  . VAL A 1 69  ? 9.616   -1.687  0.209   1.00 42.07 ? 66  VAL A CB  1 
ATOM   568 C  CG1 . VAL A 1 69  ? 8.369   -0.754  0.031   1.00 42.45 ? 66  VAL A CG1 1 
ATOM   569 C  CG2 . VAL A 1 69  ? 10.852  -0.910  0.610   1.00 42.22 ? 66  VAL A CG2 1 
ATOM   570 N  N   . TYR A 1 70  ? 7.911   -4.311  -0.124  1.00 44.06 ? 67  TYR A N   1 
ATOM   571 C  CA  . TYR A 1 70  ? 6.606   -4.880  -0.432  1.00 44.31 ? 67  TYR A CA  1 
ATOM   572 C  C   . TYR A 1 70  ? 6.127   -5.918  0.595   1.00 45.03 ? 67  TYR A C   1 
ATOM   573 O  O   . TYR A 1 70  ? 4.913   -6.084  0.780   1.00 45.18 ? 67  TYR A O   1 
ATOM   574 C  CB  . TYR A 1 70  ? 6.475   -5.334  -1.910  1.00 44.67 ? 67  TYR A CB  1 
ATOM   575 C  CG  . TYR A 1 70  ? 7.263   -6.586  -2.338  1.00 44.08 ? 67  TYR A CG  1 
ATOM   576 C  CD1 . TYR A 1 70  ? 8.354   -6.489  -3.236  1.00 46.07 ? 67  TYR A CD1 1 
ATOM   577 C  CD2 . TYR A 1 70  ? 6.882   -7.831  -1.896  1.00 43.72 ? 67  TYR A CD2 1 
ATOM   578 C  CE1 . TYR A 1 70  ? 9.050   -7.649  -3.651  1.00 46.18 ? 67  TYR A CE1 1 
ATOM   579 C  CE2 . TYR A 1 70  ? 7.548   -8.983  -2.290  1.00 44.24 ? 67  TYR A CE2 1 
ATOM   580 C  CZ  . TYR A 1 70  ? 8.627   -8.885  -3.151  1.00 45.36 ? 67  TYR A CZ  1 
ATOM   581 O  OH  . TYR A 1 70  ? 9.264   -10.031 -3.477  1.00 43.45 ? 67  TYR A OH  1 
ATOM   582 N  N   . VAL A 1 71  ? 7.051   -6.649  1.236   1.00 44.68 ? 68  VAL A N   1 
ATOM   583 C  CA  . VAL A 1 71  ? 6.655   -7.541  2.356   1.00 45.36 ? 68  VAL A CA  1 
ATOM   584 C  C   . VAL A 1 71  ? 5.955   -6.741  3.480   1.00 46.45 ? 68  VAL A C   1 
ATOM   585 O  O   . VAL A 1 71  ? 4.933   -7.177  4.021   1.00 46.89 ? 68  VAL A O   1 
ATOM   586 C  CB  . VAL A 1 71  ? 7.831   -8.323  2.917   1.00 45.44 ? 68  VAL A CB  1 
ATOM   587 C  CG1 . VAL A 1 71  ? 7.514   -8.893  4.338   1.00 47.10 ? 68  VAL A CG1 1 
ATOM   588 C  CG2 . VAL A 1 71  ? 8.186   -9.470  1.961   1.00 43.25 ? 68  VAL A CG2 1 
ATOM   589 N  N   . TYR A 1 72  ? 6.507   -5.572  3.817   1.00 45.78 ? 69  TYR A N   1 
ATOM   590 C  CA  . TYR A 1 72  ? 5.871   -4.708  4.818   1.00 46.21 ? 69  TYR A CA  1 
ATOM   591 C  C   . TYR A 1 72  ? 4.467   -4.327  4.347   1.00 45.75 ? 69  TYR A C   1 
ATOM   592 O  O   . TYR A 1 72  ? 3.518   -4.401  5.116   1.00 44.46 ? 69  TYR A O   1 
ATOM   593 C  CB  . TYR A 1 72  ? 6.759   -3.463  5.083   1.00 45.61 ? 69  TYR A CB  1 
ATOM   594 C  CG  . TYR A 1 72  ? 6.185   -2.453  6.075   1.00 46.19 ? 69  TYR A CG  1 
ATOM   595 C  CD1 . TYR A 1 72  ? 6.197   -2.696  7.443   1.00 48.29 ? 69  TYR A CD1 1 
ATOM   596 C  CD2 . TYR A 1 72  ? 5.608   -1.267  5.630   1.00 43.59 ? 69  TYR A CD2 1 
ATOM   597 C  CE1 . TYR A 1 72  ? 5.644   -1.752  8.361   1.00 47.66 ? 69  TYR A CE1 1 
ATOM   598 C  CE2 . TYR A 1 72  ? 5.057   -0.338  6.527   1.00 45.89 ? 69  TYR A CE2 1 
ATOM   599 C  CZ  . TYR A 1 72  ? 5.089   -0.599  7.877   1.00 47.11 ? 69  TYR A CZ  1 
ATOM   600 O  OH  . TYR A 1 72  ? 4.523   0.311   8.726   1.00 50.61 ? 69  TYR A OH  1 
ATOM   601 N  N   . LEU A 1 73  ? 4.334   -3.948  3.069   1.00 44.96 ? 70  LEU A N   1 
ATOM   602 C  CA  . LEU A 1 73  ? 3.059   -3.426  2.545   1.00 45.86 ? 70  LEU A CA  1 
ATOM   603 C  C   . LEU A 1 73  ? 1.997   -4.541  2.428   1.00 46.53 ? 70  LEU A C   1 
ATOM   604 O  O   . LEU A 1 73  ? 0.806   -4.289  2.520   1.00 45.78 ? 70  LEU A O   1 
ATOM   605 C  CB  . LEU A 1 73  ? 3.284   -2.782  1.172   1.00 46.05 ? 70  LEU A CB  1 
ATOM   606 C  CG  . LEU A 1 73  ? 4.072   -1.449  1.143   1.00 47.68 ? 70  LEU A CG  1 
ATOM   607 C  CD1 . LEU A 1 73  ? 4.437   -1.060  -0.301  1.00 46.81 ? 70  LEU A CD1 1 
ATOM   608 C  CD2 . LEU A 1 73  ? 3.213   -0.365  1.736   1.00 50.11 ? 70  LEU A CD2 1 
ATOM   609 N  N   . VAL A 1 74  ? 2.454   -5.782  2.235   1.00 45.82 ? 71  VAL A N   1 
ATOM   610 C  CA  . VAL A 1 74  ? 1.568   -6.936  2.287   1.00 47.49 ? 71  VAL A CA  1 
ATOM   611 C  C   . VAL A 1 74  ? 1.192   -7.224  3.741   1.00 48.45 ? 71  VAL A C   1 
ATOM   612 O  O   . VAL A 1 74  ? 0.032   -7.388  4.047   1.00 48.71 ? 71  VAL A O   1 
ATOM   613 C  CB  . VAL A 1 74  ? 2.195   -8.186  1.575   1.00 45.92 ? 71  VAL A CB  1 
ATOM   614 C  CG1 . VAL A 1 74  ? 1.269   -9.447  1.744   1.00 48.92 ? 71  VAL A CG1 1 
ATOM   615 C  CG2 . VAL A 1 74  ? 2.412   -7.866  0.095   1.00 46.64 ? 71  VAL A CG2 1 
ATOM   616 N  N   . LYS A 1 75  ? 2.180   -7.265  4.634   1.00 49.93 ? 72  LYS A N   1 
ATOM   617 C  CA  . LYS A 1 75  ? 1.926   -7.543  6.051   1.00 51.43 ? 72  LYS A CA  1 
ATOM   618 C  C   . LYS A 1 75  ? 0.862   -6.584  6.562   1.00 51.32 ? 72  LYS A C   1 
ATOM   619 O  O   . LYS A 1 75  ? -0.037  -6.968  7.323   1.00 50.72 ? 72  LYS A O   1 
ATOM   620 C  CB  . LYS A 1 75  ? 3.203   -7.352  6.861   1.00 52.82 ? 72  LYS A CB  1 
ATOM   621 C  CG  . LYS A 1 75  ? 3.100   -7.735  8.340   1.00 56.62 ? 72  LYS A CG  1 
ATOM   622 C  CD  . LYS A 1 75  ? 4.073   -6.887  9.206   1.00 62.30 ? 72  LYS A CD  1 
ATOM   623 C  CE  . LYS A 1 75  ? 3.772   -7.035  10.736  1.00 61.89 ? 72  LYS A CE  1 
ATOM   624 N  NZ  . LYS A 1 75  ? 2.407   -6.507  11.113  1.00 66.48 ? 72  LYS A NZ  1 
ATOM   625 N  N   . LYS A 1 76  ? 0.978   -5.334  6.113   1.00 50.62 ? 73  LYS A N   1 
ATOM   626 C  CA  . LYS A 1 76  ? 0.102   -4.253  6.550   1.00 50.60 ? 73  LYS A CA  1 
ATOM   627 C  C   . LYS A 1 76  ? -1.209  -4.124  5.790   1.00 50.11 ? 73  LYS A C   1 
ATOM   628 O  O   . LYS A 1 76  ? -1.898  -3.111  5.934   1.00 49.58 ? 73  LYS A O   1 
ATOM   629 C  CB  . LYS A 1 76  ? 0.873   -2.919  6.519   1.00 50.09 ? 73  LYS A CB  1 
ATOM   630 C  CG  . LYS A 1 76  ? 2.019   -2.868  7.524   1.00 51.52 ? 73  LYS A CG  1 
ATOM   631 C  CD  . LYS A 1 76  ? 1.541   -2.747  8.984   1.00 51.20 ? 73  LYS A CD  1 
ATOM   632 C  CE  . LYS A 1 76  ? 2.637   -3.138  9.979   1.00 52.80 ? 73  LYS A CE  1 
ATOM   633 N  NZ  . LYS A 1 76  ? 2.211   -3.046  11.474  1.00 55.96 ? 73  LYS A NZ  1 
ATOM   634 N  N   . ASN A 1 77  ? -1.538  -5.142  4.988   1.00 49.43 ? 74  ASN A N   1 
ATOM   635 C  CA  . ASN A 1 77  ? -2.772  -5.228  4.217   1.00 49.00 ? 74  ASN A CA  1 
ATOM   636 C  C   . ASN A 1 77  ? -3.025  -4.105  3.253   1.00 48.42 ? 74  ASN A C   1 
ATOM   637 O  O   . ASN A 1 77  ? -4.175  -3.739  3.019   1.00 47.68 ? 74  ASN A O   1 
ATOM   638 C  CB  . ASN A 1 77  ? -3.984  -5.380  5.145   1.00 50.37 ? 74  ASN A CB  1 
ATOM   639 C  CG  . ASN A 1 77  ? -3.806  -6.510  6.096   1.00 52.01 ? 74  ASN A CG  1 
ATOM   640 O  OD1 . ASN A 1 77  ? -3.648  -7.661  5.683   1.00 53.65 ? 74  ASN A OD1 1 
ATOM   641 N  ND2 . ASN A 1 77  ? -3.792  -6.193  7.384   1.00 56.34 ? 74  ASN A ND2 1 
ATOM   642 N  N   . ILE A 1 78  ? -1.951  -3.558  2.694   1.00 47.69 ? 75  ILE A N   1 
ATOM   643 C  CA  . ILE A 1 78  ? -2.072  -2.534  1.664   1.00 47.67 ? 75  ILE A CA  1 
ATOM   644 C  C   . ILE A 1 78  ? -2.090  -3.201  0.294   1.00 47.49 ? 75  ILE A C   1 
ATOM   645 O  O   . ILE A 1 78  ? -2.820  -2.772  -0.596  1.00 48.62 ? 75  ILE A O   1 
ATOM   646 C  CB  . ILE A 1 78  ? -0.900  -1.474  1.727   1.00 47.40 ? 75  ILE A CB  1 
ATOM   647 C  CG1 . ILE A 1 78  ? -0.713  -0.905  3.158   1.00 50.23 ? 75  ILE A CG1 1 
ATOM   648 C  CG2 . ILE A 1 78  ? -1.129  -0.347  0.713   1.00 46.37 ? 75  ILE A CG2 1 
ATOM   649 C  CD1 . ILE A 1 78  ? -1.918  -0.192  3.749   1.00 48.66 ? 75  ILE A CD1 1 
ATOM   650 N  N   . LEU A 1 79  ? -1.257  -4.230  0.127   1.00 47.84 ? 76  LEU A N   1 
ATOM   651 C  CA  . LEU A 1 79  ? -1.030  -4.874  -1.169  1.00 47.24 ? 76  LEU A CA  1 
ATOM   652 C  C   . LEU A 1 79  ? -1.240  -6.378  -1.035  1.00 47.61 ? 76  LEU A C   1 
ATOM   653 O  O   . LEU A 1 79  ? -1.110  -6.907  0.054   1.00 46.46 ? 76  LEU A O   1 
ATOM   654 C  CB  . LEU A 1 79  ? 0.419   -4.606  -1.587  1.00 47.10 ? 76  LEU A CB  1 
ATOM   655 C  CG  . LEU A 1 79  ? 0.779   -3.405  -2.494  1.00 47.69 ? 76  LEU A CG  1 
ATOM   656 C  CD1 . LEU A 1 79  ? -0.135  -2.231  -2.511  1.00 45.98 ? 76  LEU A CD1 1 
ATOM   657 C  CD2 . LEU A 1 79  ? 2.197   -2.976  -2.312  1.00 47.53 ? 76  LEU A CD2 1 
ATOM   658 N  N   . PHE A 1 80  ? -1.574  -7.050  -2.146  1.00 48.27 ? 77  PHE A N   1 
ATOM   659 C  CA  . PHE A 1 80  ? -1.498  -8.495  -2.291  1.00 49.34 ? 77  PHE A CA  1 
ATOM   660 C  C   . PHE A 1 80  ? -0.350  -8.857  -3.190  1.00 49.42 ? 77  PHE A C   1 
ATOM   661 O  O   . PHE A 1 80  ? -0.102  -8.150  -4.154  1.00 49.25 ? 77  PHE A O   1 
ATOM   662 C  CB  . PHE A 1 80  ? -2.751  -9.064  -2.990  1.00 50.84 ? 77  PHE A CB  1 
ATOM   663 C  CG  . PHE A 1 80  ? -3.921  -9.268  -2.092  1.00 53.17 ? 77  PHE A CG  1 
ATOM   664 C  CD1 . PHE A 1 80  ? -3.781  -9.942  -0.886  1.00 54.01 ? 77  PHE A CD1 1 
ATOM   665 C  CD2 . PHE A 1 80  ? -5.192  -8.793  -2.472  1.00 55.35 ? 77  PHE A CD2 1 
ATOM   666 C  CE1 . PHE A 1 80  ? -4.902  -10.123 -0.038  1.00 57.44 ? 77  PHE A CE1 1 
ATOM   667 C  CE2 . PHE A 1 80  ? -6.329  -8.979  -1.655  1.00 56.84 ? 77  PHE A CE2 1 
ATOM   668 C  CZ  . PHE A 1 80  ? -6.189  -9.635  -0.430  1.00 56.91 ? 77  PHE A CZ  1 
ATOM   669 N  N   . LEU A 1 81  ? 0.293   -9.991  -2.896  1.00 49.09 ? 78  LEU A N   1 
ATOM   670 C  CA  . LEU A 1 81  ? 1.405   -10.535 -3.690  1.00 49.03 ? 78  LEU A CA  1 
ATOM   671 C  C   . LEU A 1 81  ? 0.964   -11.765 -4.486  1.00 49.39 ? 78  LEU A C   1 
ATOM   672 O  O   . LEU A 1 81  ? 0.287   -12.635 -3.939  1.00 47.39 ? 78  LEU A O   1 
ATOM   673 C  CB  . LEU A 1 81  ? 2.560   -10.943 -2.769  1.00 49.13 ? 78  LEU A CB  1 
ATOM   674 C  CG  . LEU A 1 81  ? 3.842   -11.563 -3.367  1.00 49.24 ? 78  LEU A CG  1 
ATOM   675 C  CD1 . LEU A 1 81  ? 4.529   -10.597 -4.374  1.00 44.76 ? 78  LEU A CD1 1 
ATOM   676 C  CD2 . LEU A 1 81  ? 4.799   -11.927 -2.245  1.00 49.20 ? 78  LEU A CD2 1 
ATOM   677 N  N   . TYR A 1 82  ? 1.347   -11.809 -5.767  1.00 50.04 ? 79  TYR A N   1 
ATOM   678 C  CA  . TYR A 1 82  ? 1.135   -12.968 -6.650  1.00 50.71 ? 79  TYR A CA  1 
ATOM   679 C  C   . TYR A 1 82  ? 2.529   -13.440 -7.046  1.00 50.99 ? 79  TYR A C   1 
ATOM   680 O  O   . TYR A 1 82  ? 3.132   -12.902 -7.977  1.00 50.44 ? 79  TYR A O   1 
ATOM   681 C  CB  . TYR A 1 82  ? 0.315   -12.571 -7.873  1.00 51.91 ? 79  TYR A CB  1 
ATOM   682 C  CG  . TYR A 1 82  ? -0.994  -11.957 -7.450  1.00 55.11 ? 79  TYR A CG  1 
ATOM   683 C  CD1 . TYR A 1 82  ? -2.136  -12.748 -7.225  1.00 56.70 ? 79  TYR A CD1 1 
ATOM   684 C  CD2 . TYR A 1 82  ? -1.076  -10.593 -7.202  1.00 54.98 ? 79  TYR A CD2 1 
ATOM   685 C  CE1 . TYR A 1 82  ? -3.333  -12.150 -6.774  1.00 57.88 ? 79  TYR A CE1 1 
ATOM   686 C  CE2 . TYR A 1 82  ? -2.230  -10.013 -6.766  1.00 57.80 ? 79  TYR A CE2 1 
ATOM   687 C  CZ  . TYR A 1 82  ? -3.354  -10.774 -6.549  1.00 57.55 ? 79  TYR A CZ  1 
ATOM   688 O  OH  . TYR A 1 82  ? -4.477  -10.106 -6.123  1.00 57.16 ? 79  TYR A OH  1 
ATOM   689 N  N   . PRO A 1 83  ? 3.091   -14.380 -6.269  1.00 51.07 ? 80  PRO A N   1 
ATOM   690 C  CA  . PRO A 1 83  ? 4.510   -14.742 -6.400  1.00 51.19 ? 80  PRO A CA  1 
ATOM   691 C  C   . PRO A 1 83  ? 4.826   -15.351 -7.757  1.00 50.96 ? 80  PRO A C   1 
ATOM   692 O  O   . PRO A 1 83  ? 5.875   -15.047 -8.327  1.00 49.56 ? 80  PRO A O   1 
ATOM   693 C  CB  . PRO A 1 83  ? 4.714   -15.772 -5.278  1.00 51.27 ? 80  PRO A CB  1 
ATOM   694 C  CG  . PRO A 1 83  ? 3.614   -15.439 -4.280  1.00 51.72 ? 80  PRO A CG  1 
ATOM   695 C  CD  . PRO A 1 83  ? 2.446   -15.116 -5.170  1.00 51.33 ? 80  PRO A CD  1 
ATOM   696 N  N   . GLN A 1 84  ? 3.885   -16.149 -8.266  1.00 50.81 ? 81  GLN A N   1 
ATOM   697 C  CA  . GLN A 1 84  ? 4.013   -16.817 -9.549  1.00 52.16 ? 81  GLN A CA  1 
ATOM   698 C  C   . GLN A 1 84  ? 4.014   -15.760 -10.645 1.00 51.19 ? 81  GLN A C   1 
ATOM   699 O  O   . GLN A 1 84  ? 4.919   -15.753 -11.452 1.00 50.27 ? 81  GLN A O   1 
ATOM   700 C  CB  . GLN A 1 84  ? 2.878   -17.839 -9.745  1.00 51.90 ? 81  GLN A CB  1 
ATOM   701 C  CG  . GLN A 1 84  ? 3.301   -19.160 -10.348 1.00 54.50 ? 81  GLN A CG  1 
ATOM   702 C  CD  . GLN A 1 84  ? 2.298   -20.303 -10.073 1.00 54.71 ? 81  GLN A CD  1 
ATOM   703 O  OE1 . GLN A 1 84  ? 1.095   -20.220 -10.405 1.00 57.97 ? 81  GLN A OE1 1 
ATOM   704 N  NE2 . GLN A 1 84  ? 2.800   -21.380 -9.472  1.00 56.14 ? 81  GLN A NE2 1 
ATOM   705 N  N   . ARG A 1 85  ? 3.035   -14.845 -10.644 1.00 50.98 ? 82  ARG A N   1 
ATOM   706 C  CA  . ARG A 1 85  ? 3.036   -13.716 -11.609 1.00 51.18 ? 82  ARG A CA  1 
ATOM   707 C  C   . ARG A 1 85  ? 4.246   -12.760 -11.450 1.00 49.97 ? 82  ARG A C   1 
ATOM   708 O  O   . ARG A 1 85  ? 4.683   -12.127 -12.415 1.00 50.15 ? 82  ARG A O   1 
ATOM   709 C  CB  . ARG A 1 85  ? 1.718   -12.910 -11.531 1.00 52.01 ? 82  ARG A CB  1 
ATOM   710 C  CG  . ARG A 1 85  ? 0.509   -13.635 -12.129 1.00 56.01 ? 82  ARG A CG  1 
ATOM   711 C  CD  . ARG A 1 85  ? -0.474  -12.640 -12.820 1.00 61.82 ? 82  ARG A CD  1 
ATOM   712 N  NE  . ARG A 1 85  ? -1.332  -11.901 -11.899 1.00 65.44 ? 82  ARG A NE  1 
ATOM   713 C  CZ  . ARG A 1 85  ? -2.510  -12.331 -11.442 1.00 68.46 ? 82  ARG A CZ  1 
ATOM   714 N  NH1 . ARG A 1 85  ? -2.980  -13.512 -11.818 1.00 68.72 ? 82  ARG A NH1 1 
ATOM   715 N  NH2 . ARG A 1 85  ? -3.222  -11.582 -10.598 1.00 67.90 ? 82  ARG A NH2 1 
ATOM   716 N  N   . GLY A 1 86  ? 4.778   -12.680 -10.231 1.00 48.52 ? 83  GLY A N   1 
ATOM   717 C  CA  . GLY A 1 86  ? 5.787   -11.690 -9.849  1.00 47.74 ? 83  GLY A CA  1 
ATOM   718 C  C   . GLY A 1 86  ? 5.198   -10.291 -9.868  1.00 46.96 ? 83  GLY A C   1 
ATOM   719 O  O   . GLY A 1 86  ? 5.824   -9.340  -10.371 1.00 47.16 ? 83  GLY A O   1 
ATOM   720 N  N   . THR A 1 87  ? 3.988   -10.162 -9.335  1.00 45.92 ? 84  THR A N   1 
ATOM   721 C  CA  . THR A 1 87  ? 3.310   -8.861  -9.324  1.00 44.96 ? 84  THR A CA  1 
ATOM   722 C  C   . THR A 1 87  ? 2.614   -8.613  -7.974  1.00 45.15 ? 84  THR A C   1 
ATOM   723 O  O   . THR A 1 87  ? 2.431   -9.539  -7.157  1.00 46.23 ? 84  THR A O   1 
ATOM   724 C  CB  . THR A 1 87  ? 2.291   -8.716  -10.495 1.00 44.30 ? 84  THR A CB  1 
ATOM   725 O  OG1 . THR A 1 87  ? 1.253   -9.684  -10.320 1.00 46.38 ? 84  THR A OG1 1 
ATOM   726 C  CG2 . THR A 1 87  ? 2.947   -8.952  -11.900 1.00 44.15 ? 84  THR A CG2 1 
ATOM   727 N  N   . LEU A 1 88  ? 2.219   -7.361  -7.758  1.00 43.39 ? 85  LEU A N   1 
ATOM   728 C  CA  . LEU A 1 88  ? 1.537   -6.953  -6.569  1.00 43.65 ? 85  LEU A CA  1 
ATOM   729 C  C   . LEU A 1 88  ? 0.325   -6.146  -7.049  1.00 43.67 ? 85  LEU A C   1 
ATOM   730 O  O   . LEU A 1 88  ? 0.369   -5.532  -8.158  1.00 43.78 ? 85  LEU A O   1 
ATOM   731 C  CB  . LEU A 1 88  ? 2.477   -6.053  -5.741  1.00 43.57 ? 85  LEU A CB  1 
ATOM   732 C  CG  . LEU A 1 88  ? 3.677   -6.688  -5.060  1.00 43.28 ? 85  LEU A CG  1 
ATOM   733 C  CD1 . LEU A 1 88  ? 4.886   -5.692  -5.095  1.00 38.84 ? 85  LEU A CD1 1 
ATOM   734 C  CD2 . LEU A 1 88  ? 3.273   -7.042  -3.607  1.00 40.98 ? 85  LEU A CD2 1 
ATOM   735 N  N   . LYS A 1 89  ? -0.746  -6.136  -6.250  1.00 43.77 ? 86  LYS A N   1 
ATOM   736 C  CA  . LYS A 1 89  ? -1.908  -5.277  -6.542  1.00 44.19 ? 86  LYS A CA  1 
ATOM   737 C  C   . LYS A 1 89  ? -2.372  -4.706  -5.214  1.00 44.31 ? 86  LYS A C   1 
ATOM   738 O  O   . LYS A 1 89  ? -2.104  -5.308  -4.192  1.00 44.40 ? 86  LYS A O   1 
ATOM   739 C  CB  . LYS A 1 89  ? -3.077  -6.083  -7.164  1.00 45.04 ? 86  LYS A CB  1 
ATOM   740 C  CG  . LYS A 1 89  ? -2.842  -6.668  -8.586  1.00 45.62 ? 86  LYS A CG  1 
ATOM   741 C  CD  . LYS A 1 89  ? -4.092  -7.498  -9.082  1.00 46.03 ? 86  LYS A CD  1 
ATOM   742 C  CE  . LYS A 1 89  ? -3.865  -8.123  -10.470 1.00 47.17 ? 86  LYS A CE  1 
ATOM   743 N  NZ  . LYS A 1 89  ? -5.042  -8.993  -10.907 1.00 49.43 ? 86  LYS A NZ  1 
ATOM   744 N  N   . PRO A 1 90  ? -3.106  -3.573  -5.219  1.00 44.65 ? 87  PRO A N   1 
ATOM   745 C  CA  . PRO A 1 90  ? -3.733  -3.117  -3.973  1.00 45.41 ? 87  PRO A CA  1 
ATOM   746 C  C   . PRO A 1 90  ? -4.707  -4.172  -3.432  1.00 45.83 ? 87  PRO A C   1 
ATOM   747 O  O   . PRO A 1 90  ? -5.236  -4.961  -4.209  1.00 44.48 ? 87  PRO A O   1 
ATOM   748 C  CB  . PRO A 1 90  ? -4.499  -1.842  -4.389  1.00 45.47 ? 87  PRO A CB  1 
ATOM   749 C  CG  . PRO A 1 90  ? -3.816  -1.377  -5.648  1.00 45.19 ? 87  PRO A CG  1 
ATOM   750 C  CD  . PRO A 1 90  ? -3.391  -2.666  -6.352  1.00 44.86 ? 87  PRO A CD  1 
ATOM   751 N  N   . GLN A 1 91  ? -4.908  -4.227  -2.115  1.00 47.48 ? 88  GLN A N   1 
ATOM   752 C  CA  . GLN A 1 91  ? -5.746  -5.303  -1.559  1.00 48.47 ? 88  GLN A CA  1 
ATOM   753 C  C   . GLN A 1 91  ? -7.190  -5.138  -1.889  1.00 48.53 ? 88  GLN A C   1 
ATOM   754 O  O   . GLN A 1 91  ? -7.948  -6.081  -1.755  1.00 48.92 ? 88  GLN A O   1 
ATOM   755 C  CB  . GLN A 1 91  ? -5.586  -5.475  -0.057  1.00 48.72 ? 88  GLN A CB  1 
ATOM   756 C  CG  . GLN A 1 91  ? -4.374  -6.275  0.265   1.00 52.77 ? 88  GLN A CG  1 
ATOM   757 C  CD  . GLN A 1 91  ? -4.500  -7.049  1.529   1.00 56.80 ? 88  GLN A CD  1 
ATOM   758 O  OE1 . GLN A 1 91  ? -5.585  -7.084  2.144   1.00 58.11 ? 88  GLN A OE1 1 
ATOM   759 N  NE2 . GLN A 1 91  ? -3.386  -7.697  1.947   1.00 55.63 ? 88  GLN A NE2 1 
ATOM   760 N  N   . SER A 1 92  ? -7.573  -3.946  -2.338  1.00 49.01 ? 89  SER A N   1 
ATOM   761 C  CA  . SER A 1 92  ? -8.955  -3.701  -2.823  1.00 49.07 ? 89  SER A CA  1 
ATOM   762 C  C   . SER A 1 92  ? -8.938  -2.470  -3.690  1.00 48.29 ? 89  SER A C   1 
ATOM   763 O  O   . SER A 1 92  ? -7.916  -1.781  -3.732  1.00 45.65 ? 89  SER A O   1 
ATOM   764 C  CB  . SER A 1 92  ? -9.946  -3.546  -1.663  1.00 49.72 ? 89  SER A CB  1 
ATOM   765 O  OG  . SER A 1 92  ? -9.893  -2.244  -1.141  1.00 51.24 ? 89  SER A OG  1 
ATOM   766 N  N   . PHE A 1 93  ? -10.031 -2.199  -4.403  1.00 47.39 ? 90  PHE A N   1 
ATOM   767 C  CA  . PHE A 1 93  ? -10.088 -0.991  -5.238  1.00 47.56 ? 90  PHE A CA  1 
ATOM   768 C  C   . PHE A 1 93  ? -10.195 0.261   -4.356  1.00 46.03 ? 90  PHE A C   1 
ATOM   769 O  O   . PHE A 1 93  ? -9.903  1.387   -4.833  1.00 46.27 ? 90  PHE A O   1 
ATOM   770 C  CB  . PHE A 1 93  ? -11.246 -1.000  -6.251  1.00 47.88 ? 90  PHE A CB  1 
ATOM   771 C  CG  . PHE A 1 93  ? -11.260 -2.192  -7.192  1.00 51.77 ? 90  PHE A CG  1 
ATOM   772 C  CD1 . PHE A 1 93  ? -10.370 -2.276  -8.284  1.00 49.88 ? 90  PHE A CD1 1 
ATOM   773 C  CD2 . PHE A 1 93  ? -12.191 -3.238  -7.000  1.00 53.52 ? 90  PHE A CD2 1 
ATOM   774 C  CE1 . PHE A 1 93  ? -10.396 -3.370  -9.169  1.00 44.63 ? 90  PHE A CE1 1 
ATOM   775 C  CE2 . PHE A 1 93  ? -12.229 -4.358  -7.907  1.00 54.39 ? 90  PHE A CE2 1 
ATOM   776 C  CZ  . PHE A 1 93  ? -11.321 -4.410  -8.983  1.00 49.78 ? 90  PHE A CZ  1 
ATOM   777 N  N   . LEU A 1 94  ? -10.643 0.087   -3.105  1.00 44.31 ? 91  LEU A N   1 
ATOM   778 C  CA  . LEU A 1 94  ? -10.677 1.207   -2.129  1.00 44.34 ? 91  LEU A CA  1 
ATOM   779 C  C   . LEU A 1 94  ? -9.245  1.623   -1.822  1.00 44.39 ? 91  LEU A C   1 
ATOM   780 O  O   . LEU A 1 94  ? -8.957  2.816   -1.727  1.00 45.06 ? 91  LEU A O   1 
ATOM   781 C  CB  . LEU A 1 94  ? -11.362 0.809   -0.800  1.00 43.76 ? 91  LEU A CB  1 
ATOM   782 C  CG  . LEU A 1 94  ? -12.787 0.219   -0.811  1.00 45.64 ? 91  LEU A CG  1 
ATOM   783 C  CD1 . LEU A 1 94  ? -13.242 -0.253  0.605   1.00 43.66 ? 91  LEU A CD1 1 
ATOM   784 C  CD2 . LEU A 1 94  ? -13.796 1.280   -1.330  1.00 44.97 ? 91  LEU A CD2 1 
ATOM   785 N  N   . VAL A 1 95  ? -8.362  0.623   -1.645  1.00 43.59 ? 92  VAL A N   1 
ATOM   786 C  CA  . VAL A 1 95  ? -6.954  0.885   -1.404  1.00 43.61 ? 92  VAL A CA  1 
ATOM   787 C  C   . VAL A 1 95  ? -6.395  1.595   -2.639  1.00 42.45 ? 92  VAL A C   1 
ATOM   788 O  O   . VAL A 1 95  ? -5.734  2.605   -2.491  1.00 43.65 ? 92  VAL A O   1 
ATOM   789 C  CB  . VAL A 1 95  ? -6.130  -0.404  -1.033  1.00 42.14 ? 92  VAL A CB  1 
ATOM   790 C  CG1 . VAL A 1 95  ? -4.659  -0.036  -0.920  1.00 44.01 ? 92  VAL A CG1 1 
ATOM   791 C  CG2 . VAL A 1 95  ? -6.646  -1.060  0.331   1.00 44.93 ? 92  VAL A CG2 1 
ATOM   792 N  N   . TRP A 1 96  ? -6.654  1.067   -3.848  1.00 41.31 ? 93  TRP A N   1 
ATOM   793 C  CA  . TRP A 1 96  ? -6.185  1.736   -5.079  1.00 42.70 ? 93  TRP A CA  1 
ATOM   794 C  C   . TRP A 1 96  ? -6.600  3.195   -5.172  1.00 42.59 ? 93  TRP A C   1 
ATOM   795 O  O   . TRP A 1 96  ? -5.773  4.098   -5.420  1.00 41.92 ? 93  TRP A O   1 
ATOM   796 C  CB  . TRP A 1 96  ? -6.644  0.977   -6.333  1.00 43.68 ? 93  TRP A CB  1 
ATOM   797 C  CG  . TRP A 1 96  ? -5.878  1.334   -7.583  1.00 43.34 ? 93  TRP A CG  1 
ATOM   798 C  CD1 . TRP A 1 96  ? -4.518  1.546   -7.704  1.00 46.25 ? 93  TRP A CD1 1 
ATOM   799 C  CD2 . TRP A 1 96  ? -6.421  1.500   -8.894  1.00 45.85 ? 93  TRP A CD2 1 
ATOM   800 N  NE1 . TRP A 1 96  ? -4.192  1.848   -9.018  1.00 43.99 ? 93  TRP A NE1 1 
ATOM   801 C  CE2 . TRP A 1 96  ? -5.333  1.826   -9.768  1.00 46.16 ? 93  TRP A CE2 1 
ATOM   802 C  CE3 . TRP A 1 96  ? -7.723  1.407   -9.423  1.00 45.98 ? 93  TRP A CE3 1 
ATOM   803 C  CZ2 . TRP A 1 96  ? -5.509  2.044   -11.151 1.00 47.48 ? 93  TRP A CZ2 1 
ATOM   804 C  CZ3 . TRP A 1 96  ? -7.903  1.656   -10.788 1.00 47.87 ? 93  TRP A CZ3 1 
ATOM   805 C  CH2 . TRP A 1 96  ? -6.800  1.970   -11.636 1.00 46.52 ? 93  TRP A CH2 1 
ATOM   806 N  N   . ASN A 1 97  ? -7.905  3.430   -5.011  1.00 43.43 ? 94  ASN A N   1 
ATOM   807 C  CA  . ASN A 1 97  ? -8.412  4.776   -5.064  1.00 43.83 ? 94  ASN A CA  1 
ATOM   808 C  C   . ASN A 1 97  ? -7.692  5.661   -4.035  1.00 44.60 ? 94  ASN A C   1 
ATOM   809 O  O   . ASN A 1 97  ? -7.325  6.789   -4.325  1.00 43.96 ? 94  ASN A O   1 
ATOM   810 C  CB  . ASN A 1 97  ? -9.914  4.801   -4.793  1.00 44.74 ? 94  ASN A CB  1 
ATOM   811 C  CG  . ASN A 1 97  ? -10.467 6.214   -4.837  1.00 46.80 ? 94  ASN A CG  1 
ATOM   812 O  OD1 . ASN A 1 97  ? -10.488 6.854   -5.903  1.00 42.83 ? 94  ASN A OD1 1 
ATOM   813 N  ND2 . ASN A 1 97  ? -10.825 6.749   -3.649  1.00 42.76 ? 94  ASN A ND2 1 
ATOM   814 N  N   . ALA A 1 98  ? -7.525  5.164   -2.812  1.00 45.24 ? 95  ALA A N   1 
ATOM   815 C  CA  . ALA A 1 98  ? -6.869  5.962   -1.774  1.00 45.50 ? 95  ALA A CA  1 
ATOM   816 C  C   . ALA A 1 98  ? -5.427  6.354   -2.204  1.00 45.98 ? 95  ALA A C   1 
ATOM   817 O  O   . ALA A 1 98  ? -5.005  7.524   -2.109  1.00 46.75 ? 95  ALA A O   1 
ATOM   818 C  CB  . ALA A 1 98  ? -6.900  5.178   -0.473  1.00 44.61 ? 95  ALA A CB  1 
ATOM   819 N  N   . ILE A 1 99  ? -4.656  5.392   -2.702  1.00 46.41 ? 96  ILE A N   1 
ATOM   820 C  CA  . ILE A 1 99  ? -3.330  5.711   -3.218  1.00 46.52 ? 96  ILE A CA  1 
ATOM   821 C  C   . ILE A 1 99  ? -3.368  6.871   -4.256  1.00 48.18 ? 96  ILE A C   1 
ATOM   822 O  O   . ILE A 1 99  ? -2.569  7.834   -4.201  1.00 47.98 ? 96  ILE A O   1 
ATOM   823 C  CB  . ILE A 1 99  ? -2.646  4.455   -3.847  1.00 46.46 ? 96  ILE A CB  1 
ATOM   824 C  CG1 . ILE A 1 99  ? -2.295  3.436   -2.761  1.00 45.16 ? 96  ILE A CG1 1 
ATOM   825 C  CG2 . ILE A 1 99  ? -1.394  4.851   -4.708  1.00 46.02 ? 96  ILE A CG2 1 
ATOM   826 C  CD1 . ILE A 1 99  ? -2.061  2.005   -3.331  1.00 45.02 ? 96  ILE A CD1 1 
ATOM   827 N  N   . LYS A 1 100 ? -4.290  6.775   -5.203  1.00 49.96 ? 97  LYS A N   1 
ATOM   828 C  CA  . LYS A 1 100 ? -4.412  7.760   -6.289  1.00 51.30 ? 97  LYS A CA  1 
ATOM   829 C  C   . LYS A 1 100 ? -4.861  9.145   -5.768  1.00 50.99 ? 97  LYS A C   1 
ATOM   830 O  O   . LYS A 1 100 ? -4.532  10.174  -6.348  1.00 49.98 ? 97  LYS A O   1 
ATOM   831 C  CB  . LYS A 1 100 ? -5.434  7.272   -7.332  1.00 51.36 ? 97  LYS A CB  1 
ATOM   832 C  CG  . LYS A 1 100 ? -5.068  5.949   -8.055  1.00 53.51 ? 97  LYS A CG  1 
ATOM   833 C  CD  . LYS A 1 100 ? -6.248  5.409   -8.904  1.00 52.92 ? 97  LYS A CD  1 
ATOM   834 C  CE  . LYS A 1 100 ? -6.245  5.987   -10.313 1.00 60.97 ? 97  LYS A CE  1 
ATOM   835 N  NZ  . LYS A 1 100 ? -7.044  5.156   -11.281 1.00 64.17 ? 97  LYS A NZ  1 
ATOM   836 N  N   . ARG A 1 101 ? -5.640  9.145   -4.693  1.00 50.69 ? 98  ARG A N   1 
ATOM   837 C  CA  . ARG A 1 101 ? -6.120  10.390  -4.097  1.00 51.97 ? 98  ARG A CA  1 
ATOM   838 C  C   . ARG A 1 101 ? -5.104  11.026  -3.152  1.00 50.81 ? 98  ARG A C   1 
ATOM   839 O  O   . ARG A 1 101 ? -5.082  12.223  -3.003  1.00 51.36 ? 98  ARG A O   1 
ATOM   840 C  CB  . ARG A 1 101 ? -7.417  10.139  -3.323  1.00 52.10 ? 98  ARG A CB  1 
ATOM   841 C  CG  . ARG A 1 101 ? -8.672  10.709  -3.973  1.00 57.95 ? 98  ARG A CG  1 
ATOM   842 C  CD  . ARG A 1 101 ? -9.157  9.902   -5.142  1.00 64.56 ? 98  ARG A CD  1 
ATOM   843 N  NE  . ARG A 1 101 ? -8.563  10.334  -6.403  1.00 69.09 ? 98  ARG A NE  1 
ATOM   844 C  CZ  . ARG A 1 101 ? -8.565  9.620   -7.543  1.00 72.44 ? 98  ARG A CZ  1 
ATOM   845 N  NH1 . ARG A 1 101 ? -7.981  10.124  -8.633  1.00 72.46 ? 98  ARG A NH1 1 
ATOM   846 N  NH2 . ARG A 1 101 ? -9.118  8.397   -7.600  1.00 72.33 ? 98  ARG A NH2 1 
ATOM   847 N  N   . VAL A 1 102 ? -4.273  10.214  -2.511  1.00 50.36 ? 99  VAL A N   1 
ATOM   848 C  CA  . VAL A 1 102 ? -3.415  10.676  -1.399  1.00 49.86 ? 99  VAL A CA  1 
ATOM   849 C  C   . VAL A 1 102 ? -1.971  10.895  -1.874  1.00 49.74 ? 99  VAL A C   1 
ATOM   850 O  O   . VAL A 1 102 ? -1.336  11.848  -1.460  1.00 48.30 ? 99  VAL A O   1 
ATOM   851 C  CB  . VAL A 1 102 ? -3.476  9.691   -0.177  1.00 48.98 ? 99  VAL A CB  1 
ATOM   852 C  CG1 . VAL A 1 102 ? -2.494  10.047  0.932   1.00 49.59 ? 99  VAL A CG1 1 
ATOM   853 C  CG2 . VAL A 1 102 ? -4.883  9.621   0.376   1.00 48.99 ? 99  VAL A CG2 1 
ATOM   854 N  N   . LEU A 1 103 ? -1.462  10.043  -2.763  1.00 51.37 ? 100 LEU A N   1 
ATOM   855 C  CA  . LEU A 1 103 ? -0.058  10.160  -3.204  1.00 53.15 ? 100 LEU A CA  1 
ATOM   856 C  C   . LEU A 1 103 ? 0.122   10.893  -4.515  1.00 54.34 ? 100 LEU A C   1 
ATOM   857 O  O   . LEU A 1 103 ? 1.262   11.108  -5.010  1.00 55.13 ? 100 LEU A O   1 
ATOM   858 C  CB  . LEU A 1 103 ? 0.587   8.770   -3.307  1.00 53.61 ? 100 LEU A CB  1 
ATOM   859 C  CG  . LEU A 1 103 ? 0.798   8.176   -1.913  1.00 57.15 ? 100 LEU A CG  1 
ATOM   860 C  CD1 . LEU A 1 103 ? -0.491  8.044   -1.205  1.00 60.13 ? 100 LEU A CD1 1 
ATOM   861 C  CD2 . LEU A 1 103 ? 1.345   6.829   -2.070  1.00 57.59 ? 100 LEU A CD2 1 
ATOM   862 O  OXT . LEU A 1 103 ? -0.873  11.247  -5.127  1.00 55.36 ? 100 LEU A OXT 1 
HETATM 863 C  C   . FMT B 2 .   ? 4.409   -3.290  -14.251 1.00 55.68 ? 101 FMT A C   1 
HETATM 864 O  O1  . FMT B 2 .   ? 4.998   -3.061  -13.192 1.00 54.57 ? 101 FMT A O1  1 
HETATM 865 O  O2  . FMT B 2 .   ? 3.519   -4.122  -14.376 1.00 56.90 ? 101 FMT A O2  1 
HETATM 866 O  O   . HOH C 3 .   ? -28.266 8.263   0.253   1.00 41.65 ? 102 HOH A O   1 
HETATM 867 O  O   . HOH C 3 .   ? -3.123  12.651  -4.970  1.00 55.50 ? 103 HOH A O   1 
HETATM 868 O  O   . HOH C 3 .   ? 0.761   -15.814 -8.749  1.00 49.33 ? 104 HOH A O   1 
HETATM 869 O  O   . HOH C 3 .   ? 12.839  -6.694  -6.098  1.00 38.59 ? 105 HOH A O   1 
HETATM 870 O  O   . HOH C 3 .   ? 12.264  3.928   14.042  1.00 58.13 ? 106 HOH A O   1 
HETATM 871 O  O   . HOH C 3 .   ? -10.557 5.157   -1.270  1.00 36.40 ? 107 HOH A O   1 
HETATM 872 O  O   . HOH C 3 .   ? 10.588  1.530   -2.828  1.00 36.64 ? 108 HOH A O   1 
HETATM 873 O  O   . HOH C 3 .   ? -5.212  0.565   4.524   1.00 50.19 ? 109 HOH A O   1 
HETATM 874 O  O   . HOH C 3 .   ? 2.136   10.952  4.697   1.00 31.49 ? 110 HOH A O   1 
HETATM 875 O  O   . HOH C 3 .   ? -13.263 1.515   3.882   1.00 39.65 ? 111 HOH A O   1 
HETATM 876 O  O   . HOH C 3 .   ? 3.401   9.735   13.792  1.00 38.76 ? 112 HOH A O   1 
HETATM 877 O  O   . HOH C 3 .   ? 8.476   -8.779  -11.154 1.00 41.28 ? 113 HOH A O   1 
HETATM 878 O  O   . HOH C 3 .   ? 5.436   8.151   13.597  1.00 37.06 ? 114 HOH A O   1 
HETATM 879 O  O   . HOH C 3 .   ? 10.208  1.246   -5.439  1.00 44.70 ? 115 HOH A O   1 
HETATM 880 O  O   . HOH C 3 .   ? 10.661  6.536   8.072   1.00 45.60 ? 116 HOH A O   1 
HETATM 881 O  O   . HOH C 3 .   ? -29.255 3.100   -4.731  1.00 48.49 ? 117 HOH A O   1 
HETATM 882 O  O   . HOH C 3 .   ? 3.759   2.547   -12.397 1.00 43.62 ? 118 HOH A O   1 
HETATM 883 O  O   . HOH C 3 .   ? 10.303  3.652   -7.387  1.00 64.10 ? 119 HOH A O   1 
HETATM 884 O  O   . HOH C 3 .   ? 12.199  -9.157  -6.845  1.00 39.17 ? 120 HOH A O   1 
HETATM 885 O  O   . HOH C 3 .   ? 2.782   2.647   9.214   1.00 41.52 ? 121 HOH A O   1 
HETATM 886 O  O   . HOH C 3 .   ? 9.452   13.195  10.028  1.00 39.55 ? 122 HOH A O   1 
HETATM 887 O  O   . HOH C 3 .   ? -11.963 -4.675  -4.061  1.00 50.88 ? 123 HOH A O   1 
HETATM 888 O  O   . HOH C 3 .   ? -10.179 -2.322  1.290   1.00 43.33 ? 124 HOH A O   1 
HETATM 889 O  O   . HOH C 3 .   ? 7.646   -1.615  -16.577 1.00 41.70 ? 125 HOH A O   1 
HETATM 890 O  O   . HOH C 3 .   ? -3.171  11.003  9.167   1.00 47.51 ? 126 HOH A O   1 
HETATM 891 O  O   . HOH C 3 .   ? 7.789   5.745   -7.551  1.00 44.08 ? 127 HOH A O   1 
HETATM 892 O  O   . HOH C 3 .   ? 5.857   1.210   -13.005 1.00 48.27 ? 128 HOH A O   1 
HETATM 893 O  O   . HOH C 3 .   ? 18.472  -2.841  7.746   1.00 43.44 ? 129 HOH A O   1 
HETATM 894 O  O   . HOH C 3 .   ? 5.166   -0.039  11.335  1.00 51.62 ? 130 HOH A O   1 
HETATM 895 O  O   . HOH C 3 .   ? 9.173   -1.919  13.290  1.00 50.18 ? 131 HOH A O   1 
HETATM 896 O  O   . HOH C 3 .   ? 7.312   -4.238  10.448  1.00 59.00 ? 132 HOH A O   1 
HETATM 897 O  O   . HOH C 3 .   ? 2.642   11.753  12.236  1.00 42.77 ? 133 HOH A O   1 
HETATM 898 O  O   . HOH C 3 .   ? -4.356  2.434   8.971   1.00 46.50 ? 134 HOH A O   1 
HETATM 899 O  O   . HOH C 3 .   ? -4.302  13.113  8.395   1.00 53.36 ? 135 HOH A O   1 
HETATM 900 O  O   . HOH C 3 .   ? -14.483 6.506   8.805   1.00 63.70 ? 136 HOH A O   1 
HETATM 901 O  O   . HOH C 3 .   ? -11.220 10.907  3.857   1.00 58.89 ? 137 HOH A O   1 
HETATM 902 O  O   . HOH C 3 .   ? -10.658 -0.172  3.488   1.00 43.14 ? 138 HOH A O   1 
HETATM 903 O  O   . HOH C 3 .   ? 13.614  -11.744 11.192  1.00 56.35 ? 139 HOH A O   1 
HETATM 904 O  O   . HOH C 3 .   ? 16.681  -1.141  3.632   1.00 44.58 ? 140 HOH A O   1 
HETATM 905 O  O   . HOH C 3 .   ? -13.065 11.004  6.207   1.00 53.54 ? 141 HOH A O   1 
HETATM 906 O  O   . HOH C 3 .   ? -16.163 7.411   5.495   1.00 40.41 ? 142 HOH A O   1 
HETATM 907 O  O   . HOH C 3 .   ? -2.357  14.133  -0.425  1.00 50.53 ? 143 HOH A O   1 
HETATM 908 O  O   . HOH C 3 .   ? -0.257  -11.657 -0.439  1.00 45.22 ? 144 HOH A O   1 
HETATM 909 O  O   . HOH C 3 .   ? -12.540 9.108   -3.526  1.00 48.30 ? 145 HOH A O   1 
HETATM 910 O  O   . HOH C 3 .   ? -2.474  -1.084  7.783   1.00 54.29 ? 146 HOH A O   1 
HETATM 911 O  O   . HOH C 3 .   ? -11.603 11.841  -3.162  1.00 53.11 ? 147 HOH A O   1 
HETATM 912 O  O   . HOH C 3 .   ? -1.667  -11.376 2.011   1.00 46.44 ? 148 HOH A O   1 
HETATM 913 O  O   . HOH C 3 .   ? 16.543  3.518   7.360   1.00 66.92 ? 149 HOH A O   1 
HETATM 914 O  O   . HOH C 3 .   ? 7.378   -8.737  9.083   1.00 55.50 ? 150 HOH A O   1 
HETATM 915 O  O   . HOH C 3 .   ? -4.654  14.566  0.714   1.00 59.64 ? 151 HOH A O   1 
HETATM 916 O  O   . HOH C 3 .   ? -8.846  11.994  5.262   1.00 54.53 ? 152 HOH A O   1 
# 
